data_2VJQ
#
_entry.id   2VJQ
#
_cell.length_a   214.155
_cell.length_b   98.917
_cell.length_c   152.527
_cell.angle_alpha   90.00
_cell.angle_beta   135.27
_cell.angle_gamma   90.00
#
_symmetry.space_group_name_H-M   'C 1 2 1'
#
loop_
_entity.id
_entity.type
_entity.pdbx_description
1 polymer 'FORMYL-COENZYME A TRANSFERASE'
2 non-polymer '4-(2-HYDROXYETHYL)-1-PIPERAZINE ETHANESULFONIC ACID'
3 water water
#
_entity_poly.entity_id   1
_entity_poly.type   'polypeptide(L)'
_entity_poly.pdbx_seq_one_letter_code
;MTKPLDGINVLDFTHVQAGPACTQMMGFLGANVIKIERRGSGDMTRGQLQDKPNVDSLYFTMFNCNKRSIELDMKTPEGK
ELLEQMIKKADVMVENFGPGALDRMGFTWEYIQELNPRVILASVKGYAEGHANEHLKVYENVAQCSGGAAATTGFWDGPP
TVSGAALGDSNSGMHLMIGILAALEIRHKTGRGQKVAVAMQDAVLNLVRIKLRDQQRLERTGILAEYPQAQPNFAFDRDG
NPLSFDNITSVPRGGNAGGGGQPGWMLKCKGWETDADSYVYFTIAANMWPQICDMIDKPEWKDDPAYNTFEGRVDKLMDI
FSFIETKFADKDKFEVTEWAAQYGIPCGPVMSMKELAHDPSLQKVGTVVEVVDEIRGNHLTVGAPFKFSGFQPEITRAPL
LGEHTDEVLKELGLDDAKIKELHAKQVV
;
_entity_poly.pdbx_strand_id   A,B,C,D
#
loop_
_chem_comp.id
_chem_comp.type
_chem_comp.name
_chem_comp.formula
EPE non-polymer '4-(2-HYDROXYETHYL)-1-PIPERAZINE ETHANESULFONIC ACID' 'C8 H18 N2 O4 S'
#
# COMPACT_ATOMS: atom_id res chain seq x y z
N THR A 2 -8.71 30.27 -39.06
CA THR A 2 -8.49 28.82 -38.81
C THR A 2 -8.89 28.43 -37.38
N LYS A 3 -9.22 27.16 -37.19
CA LYS A 3 -9.57 26.61 -35.89
C LYS A 3 -8.46 25.69 -35.39
N PRO A 4 -8.36 25.52 -34.05
CA PRO A 4 -7.28 24.77 -33.43
C PRO A 4 -7.01 23.38 -34.01
N LEU A 5 -8.08 22.62 -34.26
CA LEU A 5 -7.94 21.23 -34.71
C LEU A 5 -8.23 21.06 -36.21
N ASP A 6 -8.26 22.16 -36.95
CA ASP A 6 -8.36 22.06 -38.40
C ASP A 6 -7.26 21.13 -38.92
N GLY A 7 -7.67 20.10 -39.66
CA GLY A 7 -6.73 19.16 -40.28
C GLY A 7 -6.36 17.97 -39.42
N ILE A 8 -6.96 17.87 -38.23
CA ILE A 8 -6.76 16.72 -37.36
C ILE A 8 -7.82 15.71 -37.69
N ASN A 9 -7.39 14.53 -38.14
CA ASN A 9 -8.31 13.47 -38.51
CA ASN A 9 -8.31 13.46 -38.51
C ASN A 9 -8.55 12.53 -37.33
N VAL A 10 -9.81 12.40 -36.93
CA VAL A 10 -10.17 11.58 -35.80
C VAL A 10 -10.96 10.39 -36.29
N LEU A 11 -10.42 9.20 -36.01
CA LEU A 11 -11.12 7.94 -36.25
C LEU A 11 -11.87 7.61 -34.97
N ASP A 12 -13.20 7.76 -35.03
CA ASP A 12 -14.05 7.83 -33.84
C ASP A 12 -14.92 6.58 -33.70
N PHE A 13 -14.50 5.67 -32.83
CA PHE A 13 -15.23 4.44 -32.53
C PHE A 13 -16.28 4.62 -31.43
N THR A 14 -16.38 5.82 -30.86
CA THR A 14 -17.12 6.01 -29.61
C THR A 14 -18.64 5.96 -29.76
N HIS A 15 -19.31 5.62 -28.66
CA HIS A 15 -20.76 5.60 -28.58
C HIS A 15 -21.20 5.89 -27.13
N VAL A 16 -22.50 6.08 -26.96
CA VAL A 16 -23.09 6.55 -25.69
C VAL A 16 -22.73 8.04 -25.43
N GLN A 17 -22.11 8.39 -24.29
CA GLN A 17 -21.93 9.81 -23.92
C GLN A 17 -20.47 10.26 -23.77
N ALA A 18 -19.67 9.52 -23.02
CA ALA A 18 -18.32 9.97 -22.66
C ALA A 18 -17.42 10.19 -23.86
N GLY A 19 -17.20 9.12 -24.63
CA GLY A 19 -16.42 9.18 -25.86
C GLY A 19 -16.97 10.19 -26.88
N PRO A 20 -18.25 10.06 -27.25
CA PRO A 20 -18.89 11.00 -28.18
C PRO A 20 -18.81 12.47 -27.76
N ALA A 21 -18.92 12.77 -26.47
CA ALA A 21 -18.73 14.14 -25.99
C ALA A 21 -17.33 14.64 -26.31
N CYS A 22 -16.33 13.81 -26.05
CA CYS A 22 -14.96 14.16 -26.38
C CYS A 22 -14.81 14.50 -27.86
N THR A 23 -15.23 13.58 -28.74
CA THR A 23 -15.03 13.76 -30.18
C THR A 23 -15.89 14.88 -30.77
N GLN A 24 -17.09 15.10 -30.23
CA GLN A 24 -17.91 16.24 -30.63
C GLN A 24 -17.19 17.56 -30.38
N MET A 25 -16.62 17.69 -29.19
CA MET A 25 -15.99 18.93 -28.79
C MET A 25 -14.73 19.20 -29.61
N MET A 26 -13.97 18.14 -29.90
CA MET A 26 -12.90 18.18 -30.91
C MET A 26 -13.42 18.67 -32.28
N GLY A 27 -14.56 18.15 -32.69
CA GLY A 27 -15.23 18.60 -33.92
C GLY A 27 -15.60 20.06 -33.89
N PHE A 28 -16.12 20.53 -32.75
CA PHE A 28 -16.41 21.95 -32.58
C PHE A 28 -15.17 22.83 -32.75
N LEU A 29 -14.01 22.32 -32.34
CA LEU A 29 -12.73 23.04 -32.49
C LEU A 29 -12.04 22.76 -33.83
N GLY A 30 -12.75 22.13 -34.77
CA GLY A 30 -12.29 22.01 -36.16
C GLY A 30 -11.88 20.62 -36.64
N ALA A 31 -11.85 19.64 -35.75
CA ALA A 31 -11.39 18.30 -36.13
C ALA A 31 -12.31 17.66 -37.15
N ASN A 32 -11.70 16.86 -38.02
CA ASN A 32 -12.40 16.00 -38.99
C ASN A 32 -12.71 14.68 -38.30
N VAL A 33 -13.95 14.56 -37.81
CA VAL A 33 -14.38 13.41 -37.03
C VAL A 33 -15.16 12.43 -37.90
N ILE A 34 -14.61 11.23 -38.04
CA ILE A 34 -15.22 10.15 -38.78
C ILE A 34 -15.72 9.14 -37.77
N LYS A 35 -17.03 9.08 -37.60
CA LYS A 35 -17.66 8.20 -36.63
C LYS A 35 -17.93 6.82 -37.25
N ILE A 36 -17.20 5.81 -36.77
CA ILE A 36 -17.42 4.42 -37.18
C ILE A 36 -18.58 3.86 -36.37
N GLU A 37 -19.63 3.47 -37.07
CA GLU A 37 -20.82 2.90 -36.43
C GLU A 37 -21.07 1.48 -36.91
N ARG A 38 -21.55 0.64 -36.00
CA ARG A 38 -21.87 -0.74 -36.31
C ARG A 38 -22.97 -0.77 -37.37
N ARG A 39 -22.70 -1.48 -38.46
CA ARG A 39 -23.61 -1.57 -39.59
C ARG A 39 -24.99 -2.03 -39.15
N GLY A 40 -26.02 -1.29 -39.56
CA GLY A 40 -27.41 -1.67 -39.29
C GLY A 40 -28.06 -1.12 -38.03
N SER A 41 -27.26 -0.65 -37.08
CA SER A 41 -27.80 -0.20 -35.78
C SER A 41 -27.19 1.13 -35.33
N GLY A 42 -25.86 1.20 -35.37
CA GLY A 42 -25.13 2.38 -35.00
C GLY A 42 -25.23 2.68 -33.51
N ASP A 43 -24.87 3.90 -33.16
CA ASP A 43 -24.81 4.34 -31.75
C ASP A 43 -26.16 4.16 -31.07
N MET A 44 -26.14 3.50 -29.91
CA MET A 44 -27.38 3.22 -29.17
CA MET A 44 -27.37 3.22 -29.15
C MET A 44 -28.17 4.48 -28.80
N THR A 45 -27.49 5.62 -28.68
CA THR A 45 -28.18 6.87 -28.34
C THR A 45 -29.22 7.27 -29.40
N ARG A 46 -29.03 6.84 -30.64
CA ARG A 46 -29.98 7.16 -31.74
C ARG A 46 -31.42 6.79 -31.37
N GLY A 47 -31.60 5.63 -30.74
CA GLY A 47 -32.92 5.12 -30.42
C GLY A 47 -33.29 5.24 -28.95
N GLN A 48 -32.45 5.93 -28.17
CA GLN A 48 -32.71 6.09 -26.74
C GLN A 48 -33.52 7.37 -26.50
N LEU A 49 -34.70 7.20 -25.94
CA LEU A 49 -35.61 8.30 -25.55
C LEU A 49 -35.88 9.32 -26.67
N GLN A 50 -36.23 8.79 -27.83
CA GLN A 50 -36.64 9.62 -28.96
C GLN A 50 -37.86 10.43 -28.60
N ASP A 51 -37.93 11.64 -29.13
CA ASP A 51 -39.10 12.51 -28.93
C ASP A 51 -40.07 12.42 -30.11
N LYS A 52 -39.58 11.94 -31.25
CA LYS A 52 -40.39 11.65 -32.43
C LYS A 52 -40.03 10.27 -32.99
N PRO A 53 -41.05 9.42 -33.25
CA PRO A 53 -40.78 8.05 -33.73
C PRO A 53 -39.90 7.96 -35.00
N ASN A 54 -38.92 7.07 -34.97
CA ASN A 54 -37.98 6.86 -36.09
C ASN A 54 -37.12 8.08 -36.44
N VAL A 55 -36.97 9.01 -35.50
CA VAL A 55 -36.08 10.15 -35.68
C VAL A 55 -35.02 10.05 -34.60
N ASP A 56 -33.76 10.27 -34.98
CA ASP A 56 -32.64 10.16 -34.04
C ASP A 56 -32.94 11.07 -32.87
N SER A 57 -32.73 10.54 -31.67
CA SER A 57 -33.06 11.27 -30.45
C SER A 57 -32.17 12.48 -30.22
N LEU A 58 -32.61 13.34 -29.31
CA LEU A 58 -31.82 14.48 -28.86
C LEU A 58 -30.56 14.01 -28.11
N TYR A 59 -30.63 12.83 -27.49
CA TYR A 59 -29.45 12.23 -26.87
C TYR A 59 -28.37 12.11 -27.93
N PHE A 60 -28.74 11.53 -29.08
CA PHE A 60 -27.78 11.40 -30.18
C PHE A 60 -27.36 12.74 -30.78
N THR A 61 -28.33 13.59 -31.13
CA THR A 61 -27.99 14.80 -31.88
C THR A 61 -27.15 15.79 -31.06
N MET A 62 -27.38 15.86 -29.75
CA MET A 62 -26.64 16.81 -28.91
C MET A 62 -25.25 16.33 -28.53
N PHE A 63 -24.92 15.09 -28.87
CA PHE A 63 -23.58 14.53 -28.67
C PHE A 63 -22.85 14.18 -29.97
N ASN A 64 -23.49 14.40 -31.13
CA ASN A 64 -22.89 13.95 -32.40
C ASN A 64 -22.96 14.95 -33.56
N CYS A 65 -23.10 16.23 -33.25
CA CYS A 65 -22.87 17.29 -34.23
C CYS A 65 -21.39 17.33 -34.63
N ASN A 66 -21.13 17.88 -35.81
CA ASN A 66 -19.77 18.04 -36.33
C ASN A 66 -19.05 16.70 -36.47
N LYS A 67 -19.80 15.68 -36.89
CA LYS A 67 -19.26 14.35 -37.21
C LYS A 67 -19.87 13.83 -38.52
N ARG A 68 -19.13 12.94 -39.17
CA ARG A 68 -19.67 12.15 -40.28
C ARG A 68 -19.77 10.67 -39.89
N SER A 69 -20.80 10.00 -40.41
CA SER A 69 -21.09 8.61 -40.07
C SER A 69 -20.74 7.68 -41.23
N ILE A 70 -19.95 6.66 -40.95
CA ILE A 70 -19.74 5.54 -41.86
C ILE A 70 -20.16 4.27 -41.11
N GLU A 71 -20.93 3.42 -41.79
CA GLU A 71 -21.25 2.10 -41.26
C GLU A 71 -20.14 1.13 -41.65
N LEU A 72 -19.82 0.23 -40.74
CA LEU A 72 -18.75 -0.71 -40.95
C LEU A 72 -19.01 -1.97 -40.13
N ASP A 73 -18.91 -3.14 -40.79
CA ASP A 73 -18.88 -4.40 -40.08
C ASP A 73 -17.41 -4.71 -39.85
N MET A 74 -16.97 -4.54 -38.60
CA MET A 74 -15.55 -4.64 -38.23
C MET A 74 -15.09 -6.09 -38.02
N LYS A 75 -16.06 -7.01 -37.92
CA LYS A 75 -15.78 -8.45 -37.83
C LYS A 75 -15.31 -9.07 -39.16
N THR A 76 -15.54 -8.39 -40.29
CA THR A 76 -15.16 -8.92 -41.60
C THR A 76 -13.71 -8.57 -41.94
N PRO A 77 -13.03 -9.45 -42.72
CA PRO A 77 -11.68 -9.12 -43.22
C PRO A 77 -11.62 -7.81 -44.00
N GLU A 78 -12.67 -7.52 -44.77
CA GLU A 78 -12.74 -6.27 -45.53
C GLU A 78 -12.88 -5.06 -44.59
N GLY A 79 -13.67 -5.24 -43.53
CA GLY A 79 -13.83 -4.21 -42.51
C GLY A 79 -12.52 -3.88 -41.81
N LYS A 80 -11.80 -4.91 -41.37
CA LYS A 80 -10.49 -4.74 -40.75
C LYS A 80 -9.49 -4.09 -41.71
N GLU A 81 -9.57 -4.46 -42.99
CA GLU A 81 -8.71 -3.86 -44.02
C GLU A 81 -9.00 -2.37 -44.19
N LEU A 82 -10.28 -2.00 -44.16
CA LEU A 82 -10.67 -0.58 -44.24
C LEU A 82 -10.14 0.20 -43.03
N LEU A 83 -10.28 -0.37 -41.83
CA LEU A 83 -9.77 0.26 -40.61
C LEU A 83 -8.27 0.54 -40.71
N GLU A 84 -7.52 -0.42 -41.25
CA GLU A 84 -6.08 -0.25 -41.43
C GLU A 84 -5.74 0.96 -42.31
N GLN A 85 -6.50 1.16 -43.39
CA GLN A 85 -6.29 2.31 -44.27
C GLN A 85 -6.66 3.62 -43.57
N MET A 86 -7.75 3.58 -42.81
CA MET A 86 -8.21 4.75 -42.06
C MET A 86 -7.27 5.10 -40.89
N ILE A 87 -6.72 4.08 -40.25
CA ILE A 87 -5.73 4.28 -39.20
C ILE A 87 -4.48 5.00 -39.74
N LYS A 88 -4.10 4.69 -40.99
CA LYS A 88 -2.97 5.36 -41.64
C LYS A 88 -3.19 6.84 -41.95
N LYS A 89 -4.45 7.25 -42.10
CA LYS A 89 -4.76 8.66 -42.33
C LYS A 89 -5.16 9.41 -41.04
N ALA A 90 -5.31 8.68 -39.93
CA ALA A 90 -5.78 9.26 -38.67
C ALA A 90 -4.66 9.90 -37.85
N ASP A 91 -5.03 10.97 -37.14
CA ASP A 91 -4.19 11.58 -36.11
C ASP A 91 -4.54 11.04 -34.73
N VAL A 92 -5.83 10.79 -34.50
CA VAL A 92 -6.30 10.26 -33.24
C VAL A 92 -7.36 9.18 -33.45
N MET A 93 -7.24 8.09 -32.70
CA MET A 93 -8.28 7.09 -32.61
C MET A 93 -8.91 7.20 -31.21
N VAL A 94 -10.23 7.27 -31.15
CA VAL A 94 -10.93 7.36 -29.87
C VAL A 94 -11.90 6.20 -29.72
N GLU A 95 -11.86 5.54 -28.57
CA GLU A 95 -12.77 4.43 -28.30
C GLU A 95 -13.20 4.36 -26.85
N ASN A 96 -14.35 3.73 -26.63
CA ASN A 96 -14.85 3.44 -25.30
C ASN A 96 -15.43 2.03 -25.22
N PHE A 97 -14.83 1.09 -25.96
CA PHE A 97 -15.21 -0.31 -25.90
C PHE A 97 -14.71 -0.88 -24.56
N GLY A 98 -15.16 -2.07 -24.22
CA GLY A 98 -14.64 -2.74 -23.02
C GLY A 98 -13.14 -2.95 -23.07
N PRO A 99 -12.52 -3.21 -21.91
CA PRO A 99 -11.08 -3.51 -21.87
C PRO A 99 -10.70 -4.70 -22.76
N GLY A 100 -9.69 -4.50 -23.61
CA GLY A 100 -9.22 -5.56 -24.50
C GLY A 100 -9.99 -5.67 -25.81
N ALA A 101 -11.21 -5.11 -25.85
CA ALA A 101 -12.08 -5.21 -27.02
C ALA A 101 -11.39 -4.84 -28.32
N LEU A 102 -10.63 -3.75 -28.32
CA LEU A 102 -9.91 -3.30 -29.53
C LEU A 102 -8.74 -4.23 -29.89
N ASP A 103 -8.10 -4.82 -28.87
CA ASP A 103 -7.06 -5.84 -29.12
C ASP A 103 -7.68 -7.05 -29.80
N ARG A 104 -8.80 -7.51 -29.27
CA ARG A 104 -9.52 -8.67 -29.80
C ARG A 104 -10.04 -8.43 -31.22
N MET A 105 -10.33 -7.18 -31.56
CA MET A 105 -10.69 -6.80 -32.93
C MET A 105 -9.52 -6.87 -33.91
N GLY A 106 -8.31 -7.11 -33.40
CA GLY A 106 -7.11 -7.25 -34.23
C GLY A 106 -6.21 -6.01 -34.25
N PHE A 107 -6.42 -5.10 -33.31
CA PHE A 107 -5.70 -3.83 -33.29
C PHE A 107 -5.16 -3.51 -31.90
N THR A 108 -4.05 -4.15 -31.56
CA THR A 108 -3.29 -3.83 -30.36
C THR A 108 -2.56 -2.52 -30.56
N TRP A 109 -2.22 -1.85 -29.47
CA TRP A 109 -1.45 -0.60 -29.53
C TRP A 109 -0.19 -0.79 -30.36
N GLU A 110 0.49 -1.91 -30.15
CA GLU A 110 1.73 -2.22 -30.87
C GLU A 110 1.50 -2.36 -32.37
N TYR A 111 0.40 -3.00 -32.78
CA TYR A 111 0.06 -3.11 -34.21
C TYR A 111 -0.37 -1.76 -34.80
N ILE A 112 -1.04 -0.94 -33.99
CA ILE A 112 -1.46 0.40 -34.42
C ILE A 112 -0.24 1.29 -34.67
N GLN A 113 0.76 1.21 -33.80
CA GLN A 113 2.02 1.96 -33.95
C GLN A 113 2.76 1.59 -35.23
N GLU A 114 2.69 0.29 -35.56
CA GLU A 114 3.23 -0.22 -36.81
C GLU A 114 2.52 0.41 -38.02
N LEU A 115 1.19 0.44 -37.97
CA LEU A 115 0.40 1.03 -39.05
C LEU A 115 0.62 2.52 -39.19
N ASN A 116 0.69 3.22 -38.05
CA ASN A 116 0.87 4.67 -38.03
C ASN A 116 1.61 5.06 -36.75
N PRO A 117 2.91 5.38 -36.87
CA PRO A 117 3.68 5.83 -35.69
C PRO A 117 3.24 7.20 -35.13
N ARG A 118 2.45 7.96 -35.90
CA ARG A 118 1.99 9.27 -35.46
C ARG A 118 0.62 9.26 -34.76
N VAL A 119 -0.10 8.14 -34.80
CA VAL A 119 -1.50 8.11 -34.34
C VAL A 119 -1.57 8.00 -32.82
N ILE A 120 -2.44 8.82 -32.23
CA ILE A 120 -2.71 8.76 -30.79
C ILE A 120 -3.92 7.85 -30.56
N LEU A 121 -3.78 6.91 -29.63
CA LEU A 121 -4.89 6.06 -29.23
C LEU A 121 -5.45 6.55 -27.89
N ALA A 122 -6.70 7.00 -27.90
CA ALA A 122 -7.35 7.55 -26.72
C ALA A 122 -8.55 6.70 -26.32
N SER A 123 -8.64 6.34 -25.03
CA SER A 123 -9.69 5.44 -24.54
C SER A 123 -10.38 5.98 -23.30
N VAL A 124 -11.71 5.80 -23.21
CA VAL A 124 -12.42 5.99 -21.94
C VAL A 124 -12.63 4.62 -21.31
N LYS A 125 -12.25 4.51 -20.03
CA LYS A 125 -12.39 3.28 -19.25
C LYS A 125 -13.24 3.55 -18.01
N GLY A 126 -13.77 2.51 -17.39
CA GLY A 126 -14.50 2.64 -16.14
C GLY A 126 -13.51 2.87 -15.01
N TYR A 127 -12.59 1.92 -14.86
CA TYR A 127 -11.48 2.00 -13.90
C TYR A 127 -10.17 2.01 -14.64
N ALA A 128 -9.13 2.55 -14.00
CA ALA A 128 -7.80 2.62 -14.59
C ALA A 128 -7.21 1.23 -14.82
N GLU A 129 -6.43 1.11 -15.88
CA GLU A 129 -5.68 -0.12 -16.15
C GLU A 129 -4.76 -0.41 -14.94
N GLY A 130 -4.85 -1.61 -14.40
CA GLY A 130 -4.09 -1.98 -13.20
C GLY A 130 -4.93 -1.96 -11.93
N HIS A 131 -6.07 -1.25 -11.96
CA HIS A 131 -7.05 -1.27 -10.87
C HIS A 131 -7.59 -2.70 -10.67
N ALA A 132 -7.90 -3.04 -9.42
CA ALA A 132 -8.57 -4.30 -9.11
C ALA A 132 -9.87 -4.46 -9.92
N ASN A 133 -10.54 -3.34 -10.22
CA ASN A 133 -11.79 -3.34 -10.98
C ASN A 133 -11.64 -2.94 -12.44
N GLU A 134 -10.45 -3.09 -13.01
CA GLU A 134 -10.21 -2.58 -14.37
C GLU A 134 -11.10 -3.24 -15.43
N HIS A 135 -11.69 -4.38 -15.06
CA HIS A 135 -12.54 -5.12 -16.01
CA HIS A 135 -12.54 -5.19 -15.94
C HIS A 135 -14.03 -4.84 -15.84
N LEU A 136 -14.42 -4.17 -14.76
CA LEU A 136 -15.84 -3.85 -14.52
C LEU A 136 -16.41 -2.85 -15.54
N LYS A 137 -17.69 -3.05 -15.87
CA LYS A 137 -18.46 -2.12 -16.69
C LYS A 137 -18.97 -0.98 -15.81
N VAL A 138 -18.82 0.25 -16.30
CA VAL A 138 -19.15 1.44 -15.53
C VAL A 138 -19.96 2.42 -16.38
N TYR A 139 -21.11 2.82 -15.85
CA TYR A 139 -21.97 3.83 -16.48
C TYR A 139 -22.15 5.01 -15.52
N GLU A 140 -22.79 6.07 -16.02
CA GLU A 140 -22.82 7.40 -15.38
C GLU A 140 -22.82 7.36 -13.84
N ASN A 141 -23.92 6.87 -13.27
CA ASN A 141 -24.12 6.98 -11.82
C ASN A 141 -23.22 6.04 -11.03
N VAL A 142 -22.85 4.92 -11.65
CA VAL A 142 -21.89 4.02 -11.01
C VAL A 142 -20.52 4.68 -10.89
N ALA A 143 -20.11 5.44 -11.90
CA ALA A 143 -18.88 6.23 -11.83
C ALA A 143 -18.94 7.29 -10.71
N GLN A 144 -20.10 7.94 -10.57
CA GLN A 144 -20.29 8.92 -9.49
C GLN A 144 -20.14 8.26 -8.11
N CYS A 145 -20.68 7.06 -7.98
CA CYS A 145 -20.53 6.27 -6.76
C CYS A 145 -19.07 5.82 -6.53
N SER A 146 -18.40 5.37 -7.59
CA SER A 146 -17.03 4.88 -7.50
C SER A 146 -16.02 5.97 -7.13
N GLY A 147 -16.29 7.21 -7.53
CA GLY A 147 -15.32 8.32 -7.38
C GLY A 147 -15.49 9.25 -6.19
N GLY A 148 -16.43 8.94 -5.30
CA GLY A 148 -16.62 9.70 -4.08
C GLY A 148 -17.71 10.77 -4.12
N ALA A 149 -18.25 11.03 -5.30
CA ALA A 149 -19.25 12.09 -5.48
C ALA A 149 -20.57 11.76 -4.81
N ALA A 150 -21.08 10.56 -5.01
CA ALA A 150 -22.38 10.18 -4.42
C ALA A 150 -22.32 10.24 -2.88
N ALA A 151 -21.22 9.76 -2.33
CA ALA A 151 -21.05 9.71 -0.88
C ALA A 151 -21.06 11.09 -0.21
N THR A 152 -20.63 12.11 -0.94
CA THR A 152 -20.45 13.45 -0.44
C THR A 152 -21.48 14.44 -1.04
N THR A 153 -22.52 13.93 -1.70
CA THR A 153 -23.56 14.74 -2.30
C THR A 153 -24.93 14.37 -1.70
N GLY A 154 -25.71 15.38 -1.32
CA GLY A 154 -27.00 15.21 -0.70
C GLY A 154 -26.94 15.65 0.75
N PHE A 155 -27.82 15.06 1.56
CA PHE A 155 -27.97 15.46 2.96
C PHE A 155 -27.57 14.34 3.92
N TRP A 156 -27.17 14.75 5.13
CA TRP A 156 -26.71 13.84 6.18
C TRP A 156 -27.79 12.85 6.64
N ASP A 157 -29.05 13.22 6.47
CA ASP A 157 -30.17 12.37 6.87
C ASP A 157 -30.84 11.71 5.66
N GLY A 158 -30.16 11.76 4.52
CA GLY A 158 -30.62 11.12 3.30
C GLY A 158 -29.58 10.17 2.71
N PRO A 159 -29.88 9.61 1.53
CA PRO A 159 -28.95 8.70 0.89
C PRO A 159 -27.83 9.41 0.16
N PRO A 160 -26.78 8.66 -0.22
CA PRO A 160 -25.88 9.17 -1.24
C PRO A 160 -26.73 9.63 -2.43
N THR A 161 -26.38 10.72 -3.07
CA THR A 161 -27.18 11.17 -4.22
C THR A 161 -26.36 11.55 -5.45
N VAL A 162 -26.93 11.18 -6.59
CA VAL A 162 -26.28 11.39 -7.86
C VAL A 162 -26.44 12.84 -8.26
N SER A 163 -25.46 13.34 -8.99
CA SER A 163 -25.52 14.69 -9.55
CA SER A 163 -25.53 14.68 -9.52
C SER A 163 -26.27 14.67 -10.86
N GLY A 164 -27.05 15.71 -11.10
CA GLY A 164 -27.67 15.89 -12.42
C GLY A 164 -26.62 16.11 -13.49
N ALA A 165 -25.48 16.70 -13.13
CA ALA A 165 -24.36 16.87 -14.06
C ALA A 165 -23.70 15.53 -14.37
N ALA A 166 -23.28 15.34 -15.62
CA ALA A 166 -22.64 14.10 -16.02
C ALA A 166 -21.18 14.07 -15.57
N LEU A 167 -20.99 13.87 -14.26
CA LEU A 167 -19.67 13.74 -13.64
C LEU A 167 -18.91 12.52 -14.14
N GLY A 168 -19.66 11.49 -14.50
CA GLY A 168 -19.08 10.28 -15.03
C GLY A 168 -18.77 10.44 -16.49
N ASP A 169 -19.79 10.67 -17.30
CA ASP A 169 -19.65 10.55 -18.75
C ASP A 169 -19.05 11.78 -19.41
N SER A 170 -19.80 12.87 -19.53
CA SER A 170 -19.25 14.07 -20.19
C SER A 170 -17.95 14.55 -19.55
N ASN A 171 -17.87 14.53 -18.21
CA ASN A 171 -16.64 14.90 -17.49
C ASN A 171 -15.43 14.04 -17.91
N SER A 172 -15.61 12.73 -18.00
CA SER A 172 -14.55 11.84 -18.49
C SER A 172 -14.15 12.17 -19.93
N GLY A 173 -15.12 12.48 -20.77
CA GLY A 173 -14.83 12.88 -22.15
C GLY A 173 -14.02 14.17 -22.25
N MET A 174 -14.36 15.16 -21.44
CA MET A 174 -13.59 16.40 -21.41
C MET A 174 -12.18 16.13 -20.89
N HIS A 175 -12.04 15.28 -19.89
CA HIS A 175 -10.72 14.89 -19.42
C HIS A 175 -9.92 14.16 -20.51
N LEU A 176 -10.57 13.29 -21.26
CA LEU A 176 -9.90 12.61 -22.37
C LEU A 176 -9.43 13.60 -23.43
N MET A 177 -10.25 14.62 -23.71
CA MET A 177 -9.83 15.68 -24.62
C MET A 177 -8.54 16.37 -24.16
N ILE A 178 -8.38 16.63 -22.85
CA ILE A 178 -7.12 17.14 -22.32
C ILE A 178 -5.98 16.17 -22.66
N GLY A 179 -6.19 14.89 -22.34
CA GLY A 179 -5.22 13.85 -22.64
C GLY A 179 -4.79 13.85 -24.11
N ILE A 180 -5.79 13.90 -24.99
CA ILE A 180 -5.55 13.90 -26.45
C ILE A 180 -4.75 15.13 -26.88
N LEU A 181 -5.18 16.30 -26.43
CA LEU A 181 -4.47 17.54 -26.76
C LEU A 181 -3.04 17.56 -26.24
N ALA A 182 -2.84 17.01 -25.04
CA ALA A 182 -1.51 16.89 -24.46
C ALA A 182 -0.62 15.98 -25.31
N ALA A 183 -1.20 14.88 -25.77
CA ALA A 183 -0.50 13.95 -26.67
C ALA A 183 -0.14 14.60 -28.01
N LEU A 184 -1.01 15.46 -28.53
CA LEU A 184 -0.70 16.25 -29.75
C LEU A 184 0.47 17.21 -29.51
N GLU A 185 0.50 17.82 -28.32
CA GLU A 185 1.57 18.74 -27.99
C GLU A 185 2.93 18.04 -27.92
N ILE A 186 2.99 16.84 -27.32
CA ILE A 186 4.27 16.11 -27.27
C ILE A 186 4.66 15.64 -28.66
N ARG A 187 3.67 15.23 -29.46
CA ARG A 187 3.93 14.74 -30.83
C ARG A 187 4.67 15.75 -31.71
N HIS A 188 4.41 17.04 -31.50
CA HIS A 188 5.18 18.08 -32.17
C HIS A 188 6.68 17.97 -31.84
N LYS A 189 7.00 17.49 -30.64
CA LYS A 189 8.39 17.29 -30.20
C LYS A 189 8.98 15.95 -30.66
N THR A 190 8.21 14.88 -30.47
CA THR A 190 8.70 13.52 -30.69
C THR A 190 8.38 12.97 -32.10
N GLY A 191 7.39 13.53 -32.77
CA GLY A 191 6.90 12.99 -34.03
C GLY A 191 6.20 11.64 -33.88
N ARG A 192 5.87 11.29 -32.64
CA ARG A 192 5.30 9.98 -32.32
C ARG A 192 3.99 10.11 -31.55
N GLY A 193 3.07 9.18 -31.81
CA GLY A 193 1.81 9.11 -31.09
C GLY A 193 1.97 8.39 -29.77
N GLN A 194 0.98 8.52 -28.91
CA GLN A 194 0.97 7.85 -27.63
C GLN A 194 -0.40 7.32 -27.35
N LYS A 195 -0.46 6.41 -26.38
CA LYS A 195 -1.70 5.90 -25.87
C LYS A 195 -2.07 6.77 -24.66
N VAL A 196 -3.33 7.22 -24.61
CA VAL A 196 -3.83 7.97 -23.45
C VAL A 196 -5.20 7.43 -23.03
N ALA A 197 -5.42 7.32 -21.74
CA ALA A 197 -6.65 6.75 -21.22
C ALA A 197 -7.12 7.54 -20.01
N VAL A 198 -8.43 7.69 -19.90
CA VAL A 198 -9.07 8.31 -18.75
C VAL A 198 -10.07 7.31 -18.21
N ALA A 199 -9.94 7.01 -16.93
CA ALA A 199 -10.92 6.21 -16.22
C ALA A 199 -12.00 7.14 -15.67
N MET A 200 -13.24 6.70 -15.76
CA MET A 200 -14.36 7.47 -15.24
C MET A 200 -14.23 7.71 -13.73
N GLN A 201 -13.83 6.70 -12.99
CA GLN A 201 -13.56 6.89 -11.55
C GLN A 201 -12.59 8.06 -11.30
N ASP A 202 -11.54 8.11 -12.10
CA ASP A 202 -10.47 9.08 -11.91
C ASP A 202 -10.89 10.50 -12.27
N ALA A 203 -11.71 10.63 -13.30
CA ALA A 203 -12.26 11.91 -13.66
C ALA A 203 -13.17 12.46 -12.55
N VAL A 204 -14.00 11.58 -11.98
CA VAL A 204 -14.86 11.95 -10.85
C VAL A 204 -13.98 12.36 -9.67
N LEU A 205 -13.00 11.52 -9.34
CA LEU A 205 -12.10 11.79 -8.21
C LEU A 205 -11.39 13.15 -8.36
N ASN A 206 -10.97 13.49 -9.59
CA ASN A 206 -10.33 14.77 -9.84
C ASN A 206 -11.26 15.93 -9.42
N LEU A 207 -12.56 15.80 -9.72
CA LEU A 207 -13.53 16.83 -9.32
C LEU A 207 -13.85 16.81 -7.83
N VAL A 208 -13.67 15.67 -7.18
CA VAL A 208 -13.89 15.59 -5.73
CA VAL A 208 -13.88 15.54 -5.73
C VAL A 208 -12.58 15.72 -4.93
N ARG A 209 -11.55 16.31 -5.54
CA ARG A 209 -10.28 16.59 -4.87
C ARG A 209 -10.52 17.31 -3.53
N ILE A 210 -11.43 18.28 -3.52
CA ILE A 210 -11.77 19.03 -2.31
C ILE A 210 -12.25 18.12 -1.17
N LYS A 211 -12.91 17.02 -1.50
CA LYS A 211 -13.34 16.05 -0.48
C LYS A 211 -12.22 15.15 0.02
N LEU A 212 -11.17 14.96 -0.78
CA LEU A 212 -9.96 14.26 -0.30
C LEU A 212 -9.17 15.18 0.66
N ARG A 213 -9.21 16.49 0.40
CA ARG A 213 -8.74 17.51 1.37
C ARG A 213 -9.47 17.29 2.68
N ASP A 214 -10.80 17.23 2.60
CA ASP A 214 -11.64 17.11 3.78
C ASP A 214 -11.37 15.82 4.54
N GLN A 215 -11.19 14.70 3.81
CA GLN A 215 -10.94 13.43 4.46
C GLN A 215 -9.68 13.50 5.32
N GLN A 216 -8.65 14.13 4.77
CA GLN A 216 -7.38 14.26 5.48
C GLN A 216 -7.51 15.21 6.66
N ARG A 217 -8.20 16.34 6.46
CA ARG A 217 -8.48 17.26 7.56
C ARG A 217 -9.24 16.58 8.69
N LEU A 218 -10.24 15.77 8.33
CA LEU A 218 -11.03 15.02 9.28
C LEU A 218 -10.16 14.02 10.05
N GLU A 219 -9.30 13.30 9.33
CA GLU A 219 -8.33 12.37 9.96
C GLU A 219 -7.42 13.08 10.95
N ARG A 220 -6.89 14.23 10.52
CA ARG A 220 -5.91 14.96 11.28
C ARG A 220 -6.50 15.67 12.51
N THR A 221 -7.71 16.22 12.37
CA THR A 221 -8.24 17.16 13.37
C THR A 221 -9.55 16.73 14.03
N GLY A 222 -10.25 15.79 13.43
CA GLY A 222 -11.51 15.29 13.96
C GLY A 222 -12.71 16.18 13.70
N ILE A 223 -12.55 17.27 12.97
CA ILE A 223 -13.66 18.17 12.69
C ILE A 223 -13.49 18.92 11.36
N LEU A 224 -14.62 19.19 10.70
CA LEU A 224 -14.64 20.06 9.53
C LEU A 224 -15.54 21.23 9.89
N ALA A 225 -14.90 22.34 10.28
CA ALA A 225 -15.59 23.44 10.96
C ALA A 225 -16.62 24.15 10.10
N GLU A 226 -16.45 24.06 8.78
CA GLU A 226 -17.34 24.72 7.83
C GLU A 226 -18.56 23.88 7.45
N TYR A 227 -18.64 22.65 7.95
CA TYR A 227 -19.76 21.76 7.67
C TYR A 227 -20.92 22.01 8.64
N PRO A 228 -22.16 21.76 8.20
CA PRO A 228 -23.30 21.95 9.10
C PRO A 228 -23.20 21.16 10.40
N GLN A 229 -22.62 19.95 10.32
CA GLN A 229 -22.43 19.08 11.48
C GLN A 229 -21.52 19.66 12.56
N ALA A 230 -20.68 20.64 12.21
CA ALA A 230 -19.83 21.31 13.19
C ALA A 230 -20.63 22.20 14.13
N GLN A 231 -21.82 22.62 13.71
CA GLN A 231 -22.73 23.36 14.59
C GLN A 231 -23.32 22.42 15.64
N PRO A 232 -23.03 22.69 16.94
CA PRO A 232 -23.59 21.82 17.97
C PRO A 232 -25.11 21.69 17.88
N ASN A 233 -25.60 20.46 18.04
CA ASN A 233 -27.03 20.10 17.95
C ASN A 233 -27.83 20.64 16.76
N PHE A 234 -27.20 20.68 15.58
CA PHE A 234 -27.90 21.06 14.37
C PHE A 234 -28.40 19.89 13.52
N ALA A 235 -27.50 18.93 13.23
CA ALA A 235 -27.76 17.85 12.28
C ALA A 235 -28.14 16.58 13.01
N PHE A 236 -29.17 15.92 12.50
CA PHE A 236 -29.69 14.66 13.06
C PHE A 236 -30.01 13.71 11.92
N ASP A 237 -29.94 12.40 12.18
CA ASP A 237 -30.32 11.41 11.18
C ASP A 237 -31.83 11.24 11.17
N ARG A 238 -32.33 10.32 10.34
CA ARG A 238 -33.77 10.05 10.20
C ARG A 238 -34.44 9.68 11.53
N ASP A 239 -33.71 8.94 12.35
CA ASP A 239 -34.19 8.49 13.65
C ASP A 239 -34.02 9.52 14.78
N GLY A 240 -33.49 10.71 14.47
CA GLY A 240 -33.28 11.74 15.48
C GLY A 240 -31.98 11.65 16.24
N ASN A 241 -31.10 10.73 15.86
CA ASN A 241 -29.80 10.63 16.50
C ASN A 241 -28.94 11.79 16.05
N PRO A 242 -28.21 12.42 16.98
CA PRO A 242 -27.39 13.58 16.65
C PRO A 242 -26.19 13.20 15.79
N LEU A 243 -25.88 14.04 14.82
CA LEU A 243 -24.74 13.81 13.94
C LEU A 243 -23.72 14.91 14.20
N SER A 244 -22.66 14.55 14.90
CA SER A 244 -21.55 15.46 15.15
C SER A 244 -20.26 14.80 14.72
N PHE A 245 -19.20 15.59 14.63
CA PHE A 245 -17.92 15.08 14.20
C PHE A 245 -17.23 14.19 15.25
N ASP A 246 -17.76 14.17 16.48
CA ASP A 246 -17.32 13.20 17.50
C ASP A 246 -17.22 11.77 16.96
N ASN A 247 -18.17 11.40 16.09
CA ASN A 247 -18.28 10.04 15.57
C ASN A 247 -18.25 9.94 14.05
N ILE A 248 -17.88 11.02 13.35
CA ILE A 248 -17.79 10.97 11.89
C ILE A 248 -16.35 10.70 11.49
N THR A 249 -16.13 9.62 10.75
CA THR A 249 -14.80 9.19 10.33
C THR A 249 -14.55 9.26 8.83
N SER A 250 -15.60 9.51 8.05
CA SER A 250 -15.47 9.69 6.60
C SER A 250 -16.27 10.93 6.21
N VAL A 251 -15.78 11.69 5.24
CA VAL A 251 -16.40 12.96 4.85
C VAL A 251 -17.90 12.72 4.64
N PRO A 252 -18.75 13.47 5.36
CA PRO A 252 -20.18 13.27 5.24
C PRO A 252 -20.82 14.17 4.19
N ARG A 253 -22.10 13.93 3.95
CA ARG A 253 -22.93 14.81 3.15
C ARG A 253 -23.22 16.10 3.93
N GLY A 254 -23.04 17.24 3.27
CA GLY A 254 -23.17 18.53 3.90
C GLY A 254 -24.38 19.34 3.42
N GLY A 255 -25.36 18.68 2.80
CA GLY A 255 -26.51 19.37 2.23
C GLY A 255 -26.04 20.42 1.24
N ASN A 256 -26.42 21.66 1.46
CA ASN A 256 -26.06 22.75 0.56
C ASN A 256 -24.91 23.65 1.05
N ALA A 257 -23.99 23.06 1.81
CA ALA A 257 -22.80 23.75 2.33
C ALA A 257 -21.86 24.15 1.20
N GLY A 258 -20.88 24.99 1.53
CA GLY A 258 -20.09 25.72 0.52
C GLY A 258 -19.06 24.94 -0.27
N GLY A 259 -18.64 23.78 0.22
CA GLY A 259 -17.66 22.98 -0.51
C GLY A 259 -16.35 23.74 -0.57
N GLY A 260 -15.76 23.84 -1.77
CA GLY A 260 -14.52 24.59 -1.96
C GLY A 260 -14.71 26.10 -1.94
N GLY A 261 -15.98 26.54 -1.90
CA GLY A 261 -16.30 27.94 -1.73
C GLY A 261 -16.31 28.34 -0.27
N GLN A 262 -16.57 29.62 -0.02
CA GLN A 262 -16.79 30.11 1.33
C GLN A 262 -18.10 29.52 1.82
N PRO A 263 -18.36 29.54 3.14
CA PRO A 263 -19.65 29.00 3.58
C PRO A 263 -20.86 29.63 2.86
N GLY A 264 -21.88 28.81 2.61
CA GLY A 264 -23.07 29.27 1.93
C GLY A 264 -24.20 28.29 2.12
N TRP A 265 -25.36 28.65 1.58
CA TRP A 265 -26.51 27.80 1.68
C TRP A 265 -27.54 28.18 0.61
N MET A 266 -28.46 27.26 0.38
CA MET A 266 -29.51 27.41 -0.62
C MET A 266 -30.72 27.95 0.10
N LEU A 267 -31.09 29.18 -0.24
CA LEU A 267 -32.12 29.89 0.48
C LEU A 267 -33.36 30.12 -0.40
N LYS A 268 -34.52 29.88 0.20
CA LYS A 268 -35.80 30.04 -0.45
C LYS A 268 -36.09 31.48 -0.82
N CYS A 269 -36.63 31.69 -2.01
CA CYS A 269 -37.18 32.98 -2.42
C CYS A 269 -38.70 32.90 -2.61
N LYS A 270 -39.34 34.05 -2.83
CA LYS A 270 -40.79 34.09 -3.10
C LYS A 270 -41.19 33.02 -4.13
N GLY A 271 -42.22 32.24 -3.79
CA GLY A 271 -42.75 31.23 -4.71
C GLY A 271 -42.20 29.82 -4.59
N TRP A 272 -41.29 29.62 -3.63
CA TRP A 272 -40.64 28.31 -3.45
C TRP A 272 -41.63 27.15 -3.25
N GLU A 273 -42.79 27.42 -2.66
CA GLU A 273 -43.77 26.35 -2.39
C GLU A 273 -44.28 25.71 -3.66
N THR A 274 -44.41 26.51 -4.71
CA THR A 274 -45.00 26.08 -5.98
C THR A 274 -44.02 26.20 -7.16
N ASP A 275 -42.77 26.56 -6.90
CA ASP A 275 -41.76 26.69 -7.96
C ASP A 275 -40.48 26.04 -7.42
N ALA A 276 -40.13 24.88 -7.98
CA ALA A 276 -39.03 24.05 -7.47
C ALA A 276 -37.67 24.76 -7.50
N ASP A 277 -37.55 25.79 -8.31
CA ASP A 277 -36.27 26.43 -8.57
C ASP A 277 -36.21 27.85 -8.05
N SER A 278 -37.16 28.23 -7.20
CA SER A 278 -37.18 29.59 -6.63
C SER A 278 -36.27 29.70 -5.39
N TYR A 279 -34.96 29.64 -5.65
CA TYR A 279 -33.92 29.71 -4.61
C TYR A 279 -32.75 30.53 -5.11
N VAL A 280 -31.96 31.03 -4.17
CA VAL A 280 -30.63 31.55 -4.46
C VAL A 280 -29.62 30.75 -3.67
N TYR A 281 -28.38 30.74 -4.15
CA TYR A 281 -27.25 30.35 -3.33
C TYR A 281 -26.65 31.64 -2.75
N PHE A 282 -26.56 31.70 -1.42
CA PHE A 282 -26.05 32.87 -0.71
C PHE A 282 -24.78 32.50 0.06
N THR A 283 -23.70 33.26 -0.17
CA THR A 283 -22.42 33.00 0.51
C THR A 283 -22.09 33.99 1.63
N ILE A 284 -21.54 33.45 2.72
CA ILE A 284 -21.02 34.24 3.83
C ILE A 284 -19.49 34.18 3.79
N ALA A 285 -18.93 35.07 2.98
CA ALA A 285 -17.48 35.20 2.85
C ALA A 285 -16.95 35.93 4.08
N ALA A 286 -15.86 35.40 4.66
CA ALA A 286 -15.34 35.91 5.94
C ALA A 286 -14.97 37.40 5.89
N ASN A 287 -14.50 37.87 4.74
CA ASN A 287 -14.16 39.29 4.58
C ASN A 287 -15.36 40.17 4.19
N MET A 288 -16.58 39.62 4.20
CA MET A 288 -17.77 40.41 3.85
C MET A 288 -18.82 40.52 4.95
N TRP A 289 -18.42 40.27 6.19
CA TRP A 289 -19.39 40.27 7.27
C TRP A 289 -20.06 41.64 7.48
N PRO A 290 -19.27 42.74 7.44
CA PRO A 290 -19.87 44.07 7.59
C PRO A 290 -20.93 44.37 6.53
N GLN A 291 -20.65 44.00 5.27
CA GLN A 291 -21.60 44.15 4.18
C GLN A 291 -22.89 43.36 4.44
N ILE A 292 -22.74 42.11 4.84
CA ILE A 292 -23.92 41.27 5.15
C ILE A 292 -24.76 41.91 6.25
N CYS A 293 -24.09 42.35 7.32
CA CYS A 293 -24.76 43.01 8.44
C CYS A 293 -25.57 44.24 8.03
N ASP A 294 -25.03 45.05 7.13
CA ASP A 294 -25.80 46.16 6.56
C ASP A 294 -27.01 45.63 5.80
N MET A 295 -26.80 44.66 4.92
CA MET A 295 -27.88 44.14 4.10
C MET A 295 -29.08 43.66 4.92
N ILE A 296 -28.82 42.92 5.99
CA ILE A 296 -29.88 42.29 6.78
C ILE A 296 -30.23 43.12 8.03
N ASP A 297 -29.71 44.35 8.07
CA ASP A 297 -29.99 45.29 9.17
CA ASP A 297 -29.99 45.30 9.17
C ASP A 297 -29.67 44.72 10.55
N LYS A 298 -28.46 44.19 10.69
CA LYS A 298 -27.93 43.74 11.96
C LYS A 298 -26.57 44.42 12.24
N PRO A 299 -26.58 45.77 12.39
CA PRO A 299 -25.33 46.46 12.69
C PRO A 299 -24.73 46.03 14.02
N GLU A 300 -25.57 45.57 14.94
CA GLU A 300 -25.10 45.02 16.22
C GLU A 300 -24.23 43.76 16.07
N TRP A 301 -24.28 43.10 14.91
CA TRP A 301 -23.46 41.92 14.69
C TRP A 301 -22.06 42.22 14.14
N LYS A 302 -21.81 43.48 13.75
CA LYS A 302 -20.51 43.86 13.18
C LYS A 302 -19.34 43.72 14.14
N ASP A 303 -19.51 44.20 15.36
CA ASP A 303 -18.42 44.27 16.31
C ASP A 303 -18.49 43.19 17.39
N ASP A 304 -19.46 42.27 17.24
CA ASP A 304 -19.65 41.18 18.19
C ASP A 304 -18.81 39.97 17.78
N PRO A 305 -17.87 39.53 18.64
CA PRO A 305 -17.03 38.37 18.29
C PRO A 305 -17.77 37.03 18.18
N ALA A 306 -19.00 36.96 18.71
CA ALA A 306 -19.83 35.78 18.50
C ALA A 306 -20.30 35.69 17.05
N TYR A 307 -20.24 36.80 16.32
CA TYR A 307 -20.73 36.86 14.94
C TYR A 307 -19.69 37.25 13.89
N ASN A 308 -18.63 37.96 14.26
CA ASN A 308 -17.82 38.65 13.25
C ASN A 308 -16.53 37.95 12.80
N THR A 309 -16.37 36.69 13.18
CA THR A 309 -15.34 35.82 12.60
C THR A 309 -15.97 34.50 12.17
N PHE A 310 -15.30 33.81 11.24
CA PHE A 310 -15.68 32.45 10.86
C PHE A 310 -15.80 31.58 12.11
N GLU A 311 -14.79 31.66 12.98
CA GLU A 311 -14.71 30.80 14.16
C GLU A 311 -15.88 31.08 15.10
N GLY A 312 -16.18 32.36 15.30
CA GLY A 312 -17.34 32.76 16.09
C GLY A 312 -18.65 32.27 15.52
N ARG A 313 -18.76 32.22 14.18
CA ARG A 313 -20.01 31.77 13.55
C ARG A 313 -20.26 30.24 13.52
N VAL A 314 -19.25 29.43 13.82
CA VAL A 314 -19.37 27.97 13.68
C VAL A 314 -20.57 27.38 14.46
N ASP A 315 -20.83 27.92 15.64
CA ASP A 315 -21.90 27.39 16.48
C ASP A 315 -23.30 27.90 16.11
N LYS A 316 -23.38 28.75 15.08
CA LYS A 316 -24.63 29.44 14.78
C LYS A 316 -24.86 29.73 13.30
N LEU A 317 -23.97 29.26 12.42
CA LEU A 317 -24.06 29.65 11.01
C LEU A 317 -25.41 29.29 10.39
N MET A 318 -25.97 28.14 10.75
CA MET A 318 -27.24 27.68 10.18
C MET A 318 -28.40 28.55 10.65
N ASP A 319 -28.30 29.06 11.87
CA ASP A 319 -29.25 30.04 12.39
C ASP A 319 -29.18 31.33 11.59
N ILE A 320 -27.97 31.77 11.29
CA ILE A 320 -27.76 32.98 10.51
C ILE A 320 -28.38 32.85 9.11
N PHE A 321 -28.14 31.72 8.44
CA PHE A 321 -28.76 31.43 7.15
C PHE A 321 -30.29 31.46 7.25
N SER A 322 -30.83 30.83 8.29
CA SER A 322 -32.25 30.82 8.53
C SER A 322 -32.79 32.26 8.62
N PHE A 323 -32.07 33.14 9.33
CA PHE A 323 -32.49 34.51 9.48
C PHE A 323 -32.43 35.30 8.16
N ILE A 324 -31.32 35.13 7.45
CA ILE A 324 -31.12 35.80 6.15
C ILE A 324 -32.26 35.41 5.21
N GLU A 325 -32.57 34.11 5.20
CA GLU A 325 -33.66 33.58 4.38
C GLU A 325 -34.99 34.33 4.59
N THR A 326 -35.32 34.71 5.84
CA THR A 326 -36.54 35.47 6.12
C THR A 326 -36.63 36.78 5.32
N LYS A 327 -35.48 37.37 4.99
CA LYS A 327 -35.42 38.62 4.21
C LYS A 327 -35.80 38.46 2.73
N PHE A 328 -35.87 37.22 2.25
CA PHE A 328 -36.13 36.92 0.83
C PHE A 328 -37.56 36.48 0.56
N ALA A 329 -38.39 36.44 1.60
CA ALA A 329 -39.72 35.83 1.53
C ALA A 329 -40.65 36.50 0.51
N ASP A 330 -40.46 37.79 0.26
CA ASP A 330 -41.31 38.52 -0.69
C ASP A 330 -40.56 38.94 -1.94
N LYS A 331 -39.36 38.38 -2.15
CA LYS A 331 -38.56 38.72 -3.31
C LYS A 331 -38.29 37.48 -4.16
N ASP A 332 -38.39 37.60 -5.48
CA ASP A 332 -38.01 36.48 -6.35
C ASP A 332 -36.50 36.36 -6.45
N LYS A 333 -36.02 35.27 -7.04
CA LYS A 333 -34.58 34.95 -7.01
C LYS A 333 -33.71 35.97 -7.75
N PHE A 334 -34.27 36.62 -8.77
CA PHE A 334 -33.55 37.64 -9.50
C PHE A 334 -33.50 38.93 -8.71
N GLU A 335 -34.60 39.28 -8.06
CA GLU A 335 -34.60 40.45 -7.17
C GLU A 335 -33.58 40.29 -6.04
N VAL A 336 -33.58 39.11 -5.42
CA VAL A 336 -32.60 38.81 -4.38
C VAL A 336 -31.15 38.89 -4.90
N THR A 337 -30.88 38.32 -6.07
CA THR A 337 -29.55 38.34 -6.68
C THR A 337 -29.08 39.77 -6.94
N GLU A 338 -29.97 40.59 -7.50
CA GLU A 338 -29.67 41.99 -7.76
C GLU A 338 -29.40 42.76 -6.46
N TRP A 339 -30.19 42.46 -5.44
CA TRP A 339 -30.02 43.05 -4.11
C TRP A 339 -28.68 42.70 -3.45
N ALA A 340 -28.35 41.41 -3.38
CA ALA A 340 -27.05 40.96 -2.86
C ALA A 340 -25.89 41.55 -3.65
N ALA A 341 -26.05 41.66 -4.97
CA ALA A 341 -25.00 42.19 -5.86
C ALA A 341 -24.66 43.64 -5.57
N GLN A 342 -25.65 44.42 -5.11
CA GLN A 342 -25.41 45.80 -4.64
C GLN A 342 -24.35 45.86 -3.55
N TYR A 343 -24.29 44.81 -2.74
CA TYR A 343 -23.35 44.70 -1.63
C TYR A 343 -22.03 44.02 -1.99
N GLY A 344 -21.92 43.52 -3.22
CA GLY A 344 -20.76 42.73 -3.65
C GLY A 344 -20.71 41.34 -3.06
N ILE A 345 -21.87 40.85 -2.60
CA ILE A 345 -21.98 39.53 -1.97
C ILE A 345 -22.19 38.48 -3.05
N PRO A 346 -21.30 37.46 -3.13
CA PRO A 346 -21.52 36.37 -4.08
C PRO A 346 -22.82 35.62 -3.78
N CYS A 347 -23.74 35.75 -4.72
CA CYS A 347 -25.09 35.25 -4.58
C CYS A 347 -25.64 35.20 -5.99
N GLY A 348 -26.38 34.14 -6.30
CA GLY A 348 -26.98 33.98 -7.60
C GLY A 348 -28.16 33.01 -7.56
N PRO A 349 -28.96 33.02 -8.64
CA PRO A 349 -30.16 32.22 -8.69
C PRO A 349 -29.89 30.78 -9.06
N VAL A 350 -30.79 29.90 -8.61
CA VAL A 350 -30.92 28.58 -9.22
C VAL A 350 -31.63 28.77 -10.55
N MET A 351 -30.89 28.57 -11.64
CA MET A 351 -31.47 28.71 -12.97
C MET A 351 -32.15 27.39 -13.34
N SER A 352 -33.43 27.46 -13.73
CA SER A 352 -34.16 26.28 -14.19
C SER A 352 -33.68 25.94 -15.60
N MET A 353 -33.84 24.70 -16.00
CA MET A 353 -33.48 24.29 -17.37
C MET A 353 -34.27 25.05 -18.43
N LYS A 354 -35.55 25.34 -18.16
CA LYS A 354 -36.39 26.16 -19.04
C LYS A 354 -35.79 27.55 -19.21
N GLU A 355 -35.41 28.15 -18.09
CA GLU A 355 -34.78 29.46 -18.09
C GLU A 355 -33.48 29.45 -18.91
N LEU A 356 -32.68 28.39 -18.75
CA LEU A 356 -31.41 28.30 -19.46
C LEU A 356 -31.61 28.09 -20.96
N ALA A 357 -32.59 27.25 -21.29
CA ALA A 357 -32.88 26.89 -22.68
C ALA A 357 -33.23 28.13 -23.52
N HIS A 358 -33.89 29.10 -22.89
CA HIS A 358 -34.37 30.27 -23.62
C HIS A 358 -33.69 31.57 -23.22
N ASP A 359 -32.58 31.48 -22.50
CA ASP A 359 -31.86 32.65 -22.05
C ASP A 359 -31.16 33.33 -23.22
N PRO A 360 -31.48 34.61 -23.48
CA PRO A 360 -30.82 35.30 -24.60
C PRO A 360 -29.29 35.45 -24.45
N SER A 361 -28.80 35.66 -23.22
CA SER A 361 -27.35 35.81 -22.99
C SER A 361 -26.55 34.57 -23.42
N LEU A 362 -27.02 33.39 -23.02
CA LEU A 362 -26.32 32.14 -23.37
C LEU A 362 -26.29 31.92 -24.89
N GLN A 363 -27.34 32.35 -25.58
CA GLN A 363 -27.34 32.27 -27.05
C GLN A 363 -26.47 33.34 -27.69
N LYS A 364 -26.45 34.54 -27.12
CA LYS A 364 -25.55 35.61 -27.57
C LYS A 364 -24.09 35.17 -27.56
N VAL A 365 -23.65 34.51 -26.50
CA VAL A 365 -22.23 34.18 -26.35
C VAL A 365 -21.86 32.82 -26.96
N GLY A 366 -22.82 32.14 -27.58
CA GLY A 366 -22.59 30.87 -28.26
C GLY A 366 -22.50 29.66 -27.35
N THR A 367 -23.03 29.75 -26.14
CA THR A 367 -22.96 28.61 -25.21
C THR A 367 -24.20 27.71 -25.34
N VAL A 368 -25.37 28.31 -25.57
CA VAL A 368 -26.53 27.57 -26.03
C VAL A 368 -26.67 27.96 -27.50
N VAL A 369 -26.66 26.95 -28.37
CA VAL A 369 -26.64 27.15 -29.82
C VAL A 369 -27.80 26.42 -30.48
N GLU A 370 -28.52 27.13 -31.35
CA GLU A 370 -29.56 26.52 -32.17
C GLU A 370 -28.85 25.91 -33.38
N VAL A 371 -28.92 24.59 -33.48
CA VAL A 371 -28.33 23.87 -34.60
C VAL A 371 -29.36 23.81 -35.73
N VAL A 372 -28.93 24.11 -36.95
CA VAL A 372 -29.80 23.98 -38.10
C VAL A 372 -29.81 22.53 -38.56
N ASP A 373 -30.98 21.92 -38.50
CA ASP A 373 -31.17 20.53 -38.90
C ASP A 373 -32.46 20.48 -39.72
N GLU A 374 -32.31 20.45 -41.04
CA GLU A 374 -33.45 20.46 -41.95
C GLU A 374 -34.19 19.11 -41.95
N ILE A 375 -33.49 18.06 -41.54
CA ILE A 375 -34.08 16.71 -41.55
C ILE A 375 -34.93 16.44 -40.32
N ARG A 376 -34.41 16.78 -39.14
CA ARG A 376 -35.06 16.47 -37.87
C ARG A 376 -35.80 17.66 -37.26
N GLY A 377 -35.59 18.85 -37.83
CA GLY A 377 -35.99 20.10 -37.19
C GLY A 377 -34.85 20.63 -36.34
N ASN A 378 -34.75 21.95 -36.23
CA ASN A 378 -33.70 22.57 -35.42
C ASN A 378 -33.80 22.13 -33.96
N HIS A 379 -32.66 22.16 -33.28
CA HIS A 379 -32.61 21.86 -31.85
C HIS A 379 -31.50 22.67 -31.19
N LEU A 380 -31.58 22.78 -29.87
CA LEU A 380 -30.56 23.45 -29.08
C LEU A 380 -29.51 22.44 -28.67
N THR A 381 -28.29 22.91 -28.53
CA THR A 381 -27.23 22.13 -27.90
C THR A 381 -26.34 23.07 -27.06
N VAL A 382 -25.44 22.47 -26.29
CA VAL A 382 -24.41 23.25 -25.62
C VAL A 382 -23.21 23.35 -26.55
N GLY A 383 -22.71 24.57 -26.75
CA GLY A 383 -21.58 24.82 -27.65
C GLY A 383 -20.27 24.66 -26.90
N ALA A 384 -19.22 25.30 -27.42
CA ALA A 384 -17.91 25.30 -26.79
C ALA A 384 -17.92 26.20 -25.54
N PRO A 385 -17.59 25.64 -24.36
CA PRO A 385 -17.49 26.45 -23.13
C PRO A 385 -16.25 27.35 -23.08
N PHE A 386 -15.27 27.06 -23.91
CA PHE A 386 -14.06 27.88 -24.05
C PHE A 386 -14.26 28.84 -25.23
N LYS A 387 -14.14 30.13 -24.94
CA LYS A 387 -14.26 31.19 -25.95
C LYS A 387 -12.87 31.70 -26.32
N PHE A 388 -12.63 31.86 -27.62
CA PHE A 388 -11.32 32.19 -28.16
C PHE A 388 -11.36 33.52 -28.92
N SER A 389 -10.27 34.29 -28.85
CA SER A 389 -10.19 35.56 -29.59
C SER A 389 -10.20 35.38 -31.11
N GLY A 390 -9.64 34.27 -31.58
CA GLY A 390 -9.38 34.08 -33.00
C GLY A 390 -10.40 33.31 -33.81
N PHE A 391 -11.39 32.70 -33.15
CA PHE A 391 -12.38 31.90 -33.86
C PHE A 391 -13.63 31.55 -33.06
N GLN A 392 -14.67 31.16 -33.81
CA GLN A 392 -15.94 30.68 -33.28
C GLN A 392 -16.21 29.30 -33.87
N PRO A 393 -16.70 28.35 -33.04
CA PRO A 393 -17.14 27.10 -33.63
C PRO A 393 -18.29 27.30 -34.63
N GLU A 394 -18.33 26.43 -35.64
CA GLU A 394 -19.46 26.38 -36.55
C GLU A 394 -20.09 25.01 -36.40
N ILE A 395 -21.21 24.96 -35.68
CA ILE A 395 -21.84 23.69 -35.30
C ILE A 395 -22.85 23.24 -36.36
N THR A 396 -22.63 22.04 -36.88
CA THR A 396 -23.46 21.49 -37.95
C THR A 396 -24.12 20.16 -37.52
N ARG A 397 -25.26 19.85 -38.12
CA ARG A 397 -26.13 18.79 -37.63
C ARG A 397 -25.47 17.41 -37.56
N ALA A 398 -25.95 16.61 -36.62
CA ALA A 398 -25.47 15.24 -36.47
C ALA A 398 -25.80 14.41 -37.71
N PRO A 399 -24.96 13.42 -38.02
CA PRO A 399 -25.15 12.63 -39.23
C PRO A 399 -26.26 11.59 -39.09
N LEU A 400 -26.91 11.27 -40.19
CA LEU A 400 -27.77 10.09 -40.27
C LEU A 400 -26.88 8.85 -40.31
N LEU A 401 -27.43 7.69 -39.95
CA LEU A 401 -26.65 6.44 -39.89
C LEU A 401 -26.13 6.06 -41.28
N GLY A 402 -24.81 5.95 -41.41
CA GLY A 402 -24.16 5.64 -42.68
C GLY A 402 -24.27 6.74 -43.73
N GLU A 403 -24.63 7.95 -43.31
CA GLU A 403 -24.83 9.07 -44.23
C GLU A 403 -23.60 9.38 -45.09
N HIS A 404 -22.42 9.19 -44.52
CA HIS A 404 -21.18 9.58 -45.20
C HIS A 404 -20.29 8.40 -45.56
N THR A 405 -20.86 7.20 -45.59
CA THR A 405 -20.09 6.00 -45.90
C THR A 405 -19.32 6.15 -47.23
N ASP A 406 -20.07 6.42 -48.31
CA ASP A 406 -19.47 6.52 -49.65
C ASP A 406 -18.51 7.69 -49.76
N GLU A 407 -18.89 8.80 -49.14
CA GLU A 407 -18.05 9.99 -49.08
C GLU A 407 -16.68 9.65 -48.47
N VAL A 408 -16.69 8.92 -47.35
CA VAL A 408 -15.46 8.54 -46.65
C VAL A 408 -14.62 7.53 -47.43
N LEU A 409 -15.29 6.56 -48.03
CA LEU A 409 -14.60 5.56 -48.87
C LEU A 409 -13.93 6.21 -50.08
N LYS A 410 -14.60 7.16 -50.73
CA LYS A 410 -14.00 7.93 -51.83
C LYS A 410 -12.71 8.62 -51.39
N GLU A 411 -12.70 9.18 -50.19
CA GLU A 411 -11.51 9.84 -49.64
C GLU A 411 -10.35 8.86 -49.38
N LEU A 412 -10.69 7.60 -49.10
CA LEU A 412 -9.69 6.54 -49.00
C LEU A 412 -9.20 6.07 -50.39
N GLY A 413 -9.63 6.76 -51.44
CA GLY A 413 -9.15 6.50 -52.79
C GLY A 413 -9.80 5.31 -53.46
N LEU A 414 -10.86 4.77 -52.86
CA LEU A 414 -11.59 3.65 -53.46
C LEU A 414 -12.42 4.15 -54.65
N ASP A 415 -12.42 3.37 -55.74
CA ASP A 415 -13.26 3.66 -56.91
C ASP A 415 -14.68 3.10 -56.72
N ASP A 416 -15.58 3.47 -57.61
CA ASP A 416 -17.00 3.12 -57.47
C ASP A 416 -17.25 1.62 -57.46
N ALA A 417 -16.39 0.86 -58.14
CA ALA A 417 -16.56 -0.59 -58.28
C ALA A 417 -16.41 -1.32 -56.94
N LYS A 418 -15.35 -1.02 -56.20
CA LYS A 418 -15.11 -1.66 -54.91
C LYS A 418 -16.09 -1.16 -53.83
N ILE A 419 -16.51 0.11 -53.94
CA ILE A 419 -17.55 0.63 -53.06
C ILE A 419 -18.83 -0.19 -53.24
N LYS A 420 -19.24 -0.35 -54.51
CA LYS A 420 -20.37 -1.24 -54.85
C LYS A 420 -20.22 -2.60 -54.20
N GLU A 421 -19.04 -3.19 -54.30
CA GLU A 421 -18.78 -4.53 -53.78
C GLU A 421 -18.86 -4.59 -52.26
N LEU A 422 -18.33 -3.57 -51.59
CA LEU A 422 -18.41 -3.49 -50.12
C LEU A 422 -19.86 -3.42 -49.66
N HIS A 423 -20.67 -2.61 -50.36
CA HIS A 423 -22.11 -2.56 -50.12
C HIS A 423 -22.78 -3.90 -50.39
N ALA A 424 -22.47 -4.48 -51.56
CA ALA A 424 -22.97 -5.80 -51.94
C ALA A 424 -22.58 -6.87 -50.91
N LYS A 425 -21.32 -6.83 -50.46
CA LYS A 425 -20.83 -7.76 -49.44
C LYS A 425 -21.34 -7.48 -48.02
N GLN A 426 -21.98 -6.34 -47.80
CA GLN A 426 -22.49 -5.93 -46.49
C GLN A 426 -21.37 -5.69 -45.47
N VAL A 427 -20.23 -5.19 -45.96
CA VAL A 427 -19.15 -4.71 -45.12
C VAL A 427 -19.48 -3.29 -44.64
N VAL A 428 -20.25 -2.59 -45.48
CA VAL A 428 -20.57 -1.19 -45.30
C VAL A 428 -22.09 -0.98 -45.45
N THR B 2 10.13 12.39 -21.97
CA THR B 2 9.65 13.79 -22.12
C THR B 2 8.18 13.88 -21.74
N LYS B 3 7.81 14.96 -21.06
CA LYS B 3 6.44 15.23 -20.68
C LYS B 3 5.85 16.25 -21.65
N PRO B 4 4.53 16.20 -21.87
CA PRO B 4 3.86 17.03 -22.89
C PRO B 4 4.15 18.53 -22.81
N LEU B 5 4.13 19.08 -21.60
CA LEU B 5 4.29 20.52 -21.44
C LEU B 5 5.67 20.93 -20.93
N ASP B 6 6.66 20.04 -21.04
CA ASP B 6 8.04 20.42 -20.76
CA ASP B 6 8.04 20.40 -20.77
C ASP B 6 8.40 21.62 -21.64
N GLY B 7 8.99 22.64 -21.02
CA GLY B 7 9.38 23.85 -21.75
C GLY B 7 8.29 24.91 -21.85
N ILE B 8 7.05 24.59 -21.47
CA ILE B 8 5.97 25.57 -21.46
C ILE B 8 6.05 26.41 -20.17
N ASN B 9 6.35 27.70 -20.34
CA ASN B 9 6.44 28.62 -19.23
CA ASN B 9 6.45 28.65 -19.22
C ASN B 9 5.08 29.26 -18.95
N VAL B 10 4.56 29.00 -17.75
CA VAL B 10 3.25 29.50 -17.35
C VAL B 10 3.41 30.60 -16.29
N LEU B 11 2.94 31.80 -16.63
CA LEU B 11 2.88 32.91 -15.69
C LEU B 11 1.50 32.86 -15.02
N ASP B 12 1.49 32.44 -13.77
CA ASP B 12 0.28 32.00 -13.10
C ASP B 12 -0.16 32.97 -11.99
N PHE B 13 -1.19 33.76 -12.28
CA PHE B 13 -1.75 34.74 -11.34
C PHE B 13 -2.88 34.14 -10.52
N THR B 14 -3.19 32.87 -10.74
CA THR B 14 -4.44 32.31 -10.21
C THR B 14 -4.41 32.07 -8.71
N HIS B 15 -5.60 32.06 -8.11
CA HIS B 15 -5.77 31.80 -6.70
C HIS B 15 -7.12 31.14 -6.47
N VAL B 16 -7.34 30.67 -5.25
CA VAL B 16 -8.53 29.87 -4.88
C VAL B 16 -8.44 28.48 -5.55
N GLN B 17 -9.45 28.06 -6.35
CA GLN B 17 -9.50 26.66 -6.83
C GLN B 17 -9.47 26.47 -8.35
N ALA B 18 -10.29 27.22 -9.07
CA ALA B 18 -10.48 26.95 -10.51
C ALA B 18 -9.21 27.17 -11.32
N GLY B 19 -8.65 28.38 -11.22
CA GLY B 19 -7.38 28.67 -11.89
C GLY B 19 -6.25 27.78 -11.40
N PRO B 20 -6.02 27.72 -10.07
CA PRO B 20 -4.95 26.84 -9.58
C PRO B 20 -5.04 25.35 -9.97
N ALA B 21 -6.24 24.79 -10.04
CA ALA B 21 -6.40 23.41 -10.50
C ALA B 21 -5.88 23.25 -11.94
N CYS B 22 -6.17 24.23 -12.80
CA CYS B 22 -5.71 24.25 -14.16
C CYS B 22 -4.18 24.26 -14.23
N THR B 23 -3.56 25.23 -13.57
CA THR B 23 -2.11 25.40 -13.66
C THR B 23 -1.37 24.25 -12.94
N GLN B 24 -1.94 23.72 -11.86
CA GLN B 24 -1.38 22.54 -11.21
C GLN B 24 -1.29 21.39 -12.18
N MET B 25 -2.40 21.11 -12.86
CA MET B 25 -2.49 19.98 -13.77
C MET B 25 -1.55 20.15 -14.96
N MET B 26 -1.41 21.39 -15.43
CA MET B 26 -0.37 21.72 -16.41
C MET B 26 1.03 21.40 -15.87
N GLY B 27 1.28 21.76 -14.61
CA GLY B 27 2.51 21.38 -13.91
C GLY B 27 2.76 19.88 -13.83
N PHE B 28 1.70 19.12 -13.55
CA PHE B 28 1.77 17.65 -13.54
C PHE B 28 2.19 17.11 -14.91
N LEU B 29 1.78 17.78 -15.98
CA LEU B 29 2.18 17.37 -17.32
C LEU B 29 3.48 18.04 -17.79
N GLY B 30 4.26 18.59 -16.86
CA GLY B 30 5.61 19.11 -17.13
C GLY B 30 5.80 20.60 -17.29
N ALA B 31 4.73 21.38 -17.23
CA ALA B 31 4.84 22.83 -17.41
C ALA B 31 5.67 23.48 -16.28
N ASN B 32 6.35 24.58 -16.63
CA ASN B 32 7.09 25.41 -15.69
C ASN B 32 6.16 26.50 -15.19
N VAL B 33 5.55 26.26 -14.03
CA VAL B 33 4.54 27.14 -13.48
C VAL B 33 5.14 28.05 -12.41
N ILE B 34 5.11 29.35 -12.71
CA ILE B 34 5.54 30.39 -11.80
C ILE B 34 4.31 31.10 -11.25
N LYS B 35 3.99 30.79 -9.99
CA LYS B 35 2.87 31.36 -9.29
C LYS B 35 3.21 32.74 -8.72
N ILE B 36 2.59 33.78 -9.28
CA ILE B 36 2.69 35.14 -8.79
C ILE B 36 1.71 35.33 -7.63
N GLU B 37 2.23 35.65 -6.47
CA GLU B 37 1.41 35.85 -5.28
C GLU B 37 1.57 37.25 -4.73
N ARG B 38 0.46 37.82 -4.26
CA ARG B 38 0.46 39.15 -3.65
C ARG B 38 1.42 39.15 -2.47
N ARG B 39 2.38 40.06 -2.52
CA ARG B 39 3.44 40.12 -1.53
C ARG B 39 2.85 40.24 -0.13
N GLY B 40 3.31 39.37 0.76
CA GLY B 40 2.95 39.44 2.17
C GLY B 40 1.82 38.51 2.61
N SER B 41 0.96 38.11 1.69
CA SER B 41 -0.21 37.30 2.02
C SER B 41 -0.33 36.07 1.09
N GLY B 42 -0.31 36.34 -0.21
CA GLY B 42 -0.43 35.31 -1.21
C GLY B 42 -1.81 34.71 -1.34
N ASP B 43 -1.86 33.54 -1.97
CA ASP B 43 -3.10 32.82 -2.26
C ASP B 43 -3.87 32.58 -0.97
N MET B 44 -5.12 33.02 -0.95
CA MET B 44 -6.01 32.90 0.21
CA MET B 44 -5.94 32.92 0.26
C MET B 44 -6.15 31.48 0.74
N THR B 45 -5.95 30.49 -0.14
CA THR B 45 -6.09 29.09 0.29
C THR B 45 -5.03 28.69 1.31
N ARG B 46 -3.89 29.38 1.31
CA ARG B 46 -2.84 29.08 2.29
C ARG B 46 -3.38 29.14 3.73
N GLY B 47 -4.24 30.12 4.01
CA GLY B 47 -4.77 30.31 5.35
C GLY B 47 -6.14 29.72 5.58
N GLN B 48 -6.70 29.04 4.58
CA GLN B 48 -8.08 28.56 4.64
C GLN B 48 -8.18 27.17 5.24
N LEU B 49 -8.84 27.07 6.39
CA LEU B 49 -9.10 25.80 7.07
C LEU B 49 -7.82 24.97 7.28
N GLN B 50 -6.81 25.64 7.82
CA GLN B 50 -5.55 24.99 8.16
C GLN B 50 -5.79 23.88 9.18
N ASP B 51 -5.02 22.82 9.08
CA ASP B 51 -5.05 21.74 10.07
C ASP B 51 -3.94 21.92 11.11
N LYS B 52 -2.93 22.73 10.80
CA LYS B 52 -1.87 23.09 11.75
C LYS B 52 -1.65 24.59 11.71
N PRO B 53 -1.60 25.24 12.90
CA PRO B 53 -1.37 26.68 12.91
C PRO B 53 -0.11 27.09 12.18
N ASN B 54 -0.23 28.15 11.38
CA ASN B 54 0.90 28.73 10.65
C ASN B 54 1.56 27.79 9.64
N VAL B 55 0.83 26.77 9.19
CA VAL B 55 1.31 25.90 8.11
C VAL B 55 0.28 25.99 6.97
N ASP B 56 0.77 26.07 5.75
CA ASP B 56 -0.11 26.12 4.59
C ASP B 56 -1.11 24.97 4.61
N SER B 57 -2.38 25.28 4.34
CA SER B 57 -3.47 24.34 4.48
C SER B 57 -3.42 23.27 3.39
N LEU B 58 -4.19 22.20 3.60
CA LEU B 58 -4.34 21.16 2.58
C LEU B 58 -5.06 21.66 1.31
N TYR B 59 -5.92 22.66 1.46
CA TYR B 59 -6.52 23.32 0.29
C TYR B 59 -5.40 23.84 -0.60
N PHE B 60 -4.48 24.57 0.00
CA PHE B 60 -3.34 25.09 -0.74
C PHE B 60 -2.45 23.99 -1.32
N THR B 61 -2.00 23.05 -0.50
CA THR B 61 -1.02 22.08 -0.98
C THR B 61 -1.61 21.15 -2.07
N MET B 62 -2.89 20.80 -1.96
CA MET B 62 -3.52 19.91 -2.94
C MET B 62 -3.87 20.58 -4.27
N PHE B 63 -3.77 21.90 -4.34
CA PHE B 63 -3.96 22.64 -5.59
C PHE B 63 -2.72 23.38 -6.11
N ASN B 64 -1.58 23.25 -5.43
CA ASN B 64 -0.40 24.03 -5.80
C ASN B 64 0.93 23.30 -5.77
N CYS B 65 0.86 21.97 -5.90
CA CYS B 65 2.04 21.16 -6.22
C CYS B 65 2.55 21.49 -7.62
N ASN B 66 3.82 21.22 -7.84
CA ASN B 66 4.49 21.47 -9.12
C ASN B 66 4.41 22.94 -9.56
N LYS B 67 4.58 23.84 -8.60
CA LYS B 67 4.60 25.27 -8.85
C LYS B 67 5.72 25.88 -8.01
N ARG B 68 6.26 26.99 -8.51
CA ARG B 68 7.16 27.84 -7.74
C ARG B 68 6.43 29.14 -7.42
N SER B 69 6.74 29.71 -6.25
CA SER B 69 6.10 30.93 -5.76
C SER B 69 7.07 32.11 -5.80
N ILE B 70 6.64 33.22 -6.41
CA ILE B 70 7.31 34.51 -6.29
C ILE B 70 6.30 35.51 -5.72
N GLU B 71 6.75 36.31 -4.76
CA GLU B 71 5.94 37.42 -4.24
C GLU B 71 6.19 38.65 -5.08
N LEU B 72 5.12 39.39 -5.34
CA LEU B 72 5.19 40.59 -6.16
C LEU B 72 4.12 41.57 -5.72
N ASP B 73 4.53 42.82 -5.51
CA ASP B 73 3.57 43.91 -5.32
C ASP B 73 3.34 44.50 -6.72
N MET B 74 2.20 44.16 -7.31
CA MET B 74 1.93 44.49 -8.70
C MET B 74 1.44 45.93 -8.87
N LYS B 75 1.08 46.58 -7.77
CA LYS B 75 0.68 48.00 -7.85
C LYS B 75 1.87 48.96 -7.68
N THR B 76 3.08 48.42 -7.63
CA THR B 76 4.30 49.24 -7.74
C THR B 76 4.74 49.28 -9.20
N PRO B 77 5.42 50.38 -9.60
CA PRO B 77 5.93 50.46 -10.98
C PRO B 77 7.02 49.42 -11.28
N GLU B 78 7.81 49.07 -10.26
CA GLU B 78 8.86 48.06 -10.38
C GLU B 78 8.27 46.66 -10.57
N GLY B 79 7.17 46.39 -9.87
CA GLY B 79 6.43 45.14 -10.02
C GLY B 79 5.87 44.97 -11.42
N LYS B 80 5.31 46.04 -11.97
CA LYS B 80 4.77 46.02 -13.33
C LYS B 80 5.87 45.77 -14.37
N GLU B 81 7.04 46.35 -14.17
CA GLU B 81 8.18 46.13 -15.06
C GLU B 81 8.62 44.67 -15.05
N LEU B 82 8.74 44.10 -13.85
CA LEU B 82 9.08 42.68 -13.70
C LEU B 82 8.08 41.79 -14.42
N LEU B 83 6.80 42.12 -14.29
CA LEU B 83 5.72 41.41 -14.98
C LEU B 83 5.89 41.48 -16.50
N GLU B 84 6.24 42.65 -17.03
CA GLU B 84 6.51 42.79 -18.47
C GLU B 84 7.64 41.87 -18.93
N GLN B 85 8.73 41.79 -18.15
CA GLN B 85 9.85 40.89 -18.45
C GLN B 85 9.40 39.42 -18.44
N MET B 86 8.60 39.06 -17.44
CA MET B 86 8.10 37.70 -17.31
C MET B 86 7.13 37.34 -18.42
N ILE B 87 6.28 38.29 -18.83
CA ILE B 87 5.36 38.09 -19.95
C ILE B 87 6.10 37.77 -21.26
N LYS B 88 7.27 38.38 -21.46
CA LYS B 88 8.09 38.12 -22.65
C LYS B 88 8.71 36.72 -22.69
N LYS B 89 8.81 36.05 -21.55
CA LYS B 89 9.33 34.68 -21.50
C LYS B 89 8.22 33.63 -21.31
N ALA B 90 6.98 34.08 -21.18
CA ALA B 90 5.85 33.21 -20.90
C ALA B 90 5.23 32.67 -22.19
N ASP B 91 4.75 31.43 -22.12
CA ASP B 91 3.94 30.83 -23.17
C ASP B 91 2.46 31.05 -22.87
N VAL B 92 2.10 30.96 -21.58
CA VAL B 92 0.72 31.08 -21.15
C VAL B 92 0.63 31.94 -19.88
N MET B 93 -0.29 32.89 -19.87
CA MET B 93 -0.67 33.61 -18.66
C MET B 93 -2.04 33.12 -18.25
N VAL B 94 -2.21 32.79 -16.98
CA VAL B 94 -3.50 32.32 -16.46
C VAL B 94 -3.95 33.18 -15.28
N GLU B 95 -5.23 33.56 -15.28
CA GLU B 95 -5.77 34.42 -14.22
C GLU B 95 -7.24 34.12 -13.97
N ASN B 96 -7.68 34.40 -12.75
CA ASN B 96 -9.08 34.32 -12.39
C ASN B 96 -9.49 35.50 -11.51
N PHE B 97 -8.92 36.67 -11.78
CA PHE B 97 -9.31 37.90 -11.09
C PHE B 97 -10.74 38.26 -11.49
N GLY B 98 -11.28 39.30 -10.88
CA GLY B 98 -12.60 39.76 -11.26
C GLY B 98 -12.61 40.33 -12.67
N PRO B 99 -13.80 40.54 -13.24
CA PRO B 99 -13.89 41.13 -14.58
C PRO B 99 -13.19 42.50 -14.66
N GLY B 100 -12.34 42.66 -15.68
CA GLY B 100 -11.57 43.90 -15.88
C GLY B 100 -10.34 44.08 -14.99
N ALA B 101 -10.14 43.19 -14.02
CA ALA B 101 -9.09 43.38 -13.00
C ALA B 101 -7.68 43.43 -13.56
N LEU B 102 -7.37 42.52 -14.50
CA LEU B 102 -6.05 42.50 -15.15
C LEU B 102 -5.82 43.74 -16.04
N ASP B 103 -6.87 44.22 -16.70
CA ASP B 103 -6.81 45.47 -17.46
C ASP B 103 -6.38 46.63 -16.56
N ARG B 104 -7.03 46.71 -15.40
CA ARG B 104 -6.78 47.78 -14.43
C ARG B 104 -5.38 47.69 -13.84
N MET B 105 -4.86 46.46 -13.73
CA MET B 105 -3.48 46.23 -13.30
C MET B 105 -2.45 46.76 -14.31
N GLY B 106 -2.90 47.10 -15.52
CA GLY B 106 -2.04 47.68 -16.56
C GLY B 106 -1.73 46.75 -17.72
N PHE B 107 -2.47 45.64 -17.83
CA PHE B 107 -2.19 44.61 -18.84
C PHE B 107 -3.45 44.15 -19.59
N THR B 108 -3.92 45.01 -20.48
CA THR B 108 -4.98 44.64 -21.42
C THR B 108 -4.44 43.58 -22.38
N TRP B 109 -5.34 42.84 -23.00
CA TRP B 109 -4.95 41.84 -23.99
C TRP B 109 -4.13 42.50 -25.10
N GLU B 110 -4.52 43.71 -25.49
CA GLU B 110 -3.84 44.43 -26.56
C GLU B 110 -2.39 44.77 -26.17
N TYR B 111 -2.20 45.25 -24.95
CA TYR B 111 -0.85 45.51 -24.44
C TYR B 111 -0.04 44.22 -24.34
N ILE B 112 -0.67 43.16 -23.84
CA ILE B 112 -0.03 41.85 -23.71
C ILE B 112 0.51 41.33 -25.06
N GLN B 113 -0.29 41.46 -26.11
CA GLN B 113 0.12 41.03 -27.46
C GLN B 113 1.33 41.81 -27.97
N GLU B 114 1.38 43.09 -27.63
CA GLU B 114 2.52 43.93 -27.98
C GLU B 114 3.76 43.43 -27.27
N LEU B 115 3.63 43.15 -25.96
CA LEU B 115 4.74 42.62 -25.16
C LEU B 115 5.25 41.29 -25.69
N ASN B 116 4.33 40.38 -26.02
CA ASN B 116 4.70 39.04 -26.50
C ASN B 116 3.63 38.51 -27.44
N PRO B 117 3.91 38.53 -28.76
CA PRO B 117 2.92 38.07 -29.74
C PRO B 117 2.57 36.57 -29.67
N ARG B 118 3.37 35.80 -28.95
CA ARG B 118 3.16 34.35 -28.84
C ARG B 118 2.42 33.92 -27.59
N VAL B 119 2.25 34.82 -26.62
CA VAL B 119 1.69 34.44 -25.34
C VAL B 119 0.18 34.25 -25.42
N ILE B 120 -0.28 33.24 -24.71
CA ILE B 120 -1.69 32.89 -24.62
C ILE B 120 -2.19 33.45 -23.29
N LEU B 121 -3.29 34.20 -23.32
CA LEU B 121 -3.94 34.69 -22.10
C LEU B 121 -5.20 33.85 -21.81
N ALA B 122 -5.21 33.17 -20.66
CA ALA B 122 -6.29 32.25 -20.29
C ALA B 122 -6.96 32.73 -18.99
N SER B 123 -8.29 32.83 -19.01
CA SER B 123 -9.03 33.38 -17.86
C SER B 123 -10.18 32.48 -17.44
N VAL B 124 -10.37 32.34 -16.13
CA VAL B 124 -11.61 31.84 -15.57
C VAL B 124 -12.51 33.02 -15.23
N LYS B 125 -13.75 32.96 -15.70
CA LYS B 125 -14.76 33.97 -15.42
C LYS B 125 -15.99 33.32 -14.79
N GLY B 126 -16.87 34.12 -14.18
CA GLY B 126 -18.12 33.60 -13.62
C GLY B 126 -19.13 33.35 -14.71
N TYR B 127 -19.46 34.42 -15.42
CA TYR B 127 -20.29 34.39 -16.60
C TYR B 127 -19.46 34.83 -17.82
N ALA B 128 -19.86 34.38 -19.00
CA ALA B 128 -19.11 34.71 -20.21
C ALA B 128 -19.17 36.21 -20.51
N GLU B 129 -18.12 36.68 -21.15
CA GLU B 129 -18.07 38.06 -21.60
C GLU B 129 -19.22 38.30 -22.59
N GLY B 130 -19.98 39.38 -22.37
CA GLY B 130 -21.15 39.70 -23.18
C GLY B 130 -22.46 39.28 -22.52
N HIS B 131 -22.37 38.39 -21.53
CA HIS B 131 -23.54 37.95 -20.75
C HIS B 131 -24.15 39.13 -19.97
N ALA B 132 -25.47 39.13 -19.82
CA ALA B 132 -26.16 40.13 -18.97
C ALA B 132 -25.61 40.16 -17.53
N ASN B 133 -25.16 39.00 -17.05
CA ASN B 133 -24.60 38.86 -15.71
C ASN B 133 -23.07 38.78 -15.68
N GLU B 134 -22.43 39.27 -16.73
CA GLU B 134 -20.97 39.24 -16.86
C GLU B 134 -20.23 39.77 -15.61
N HIS B 135 -20.89 40.66 -14.87
CA HIS B 135 -20.20 41.31 -13.75
CA HIS B 135 -20.34 41.40 -13.73
C HIS B 135 -20.53 40.73 -12.36
N LEU B 136 -21.33 39.66 -12.32
CA LEU B 136 -21.62 38.99 -11.05
C LEU B 136 -20.43 38.14 -10.58
N LYS B 137 -20.23 38.12 -9.27
CA LYS B 137 -19.18 37.32 -8.64
C LYS B 137 -19.71 35.91 -8.46
N VAL B 138 -18.91 34.93 -8.88
CA VAL B 138 -19.34 33.55 -8.87
C VAL B 138 -18.24 32.66 -8.30
N TYR B 139 -18.62 31.87 -7.31
CA TYR B 139 -17.77 30.79 -6.82
C TYR B 139 -18.57 29.51 -6.81
N GLU B 140 -17.84 28.40 -6.80
CA GLU B 140 -18.36 27.03 -6.83
C GLU B 140 -19.88 26.86 -6.91
N ASN B 141 -20.57 26.91 -5.77
CA ASN B 141 -21.98 26.55 -5.73
C ASN B 141 -22.90 27.56 -6.42
N VAL B 142 -22.44 28.81 -6.51
CA VAL B 142 -23.19 29.82 -7.27
C VAL B 142 -23.19 29.42 -8.76
N ALA B 143 -22.06 28.91 -9.24
CA ALA B 143 -21.94 28.42 -10.63
C ALA B 143 -22.78 27.16 -10.87
N GLN B 144 -22.79 26.25 -9.91
CA GLN B 144 -23.67 25.06 -9.98
C GLN B 144 -25.14 25.47 -10.10
N CYS B 145 -25.50 26.55 -9.42
CA CYS B 145 -26.85 27.09 -9.48
C CYS B 145 -27.14 27.76 -10.82
N SER B 146 -26.20 28.56 -11.31
CA SER B 146 -26.35 29.31 -12.56
C SER B 146 -26.36 28.40 -13.81
N GLY B 147 -25.72 27.23 -13.71
CA GLY B 147 -25.51 26.34 -14.86
C GLY B 147 -26.50 25.21 -15.02
N GLY B 148 -27.48 25.14 -14.14
CA GLY B 148 -28.56 24.15 -14.24
C GLY B 148 -28.41 22.91 -13.39
N ALA B 149 -27.24 22.70 -12.79
CA ALA B 149 -26.98 21.51 -11.99
C ALA B 149 -27.80 21.44 -10.70
N ALA B 150 -27.83 22.53 -9.93
CA ALA B 150 -28.59 22.56 -8.68
C ALA B 150 -30.07 22.28 -8.92
N ALA B 151 -30.64 22.91 -9.95
CA ALA B 151 -32.05 22.72 -10.28
C ALA B 151 -32.46 21.27 -10.57
N THR B 152 -31.53 20.47 -11.07
CA THR B 152 -31.78 19.12 -11.53
C THR B 152 -31.07 18.06 -10.68
N THR B 153 -30.58 18.46 -9.51
CA THR B 153 -29.87 17.56 -8.61
C THR B 153 -30.61 17.55 -7.27
N GLY B 154 -30.83 16.36 -6.71
CA GLY B 154 -31.58 16.21 -5.47
C GLY B 154 -32.92 15.57 -5.73
N PHE B 155 -33.91 15.87 -4.87
CA PHE B 155 -35.19 15.22 -4.90
C PHE B 155 -36.33 16.19 -5.23
N TRP B 156 -37.39 15.66 -5.83
CA TRP B 156 -38.59 16.44 -6.20
C TRP B 156 -39.27 17.12 -4.99
N ASP B 157 -39.10 16.53 -3.81
CA ASP B 157 -39.71 17.07 -2.59
C ASP B 157 -38.68 17.73 -1.64
N GLY B 158 -37.51 18.06 -2.18
CA GLY B 158 -36.48 18.79 -1.45
C GLY B 158 -35.97 19.97 -2.27
N PRO B 159 -34.95 20.68 -1.76
CA PRO B 159 -34.45 21.84 -2.47
C PRO B 159 -33.50 21.48 -3.63
N PRO B 160 -33.19 22.49 -4.48
CA PRO B 160 -32.07 22.36 -5.39
C PRO B 160 -30.83 21.97 -4.55
N THR B 161 -29.98 21.09 -5.09
CA THR B 161 -28.91 20.51 -4.31
C THR B 161 -27.57 20.60 -5.03
N VAL B 162 -26.55 21.02 -4.30
CA VAL B 162 -25.20 21.15 -4.85
C VAL B 162 -24.54 19.76 -4.88
N SER B 163 -23.68 19.55 -5.88
CA SER B 163 -22.82 18.38 -5.93
C SER B 163 -21.60 18.59 -5.02
N GLY B 164 -21.19 17.53 -4.31
CA GLY B 164 -19.90 17.50 -3.63
C GLY B 164 -18.71 17.64 -4.56
N ALA B 165 -18.86 17.19 -5.80
CA ALA B 165 -17.86 17.43 -6.85
C ALA B 165 -17.82 18.91 -7.22
N ALA B 166 -16.61 19.40 -7.48
CA ALA B 166 -16.37 20.80 -7.82
C ALA B 166 -16.75 21.09 -9.28
N LEU B 167 -18.05 21.09 -9.54
CA LEU B 167 -18.61 21.36 -10.88
C LEU B 167 -18.35 22.78 -11.33
N GLY B 168 -18.27 23.69 -10.36
CA GLY B 168 -17.96 25.07 -10.63
C GLY B 168 -16.48 25.29 -10.79
N ASP B 169 -15.69 24.96 -9.77
CA ASP B 169 -14.28 25.38 -9.72
C ASP B 169 -13.33 24.47 -10.53
N SER B 170 -13.00 23.29 -10.02
CA SER B 170 -12.06 22.40 -10.71
C SER B 170 -12.51 22.06 -12.14
N ASN B 171 -13.82 21.83 -12.33
CA ASN B 171 -14.37 21.58 -13.65
C ASN B 171 -14.06 22.73 -14.62
N SER B 172 -14.25 23.96 -14.17
CA SER B 172 -13.95 25.15 -15.01
C SER B 172 -12.46 25.19 -15.30
N GLY B 173 -11.65 24.82 -14.31
CA GLY B 173 -10.20 24.75 -14.46
C GLY B 173 -9.77 23.73 -15.49
N MET B 174 -10.42 22.57 -15.48
CA MET B 174 -10.13 21.52 -16.47
C MET B 174 -10.56 21.95 -17.85
N HIS B 175 -11.71 22.62 -17.94
CA HIS B 175 -12.16 23.19 -19.22
C HIS B 175 -11.18 24.24 -19.73
N LEU B 176 -10.66 25.07 -18.84
CA LEU B 176 -9.68 26.07 -19.24
C LEU B 176 -8.41 25.43 -19.78
N MET B 177 -7.99 24.31 -19.17
CA MET B 177 -6.86 23.55 -19.67
C MET B 177 -7.05 23.08 -21.11
N ILE B 178 -8.25 22.59 -21.44
CA ILE B 178 -8.60 22.25 -22.83
C ILE B 178 -8.40 23.48 -23.74
N GLY B 179 -8.89 24.64 -23.29
CA GLY B 179 -8.78 25.87 -24.08
C GLY B 179 -7.33 26.31 -24.29
N ILE B 180 -6.52 26.18 -23.24
CA ILE B 180 -5.10 26.52 -23.31
C ILE B 180 -4.36 25.58 -24.29
N LEU B 181 -4.60 24.28 -24.16
CA LEU B 181 -3.95 23.29 -25.05
C LEU B 181 -4.38 23.48 -26.51
N ALA B 182 -5.66 23.78 -26.71
CA ALA B 182 -6.18 24.13 -28.01
C ALA B 182 -5.47 25.36 -28.59
N ALA B 183 -5.23 26.36 -27.74
CA ALA B 183 -4.52 27.58 -28.13
C ALA B 183 -3.05 27.29 -28.46
N LEU B 184 -2.45 26.36 -27.74
CA LEU B 184 -1.11 25.85 -28.08
C LEU B 184 -1.10 25.15 -29.44
N GLU B 185 -2.11 24.30 -29.70
CA GLU B 185 -2.24 23.62 -31.00
C GLU B 185 -2.26 24.60 -32.16
N ILE B 186 -3.08 25.64 -32.03
CA ILE B 186 -3.23 26.60 -33.11
C ILE B 186 -1.99 27.50 -33.27
N ARG B 187 -1.28 27.76 -32.17
CA ARG B 187 -0.05 28.56 -32.22
C ARG B 187 1.06 27.91 -33.04
N HIS B 188 1.09 26.58 -33.10
CA HIS B 188 2.01 25.87 -33.98
C HIS B 188 1.77 26.22 -35.45
N LYS B 189 0.51 26.53 -35.78
CA LYS B 189 0.13 26.93 -37.12
C LYS B 189 0.35 28.42 -37.37
N THR B 190 -0.21 29.25 -36.48
CA THR B 190 -0.24 30.69 -36.68
C THR B 190 1.03 31.43 -36.19
N GLY B 191 1.75 30.82 -35.25
CA GLY B 191 2.85 31.50 -34.56
C GLY B 191 2.39 32.58 -33.59
N ARG B 192 1.08 32.69 -33.37
CA ARG B 192 0.51 33.74 -32.52
C ARG B 192 -0.28 33.13 -31.37
N GLY B 193 -0.20 33.77 -30.20
CA GLY B 193 -1.01 33.40 -29.05
C GLY B 193 -2.42 33.94 -29.20
N GLN B 194 -3.35 33.39 -28.43
CA GLN B 194 -4.73 33.85 -28.43
C GLN B 194 -5.21 34.11 -27.02
N LYS B 195 -6.39 34.73 -26.93
CA LYS B 195 -7.07 34.91 -25.65
C LYS B 195 -8.11 33.79 -25.55
N VAL B 196 -8.11 33.07 -24.43
CA VAL B 196 -9.12 32.02 -24.21
C VAL B 196 -9.73 32.20 -22.82
N ALA B 197 -11.05 32.01 -22.71
CA ALA B 197 -11.74 32.19 -21.44
C ALA B 197 -12.81 31.13 -21.28
N VAL B 198 -12.99 30.67 -20.06
CA VAL B 198 -14.05 29.74 -19.72
C VAL B 198 -14.85 30.35 -18.58
N ALA B 199 -16.17 30.42 -18.76
CA ALA B 199 -17.05 30.87 -17.71
C ALA B 199 -17.49 29.65 -16.93
N MET B 200 -17.52 29.79 -15.61
CA MET B 200 -17.97 28.72 -14.73
C MET B 200 -19.40 28.28 -15.07
N GLN B 201 -20.30 29.21 -15.39
CA GLN B 201 -21.64 28.82 -15.83
C GLN B 201 -21.58 27.83 -17.00
N ASP B 202 -20.73 28.14 -17.98
CA ASP B 202 -20.63 27.39 -19.21
C ASP B 202 -19.99 25.98 -19.00
N ALA B 203 -19.01 25.92 -18.10
CA ALA B 203 -18.38 24.64 -17.74
C ALA B 203 -19.42 23.74 -17.08
N VAL B 204 -20.24 24.31 -16.22
CA VAL B 204 -21.33 23.59 -15.59
C VAL B 204 -22.38 23.16 -16.63
N LEU B 205 -22.82 24.09 -17.47
CA LEU B 205 -23.83 23.75 -18.48
C LEU B 205 -23.35 22.62 -19.40
N ASN B 206 -22.07 22.63 -19.72
CA ASN B 206 -21.51 21.57 -20.56
C ASN B 206 -21.73 20.18 -19.94
N LEU B 207 -21.56 20.08 -18.61
CA LEU B 207 -21.76 18.80 -17.94
C LEU B 207 -23.24 18.48 -17.75
N VAL B 208 -24.11 19.47 -17.83
CA VAL B 208 -25.55 19.22 -17.74
C VAL B 208 -26.25 19.22 -19.12
N ARG B 209 -25.46 19.00 -20.17
CA ARG B 209 -25.97 18.85 -21.54
C ARG B 209 -27.20 17.92 -21.59
N ILE B 210 -27.13 16.78 -20.90
CA ILE B 210 -28.25 15.83 -20.86
CA ILE B 210 -28.25 15.82 -20.82
C ILE B 210 -29.54 16.42 -20.28
N LYS B 211 -29.44 17.40 -19.38
CA LYS B 211 -30.64 18.03 -18.83
C LYS B 211 -31.23 19.04 -19.83
N LEU B 212 -30.41 19.58 -20.72
CA LEU B 212 -30.91 20.43 -21.81
C LEU B 212 -31.58 19.56 -22.90
N ARG B 213 -31.05 18.35 -23.10
CA ARG B 213 -31.74 17.29 -23.86
C ARG B 213 -33.14 17.09 -23.28
N ASP B 214 -33.20 16.88 -21.97
CA ASP B 214 -34.46 16.61 -21.29
C ASP B 214 -35.44 17.79 -21.37
N GLN B 215 -34.93 19.01 -21.26
CA GLN B 215 -35.79 20.19 -21.33
C GLN B 215 -36.50 20.27 -22.68
N GLN B 216 -35.77 19.97 -23.74
CA GLN B 216 -36.33 19.93 -25.10
C GLN B 216 -37.33 18.80 -25.25
N ARG B 217 -37.00 17.61 -24.74
CA ARG B 217 -37.92 16.48 -24.77
C ARG B 217 -39.21 16.83 -24.05
N LEU B 218 -39.08 17.48 -22.90
CA LEU B 218 -40.21 17.87 -22.08
C LEU B 218 -41.09 18.92 -22.79
N GLU B 219 -40.45 19.88 -23.45
CA GLU B 219 -41.19 20.90 -24.18
C GLU B 219 -41.91 20.31 -25.41
N ARG B 220 -41.27 19.35 -26.06
CA ARG B 220 -41.80 18.74 -27.28
C ARG B 220 -42.87 17.69 -27.03
N THR B 221 -42.80 17.00 -25.90
CA THR B 221 -43.64 15.83 -25.64
C THR B 221 -44.50 15.88 -24.39
N GLY B 222 -44.19 16.81 -23.47
CA GLY B 222 -44.91 16.92 -22.21
C GLY B 222 -44.60 15.88 -21.14
N ILE B 223 -43.59 15.04 -21.37
CA ILE B 223 -43.27 13.96 -20.44
C ILE B 223 -41.83 13.50 -20.59
N LEU B 224 -41.27 13.02 -19.48
CA LEU B 224 -39.98 12.32 -19.48
C LEU B 224 -40.25 10.97 -18.82
N ALA B 225 -40.43 9.95 -19.66
CA ALA B 225 -40.99 8.67 -19.22
C ALA B 225 -40.08 7.90 -18.27
N GLU B 226 -38.78 8.17 -18.31
CA GLU B 226 -37.81 7.49 -17.45
C GLU B 226 -37.67 8.16 -16.06
N TYR B 227 -38.29 9.32 -15.87
CA TYR B 227 -38.24 10.05 -14.59
C TYR B 227 -39.23 9.46 -13.58
N PRO B 228 -38.91 9.57 -12.27
CA PRO B 228 -39.82 9.09 -11.22
C PRO B 228 -41.23 9.68 -11.29
N GLN B 229 -41.34 10.92 -11.77
CA GLN B 229 -42.64 11.61 -11.85
C GLN B 229 -43.58 11.02 -12.91
N ALA B 230 -43.02 10.26 -13.84
CA ALA B 230 -43.80 9.57 -14.86
C ALA B 230 -44.41 8.25 -14.37
N GLN B 231 -44.02 7.78 -13.19
CA GLN B 231 -44.72 6.67 -12.54
C GLN B 231 -45.94 7.25 -11.85
N PRO B 232 -47.16 6.88 -12.29
CA PRO B 232 -48.33 7.47 -11.65
C PRO B 232 -48.41 7.17 -10.15
N ASN B 233 -48.79 8.18 -9.37
CA ASN B 233 -49.00 8.03 -7.91
C ASN B 233 -47.78 7.63 -7.09
N PHE B 234 -46.57 7.93 -7.57
CA PHE B 234 -45.34 7.58 -6.83
C PHE B 234 -44.73 8.77 -6.11
N ALA B 235 -44.29 9.76 -6.89
CA ALA B 235 -43.69 10.96 -6.31
C ALA B 235 -44.81 11.81 -5.75
N PHE B 236 -44.60 12.36 -4.55
CA PHE B 236 -45.61 13.16 -3.89
C PHE B 236 -45.09 14.54 -3.55
N ASP B 237 -46.03 15.48 -3.42
CA ASP B 237 -45.71 16.90 -3.31
C ASP B 237 -45.69 17.39 -1.85
N ARG B 238 -45.95 18.69 -1.64
CA ARG B 238 -45.82 19.33 -0.33
C ARG B 238 -46.93 18.94 0.64
N ASP B 239 -48.15 18.78 0.12
CA ASP B 239 -49.29 18.33 0.91
C ASP B 239 -49.48 16.80 0.87
N GLY B 240 -48.90 16.15 -0.14
CA GLY B 240 -48.89 14.68 -0.24
C GLY B 240 -49.71 14.08 -1.37
N ASN B 241 -49.82 14.79 -2.50
CA ASN B 241 -50.56 14.31 -3.67
C ASN B 241 -49.65 13.80 -4.79
N PRO B 242 -50.15 12.88 -5.65
CA PRO B 242 -49.39 12.28 -6.75
C PRO B 242 -48.76 13.31 -7.71
N LEU B 243 -47.47 13.12 -8.02
CA LEU B 243 -46.79 13.96 -9.00
C LEU B 243 -46.95 13.38 -10.40
N SER B 244 -46.97 14.29 -11.37
CA SER B 244 -47.03 13.91 -12.77
C SER B 244 -46.45 15.06 -13.59
N PHE B 245 -46.13 14.77 -14.84
CA PHE B 245 -45.60 15.79 -15.74
C PHE B 245 -46.69 16.74 -16.29
N ASP B 246 -47.96 16.50 -15.92
CA ASP B 246 -49.08 17.39 -16.27
C ASP B 246 -48.76 18.86 -16.05
N ASN B 247 -48.16 19.14 -14.89
CA ASN B 247 -47.88 20.51 -14.45
C ASN B 247 -46.38 20.84 -14.36
N ILE B 248 -45.53 20.00 -14.93
CA ILE B 248 -44.07 20.22 -14.92
C ILE B 248 -43.63 20.72 -16.28
N THR B 249 -43.08 21.93 -16.32
CA THR B 249 -42.64 22.56 -17.57
C THR B 249 -41.12 22.75 -17.65
N SER B 250 -40.43 22.50 -16.54
CA SER B 250 -38.96 22.57 -16.50
C SER B 250 -38.43 21.29 -15.85
N VAL B 251 -37.30 20.79 -16.36
CA VAL B 251 -36.73 19.52 -15.92
C VAL B 251 -36.69 19.49 -14.40
N PRO B 252 -37.36 18.51 -13.78
CA PRO B 252 -37.40 18.42 -12.33
C PRO B 252 -36.25 17.59 -11.76
N ARG B 253 -36.14 17.62 -10.44
CA ARG B 253 -35.22 16.75 -9.72
C ARG B 253 -35.76 15.32 -9.72
N GLY B 254 -34.90 14.36 -10.07
CA GLY B 254 -35.30 12.96 -10.16
C GLY B 254 -34.72 12.03 -9.10
N GLY B 255 -34.26 12.58 -7.99
CA GLY B 255 -33.62 11.77 -6.94
C GLY B 255 -32.45 10.97 -7.48
N ASN B 256 -32.47 9.66 -7.28
CA ASN B 256 -31.36 8.80 -7.71
C ASN B 256 -31.59 8.05 -9.04
N ALA B 257 -32.41 8.66 -9.90
CA ALA B 257 -32.68 8.11 -11.23
C ALA B 257 -31.45 8.10 -12.14
N GLY B 258 -31.54 7.35 -13.23
CA GLY B 258 -30.40 7.05 -14.10
C GLY B 258 -29.69 8.17 -14.84
N GLY B 259 -30.39 9.27 -15.13
CA GLY B 259 -29.79 10.38 -15.87
C GLY B 259 -29.44 10.00 -17.30
N GLY B 260 -28.18 10.17 -17.68
CA GLY B 260 -27.67 9.70 -18.99
C GLY B 260 -27.52 8.18 -19.10
N GLY B 261 -27.53 7.49 -17.96
CA GLY B 261 -27.52 6.03 -17.97
C GLY B 261 -28.94 5.49 -18.09
N GLN B 262 -29.07 4.18 -18.20
CA GLN B 262 -30.39 3.54 -18.19
C GLN B 262 -30.98 3.63 -16.78
N PRO B 263 -32.27 3.27 -16.61
CA PRO B 263 -32.91 3.43 -15.32
C PRO B 263 -32.17 2.72 -14.18
N GLY B 264 -32.00 3.43 -13.07
CA GLY B 264 -31.37 2.87 -11.88
C GLY B 264 -31.84 3.57 -10.63
N TRP B 265 -31.31 3.12 -9.49
CA TRP B 265 -31.59 3.74 -8.21
C TRP B 265 -30.50 3.39 -7.18
N MET B 266 -30.47 4.16 -6.11
CA MET B 266 -29.51 3.97 -5.01
C MET B 266 -30.16 3.10 -3.98
N LEU B 267 -29.60 1.91 -3.77
CA LEU B 267 -30.20 0.89 -2.93
C LEU B 267 -29.37 0.60 -1.68
N LYS B 268 -30.04 0.60 -0.54
CA LYS B 268 -29.41 0.35 0.75
C LYS B 268 -28.79 -1.04 0.82
N CYS B 269 -27.66 -1.12 1.51
CA CYS B 269 -27.03 -2.40 1.81
C CYS B 269 -26.92 -2.52 3.31
N LYS B 270 -26.43 -3.66 3.78
CA LYS B 270 -26.32 -3.92 5.22
C LYS B 270 -25.56 -2.82 5.95
N GLY B 271 -26.13 -2.32 7.03
CA GLY B 271 -25.49 -1.32 7.87
C GLY B 271 -25.84 0.12 7.53
N TRP B 272 -26.67 0.33 6.51
CA TRP B 272 -27.03 1.68 6.05
C TRP B 272 -27.49 2.61 7.19
N GLU B 273 -28.11 2.06 8.23
CA GLU B 273 -28.58 2.85 9.37
C GLU B 273 -27.46 3.61 10.09
N THR B 274 -26.27 3.01 10.15
CA THR B 274 -25.13 3.58 10.86
C THR B 274 -23.93 3.89 9.97
N ASP B 275 -24.01 3.54 8.69
CA ASP B 275 -22.96 3.82 7.72
C ASP B 275 -23.62 4.54 6.53
N ALA B 276 -23.40 5.84 6.44
CA ALA B 276 -24.04 6.66 5.42
C ALA B 276 -23.69 6.25 3.99
N ASP B 277 -22.65 5.45 3.81
CA ASP B 277 -22.21 5.06 2.45
C ASP B 277 -22.42 3.57 2.14
N SER B 278 -23.24 2.89 2.93
CA SER B 278 -23.53 1.48 2.67
C SER B 278 -24.68 1.34 1.67
N TYR B 279 -24.37 1.63 0.42
CA TYR B 279 -25.31 1.61 -0.69
C TYR B 279 -24.61 1.11 -1.95
N VAL B 280 -25.41 0.60 -2.88
CA VAL B 280 -24.95 0.36 -4.23
C VAL B 280 -25.87 1.13 -5.18
N TYR B 281 -25.35 1.43 -6.37
CA TYR B 281 -26.20 1.89 -7.45
C TYR B 281 -26.51 0.70 -8.36
N PHE B 282 -27.80 0.45 -8.58
CA PHE B 282 -28.28 -0.72 -9.32
C PHE B 282 -29.07 -0.24 -10.54
N THR B 283 -28.60 -0.63 -11.72
CA THR B 283 -29.25 -0.22 -12.96
C THR B 283 -30.09 -1.37 -13.53
N ILE B 284 -31.30 -1.03 -13.97
CA ILE B 284 -32.15 -1.99 -14.67
C ILE B 284 -32.00 -1.70 -16.17
N ALA B 285 -30.92 -2.22 -16.74
CA ALA B 285 -30.68 -2.15 -18.17
C ALA B 285 -31.69 -3.09 -18.84
N ALA B 286 -32.14 -2.71 -20.04
CA ALA B 286 -33.27 -3.38 -20.69
C ALA B 286 -32.94 -4.82 -21.05
N ASN B 287 -31.82 -5.02 -21.75
CA ASN B 287 -31.40 -6.36 -22.19
C ASN B 287 -30.91 -7.28 -21.05
N MET B 288 -30.58 -6.70 -19.90
CA MET B 288 -30.11 -7.48 -18.74
C MET B 288 -31.28 -8.00 -17.90
N TRP B 289 -32.51 -7.76 -18.36
CA TRP B 289 -33.70 -8.06 -17.54
C TRP B 289 -33.82 -9.52 -17.08
N PRO B 290 -33.56 -10.49 -17.98
CA PRO B 290 -33.59 -11.90 -17.56
C PRO B 290 -32.63 -12.23 -16.41
N GLN B 291 -31.40 -11.71 -16.49
CA GLN B 291 -30.39 -11.93 -15.45
C GLN B 291 -30.82 -11.36 -14.10
N ILE B 292 -31.53 -10.24 -14.13
CA ILE B 292 -32.05 -9.59 -12.93
C ILE B 292 -33.15 -10.45 -12.32
N CYS B 293 -34.02 -11.00 -13.18
CA CYS B 293 -35.08 -11.92 -12.76
C CYS B 293 -34.49 -13.19 -12.11
N ASP B 294 -33.35 -13.64 -12.64
CA ASP B 294 -32.63 -14.78 -12.08
C ASP B 294 -32.05 -14.44 -10.70
N MET B 295 -31.22 -13.39 -10.65
CA MET B 295 -30.57 -12.97 -9.40
C MET B 295 -31.60 -12.78 -8.28
N ILE B 296 -32.68 -12.09 -8.60
CA ILE B 296 -33.70 -11.71 -7.61
C ILE B 296 -34.73 -12.83 -7.39
N ASP B 297 -34.65 -13.89 -8.20
CA ASP B 297 -35.53 -15.05 -8.07
C ASP B 297 -36.98 -14.66 -8.33
N LYS B 298 -37.23 -14.17 -9.54
CA LYS B 298 -38.60 -13.94 -10.03
C LYS B 298 -38.65 -14.18 -11.54
N PRO B 299 -38.49 -15.46 -11.96
CA PRO B 299 -38.59 -15.81 -13.38
C PRO B 299 -39.99 -15.59 -13.99
N GLU B 300 -40.98 -15.38 -13.14
CA GLU B 300 -42.31 -14.95 -13.58
C GLU B 300 -42.21 -13.72 -14.48
N TRP B 301 -41.46 -12.72 -14.02
CA TRP B 301 -41.37 -11.43 -14.69
C TRP B 301 -40.64 -11.47 -16.04
N LYS B 302 -39.85 -12.52 -16.29
CA LYS B 302 -39.08 -12.64 -17.54
C LYS B 302 -39.98 -12.51 -18.78
N ASP B 303 -41.14 -13.14 -18.74
CA ASP B 303 -42.08 -13.16 -19.87
C ASP B 303 -43.28 -12.22 -19.68
N ASP B 304 -43.54 -11.80 -18.45
CA ASP B 304 -44.68 -10.91 -18.15
C ASP B 304 -44.49 -9.56 -18.84
N PRO B 305 -45.45 -9.18 -19.73
CA PRO B 305 -45.29 -7.99 -20.58
C PRO B 305 -45.23 -6.66 -19.81
N ALA B 306 -45.88 -6.59 -18.65
CA ALA B 306 -45.85 -5.39 -17.81
C ALA B 306 -44.56 -5.28 -17.01
N TYR B 307 -43.70 -6.30 -17.08
CA TYR B 307 -42.43 -6.31 -16.34
C TYR B 307 -41.19 -6.36 -17.24
N ASN B 308 -41.28 -7.02 -18.40
CA ASN B 308 -40.10 -7.26 -19.25
C ASN B 308 -39.84 -6.19 -20.31
N THR B 309 -40.46 -5.02 -20.16
CA THR B 309 -40.31 -3.92 -21.10
C THR B 309 -40.15 -2.61 -20.35
N PHE B 310 -39.25 -1.75 -20.83
CA PHE B 310 -39.05 -0.41 -20.26
C PHE B 310 -40.39 0.33 -20.17
N GLU B 311 -41.18 0.23 -21.24
CA GLU B 311 -42.51 0.84 -21.30
C GLU B 311 -43.45 0.20 -20.28
N GLY B 312 -43.41 -1.12 -20.16
CA GLY B 312 -44.22 -1.85 -19.19
C GLY B 312 -43.88 -1.51 -17.74
N ARG B 313 -42.59 -1.30 -17.48
CA ARG B 313 -42.11 -1.01 -16.12
C ARG B 313 -42.40 0.42 -15.65
N VAL B 314 -42.57 1.35 -16.60
CA VAL B 314 -42.72 2.79 -16.27
C VAL B 314 -43.69 3.05 -15.12
N ASP B 315 -44.77 2.26 -15.04
CA ASP B 315 -45.79 2.45 -14.00
C ASP B 315 -45.48 1.82 -12.64
N LYS B 316 -44.45 0.98 -12.57
CA LYS B 316 -44.08 0.31 -11.31
C LYS B 316 -42.57 0.03 -11.17
N LEU B 317 -41.74 0.89 -11.75
CA LEU B 317 -40.30 0.72 -11.70
C LEU B 317 -39.77 0.92 -10.28
N MET B 318 -40.37 1.87 -9.55
CA MET B 318 -39.94 2.17 -8.18
C MET B 318 -40.37 1.07 -7.22
N ASP B 319 -41.41 0.34 -7.58
CA ASP B 319 -41.86 -0.81 -6.80
C ASP B 319 -40.90 -1.99 -6.97
N ILE B 320 -40.34 -2.12 -8.18
CA ILE B 320 -39.33 -3.14 -8.47
C ILE B 320 -38.04 -2.88 -7.66
N PHE B 321 -37.56 -1.64 -7.68
CA PHE B 321 -36.35 -1.26 -6.92
C PHE B 321 -36.48 -1.58 -5.43
N SER B 322 -37.64 -1.30 -4.86
CA SER B 322 -37.89 -1.55 -3.44
C SER B 322 -37.72 -3.02 -3.07
N PHE B 323 -38.06 -3.90 -4.01
CA PHE B 323 -37.95 -5.35 -3.81
C PHE B 323 -36.53 -5.85 -4.02
N ILE B 324 -35.85 -5.34 -5.05
CA ILE B 324 -34.43 -5.68 -5.27
C ILE B 324 -33.61 -5.27 -4.04
N GLU B 325 -33.95 -4.12 -3.46
CA GLU B 325 -33.29 -3.63 -2.25
C GLU B 325 -33.42 -4.60 -1.06
N THR B 326 -34.58 -5.26 -0.95
CA THR B 326 -34.81 -6.24 0.13
C THR B 326 -33.81 -7.41 0.07
N LYS B 327 -33.38 -7.75 -1.15
CA LYS B 327 -32.38 -8.80 -1.36
C LYS B 327 -30.96 -8.44 -0.87
N PHE B 328 -30.71 -7.15 -0.58
CA PHE B 328 -29.38 -6.68 -0.15
C PHE B 328 -29.27 -6.43 1.36
N ALA B 329 -30.35 -6.60 2.11
CA ALA B 329 -30.39 -6.18 3.52
C ALA B 329 -29.39 -6.89 4.43
N ASP B 330 -28.93 -8.07 4.01
CA ASP B 330 -28.00 -8.87 4.82
C ASP B 330 -26.59 -8.94 4.20
N LYS B 331 -26.35 -8.14 3.16
CA LYS B 331 -25.07 -8.12 2.45
C LYS B 331 -24.51 -6.69 2.40
N ASP B 332 -23.19 -6.55 2.56
CA ASP B 332 -22.55 -5.25 2.39
C ASP B 332 -22.41 -4.92 0.90
N LYS B 333 -22.08 -3.67 0.61
CA LYS B 333 -22.07 -3.15 -0.76
C LYS B 333 -21.14 -3.91 -1.70
N PHE B 334 -20.04 -4.45 -1.17
CA PHE B 334 -19.10 -5.23 -1.96
C PHE B 334 -19.61 -6.65 -2.22
N GLU B 335 -20.33 -7.21 -1.25
CA GLU B 335 -21.00 -8.51 -1.41
C GLU B 335 -22.17 -8.43 -2.41
N VAL B 336 -22.92 -7.33 -2.36
CA VAL B 336 -24.00 -7.10 -3.32
C VAL B 336 -23.45 -6.95 -4.73
N THR B 337 -22.34 -6.21 -4.86
CA THR B 337 -21.71 -5.95 -6.15
C THR B 337 -21.20 -7.24 -6.82
N GLU B 338 -20.51 -8.07 -6.05
CA GLU B 338 -19.95 -9.33 -6.57
C GLU B 338 -21.06 -10.31 -6.95
N TRP B 339 -22.16 -10.32 -6.19
CA TRP B 339 -23.35 -11.12 -6.49
C TRP B 339 -23.97 -10.70 -7.83
N ALA B 340 -24.09 -9.40 -8.07
CA ALA B 340 -24.58 -8.90 -9.35
C ALA B 340 -23.58 -9.16 -10.48
N ALA B 341 -22.29 -9.09 -10.17
CA ALA B 341 -21.23 -9.25 -11.17
C ALA B 341 -21.10 -10.69 -11.71
N GLN B 342 -21.67 -11.67 -11.02
CA GLN B 342 -21.68 -13.05 -11.50
C GLN B 342 -22.95 -13.38 -12.30
N TYR B 343 -23.83 -12.38 -12.46
CA TYR B 343 -24.91 -12.42 -13.44
C TYR B 343 -24.67 -11.38 -14.54
N GLY B 344 -23.47 -10.79 -14.56
CA GLY B 344 -23.14 -9.74 -15.53
C GLY B 344 -23.88 -8.43 -15.31
N ILE B 345 -24.55 -8.30 -14.16
CA ILE B 345 -25.47 -7.19 -13.91
C ILE B 345 -24.74 -5.88 -13.55
N PRO B 346 -25.20 -4.75 -14.12
CA PRO B 346 -24.61 -3.42 -13.89
C PRO B 346 -24.86 -2.91 -12.47
N CYS B 347 -23.80 -2.82 -11.66
CA CYS B 347 -23.93 -2.51 -10.23
C CYS B 347 -22.59 -2.05 -9.64
N GLY B 348 -22.63 -1.05 -8.77
CA GLY B 348 -21.40 -0.54 -8.15
C GLY B 348 -21.64 0.08 -6.78
N PRO B 349 -20.66 -0.05 -5.87
CA PRO B 349 -20.78 0.48 -4.52
C PRO B 349 -20.59 1.99 -4.42
N VAL B 350 -21.23 2.60 -3.43
CA VAL B 350 -20.89 3.97 -3.05
C VAL B 350 -19.58 3.90 -2.28
N MET B 351 -18.52 4.47 -2.84
CA MET B 351 -17.22 4.48 -2.17
C MET B 351 -17.14 5.69 -1.25
N SER B 352 -16.78 5.45 0.01
CA SER B 352 -16.62 6.55 0.97
C SER B 352 -15.29 7.28 0.69
N MET B 353 -15.15 8.52 1.17
CA MET B 353 -13.86 9.21 1.03
C MET B 353 -12.76 8.51 1.83
N LYS B 354 -13.15 7.88 2.95
CA LYS B 354 -12.23 7.10 3.77
C LYS B 354 -11.66 5.93 2.97
N GLU B 355 -12.54 5.20 2.30
CA GLU B 355 -12.14 4.08 1.45
C GLU B 355 -11.23 4.53 0.31
N LEU B 356 -11.64 5.58 -0.41
CA LEU B 356 -10.91 6.07 -1.57
C LEU B 356 -9.53 6.62 -1.22
N ALA B 357 -9.44 7.37 -0.13
CA ALA B 357 -8.19 7.95 0.33
C ALA B 357 -7.13 6.87 0.61
N HIS B 358 -7.55 5.68 1.02
CA HIS B 358 -6.62 4.60 1.38
C HIS B 358 -6.70 3.36 0.49
N ASP B 359 -7.41 3.49 -0.63
CA ASP B 359 -7.54 2.39 -1.57
C ASP B 359 -6.20 2.03 -2.23
N PRO B 360 -5.79 0.76 -2.12
CA PRO B 360 -4.53 0.32 -2.75
C PRO B 360 -4.50 0.51 -4.26
N SER B 361 -5.61 0.25 -4.94
CA SER B 361 -5.65 0.34 -6.41
C SER B 361 -5.39 1.76 -6.91
N LEU B 362 -6.03 2.74 -6.29
CA LEU B 362 -5.88 4.14 -6.72
C LEU B 362 -4.46 4.66 -6.49
N GLN B 363 -3.78 4.15 -5.47
CA GLN B 363 -2.39 4.51 -5.26
C GLN B 363 -1.48 3.77 -6.26
N LYS B 364 -1.77 2.50 -6.53
CA LYS B 364 -1.05 1.75 -7.59
C LYS B 364 -1.06 2.43 -8.97
N VAL B 365 -2.22 2.98 -9.36
CA VAL B 365 -2.37 3.58 -10.68
C VAL B 365 -2.00 5.08 -10.75
N GLY B 366 -1.56 5.65 -9.61
CA GLY B 366 -1.10 7.04 -9.56
C GLY B 366 -2.24 8.07 -9.57
N THR B 367 -3.43 7.66 -9.17
CA THR B 367 -4.58 8.55 -9.13
C THR B 367 -4.72 9.20 -7.75
N VAL B 368 -4.44 8.45 -6.69
CA VAL B 368 -4.22 9.02 -5.36
C VAL B 368 -2.73 8.89 -5.09
N VAL B 369 -2.07 10.02 -4.82
CA VAL B 369 -0.61 10.08 -4.75
C VAL B 369 -0.18 10.65 -3.39
N GLU B 370 0.74 9.97 -2.72
CA GLU B 370 1.38 10.53 -1.53
C GLU B 370 2.49 11.47 -1.99
N VAL B 371 2.34 12.74 -1.63
CA VAL B 371 3.31 13.79 -1.94
C VAL B 371 4.33 13.86 -0.81
N VAL B 372 5.61 13.81 -1.16
CA VAL B 372 6.67 13.97 -0.17
C VAL B 372 6.84 15.47 0.12
N ASP B 373 6.43 15.88 1.31
CA ASP B 373 6.54 17.27 1.71
C ASP B 373 7.32 17.29 3.01
N GLU B 374 8.62 17.54 2.90
CA GLU B 374 9.52 17.54 4.05
C GLU B 374 9.35 18.78 4.93
N ILE B 375 8.72 19.83 4.40
CA ILE B 375 8.47 21.05 5.18
C ILE B 375 7.28 20.85 6.09
N ARG B 376 6.18 20.38 5.50
CA ARG B 376 4.89 20.34 6.18
C ARG B 376 4.46 18.97 6.64
N GLY B 377 5.12 17.93 6.16
CA GLY B 377 4.64 16.58 6.35
C GLY B 377 3.92 16.15 5.08
N ASN B 378 4.08 14.88 4.73
CA ASN B 378 3.46 14.33 3.53
C ASN B 378 1.93 14.45 3.57
N HIS B 379 1.33 14.52 2.39
CA HIS B 379 -0.12 14.48 2.28
C HIS B 379 -0.49 13.75 1.01
N LEU B 380 -1.75 13.36 0.93
CA LEU B 380 -2.31 12.76 -0.27
C LEU B 380 -2.85 13.84 -1.19
N THR B 381 -2.85 13.54 -2.46
CA THR B 381 -3.49 14.40 -3.44
C THR B 381 -4.07 13.53 -4.56
N VAL B 382 -4.84 14.15 -5.44
CA VAL B 382 -5.26 13.48 -6.67
C VAL B 382 -4.22 13.80 -7.74
N GLY B 383 -3.73 12.76 -8.41
CA GLY B 383 -2.75 12.92 -9.47
C GLY B 383 -3.42 13.25 -10.78
N ALA B 384 -2.76 12.93 -11.90
CA ALA B 384 -3.32 13.12 -13.23
C ALA B 384 -4.32 11.99 -13.54
N PRO B 385 -5.57 12.35 -13.90
CA PRO B 385 -6.59 11.37 -14.27
C PRO B 385 -6.46 10.80 -15.69
N PHE B 386 -5.53 11.33 -16.49
CA PHE B 386 -5.19 10.77 -17.80
C PHE B 386 -3.87 10.06 -17.65
N LYS B 387 -3.81 8.84 -18.17
CA LYS B 387 -2.62 8.00 -18.05
C LYS B 387 -2.04 7.85 -19.45
N PHE B 388 -0.73 8.05 -19.57
CA PHE B 388 -0.07 8.07 -20.87
C PHE B 388 0.96 6.92 -20.96
N SER B 389 1.12 6.38 -22.17
CA SER B 389 2.09 5.31 -22.40
C SER B 389 3.53 5.80 -22.25
N GLY B 390 3.76 7.07 -22.54
CA GLY B 390 5.12 7.60 -22.67
C GLY B 390 5.73 8.26 -21.44
N PHE B 391 4.93 8.50 -20.41
CA PHE B 391 5.44 9.19 -19.21
C PHE B 391 4.47 9.10 -18.03
N GLN B 392 5.02 9.34 -16.83
CA GLN B 392 4.22 9.48 -15.62
CA GLN B 392 4.25 9.47 -15.60
C GLN B 392 4.54 10.83 -14.97
N PRO B 393 3.51 11.49 -14.38
CA PRO B 393 3.82 12.72 -13.66
C PRO B 393 4.75 12.49 -12.47
N GLU B 394 5.57 13.49 -12.16
CA GLU B 394 6.37 13.50 -10.95
C GLU B 394 5.88 14.64 -10.07
N ILE B 395 5.05 14.31 -9.09
CA ILE B 395 4.40 15.31 -8.26
C ILE B 395 5.34 15.74 -7.14
N THR B 396 5.54 17.05 -7.00
CA THR B 396 6.44 17.62 -5.99
C THR B 396 5.71 18.69 -5.18
N ARG B 397 6.14 18.85 -3.93
CA ARG B 397 5.40 19.64 -2.94
C ARG B 397 5.12 21.09 -3.31
N ALA B 398 4.06 21.63 -2.73
CA ALA B 398 3.68 23.02 -2.95
C ALA B 398 4.70 23.99 -2.36
N PRO B 399 4.88 25.15 -3.01
CA PRO B 399 5.88 26.13 -2.56
C PRO B 399 5.44 26.90 -1.33
N LEU B 400 6.39 27.21 -0.47
CA LEU B 400 6.18 28.23 0.57
C LEU B 400 6.03 29.59 -0.10
N LEU B 401 5.38 30.54 0.57
CA LEU B 401 5.12 31.86 -0.01
C LEU B 401 6.43 32.57 -0.33
N GLY B 402 6.64 32.92 -1.59
CA GLY B 402 7.86 33.58 -2.03
C GLY B 402 9.12 32.73 -1.98
N GLU B 403 8.95 31.41 -1.86
CA GLU B 403 10.07 30.50 -1.73
C GLU B 403 11.07 30.65 -2.87
N HIS B 404 10.55 30.93 -4.07
CA HIS B 404 11.37 30.95 -5.28
C HIS B 404 11.56 32.35 -5.87
N THR B 405 11.25 33.38 -5.09
CA THR B 405 11.35 34.76 -5.55
C THR B 405 12.72 35.05 -6.17
N ASP B 406 13.79 34.83 -5.41
CA ASP B 406 15.14 35.17 -5.88
C ASP B 406 15.58 34.26 -7.04
N GLU B 407 15.24 32.98 -6.93
CA GLU B 407 15.51 32.01 -7.97
C GLU B 407 14.92 32.45 -9.31
N VAL B 408 13.66 32.90 -9.28
CA VAL B 408 12.96 33.35 -10.48
C VAL B 408 13.54 34.67 -11.02
N LEU B 409 13.89 35.59 -10.12
CA LEU B 409 14.51 36.87 -10.51
C LEU B 409 15.89 36.66 -11.17
N LYS B 410 16.65 35.69 -10.66
CA LYS B 410 17.93 35.32 -11.28
C LYS B 410 17.72 34.75 -12.69
N GLU B 411 16.67 33.97 -12.87
CA GLU B 411 16.32 33.46 -14.21
C GLU B 411 15.92 34.59 -15.17
N LEU B 412 15.42 35.70 -14.62
CA LEU B 412 15.12 36.89 -15.44
C LEU B 412 16.37 37.70 -15.81
N GLY B 413 17.52 37.29 -15.28
CA GLY B 413 18.79 37.96 -15.58
C GLY B 413 19.18 39.03 -14.57
N LEU B 414 18.36 39.23 -13.54
CA LEU B 414 18.66 40.23 -12.52
C LEU B 414 19.84 39.79 -11.66
N ASP B 415 20.65 40.76 -11.21
CA ASP B 415 21.81 40.48 -10.35
C ASP B 415 21.44 40.68 -8.88
N ASP B 416 22.31 40.20 -7.99
CA ASP B 416 22.06 40.22 -6.55
C ASP B 416 21.82 41.63 -6.00
N ALA B 417 22.49 42.63 -6.58
CA ALA B 417 22.29 44.01 -6.17
C ALA B 417 20.88 44.49 -6.52
N LYS B 418 20.41 44.13 -7.72
CA LYS B 418 19.06 44.48 -8.16
C LYS B 418 18.01 43.76 -7.31
N ILE B 419 18.22 42.46 -7.09
CA ILE B 419 17.35 41.63 -6.25
C ILE B 419 17.24 42.19 -4.83
N LYS B 420 18.40 42.55 -4.24
CA LYS B 420 18.43 43.19 -2.91
C LYS B 420 17.67 44.52 -2.88
N GLU B 421 17.76 45.27 -3.97
CA GLU B 421 17.05 46.55 -4.10
C GLU B 421 15.53 46.33 -4.11
N LEU B 422 15.09 45.34 -4.89
CA LEU B 422 13.67 44.99 -4.98
C LEU B 422 13.09 44.57 -3.63
N HIS B 423 13.86 43.79 -2.87
CA HIS B 423 13.47 43.42 -1.49
C HIS B 423 13.35 44.64 -0.58
N ALA B 424 14.33 45.53 -0.65
CA ALA B 424 14.37 46.75 0.17
C ALA B 424 13.18 47.67 -0.15
N LYS B 425 12.89 47.83 -1.44
CA LYS B 425 11.73 48.61 -1.88
C LYS B 425 10.38 47.91 -1.65
N GLN B 426 10.41 46.70 -1.11
CA GLN B 426 9.19 45.92 -0.84
C GLN B 426 8.37 45.68 -2.12
N VAL B 427 9.09 45.40 -3.20
CA VAL B 427 8.48 45.02 -4.48
C VAL B 427 8.28 43.49 -4.51
N VAL B 428 9.20 42.77 -3.87
CA VAL B 428 9.13 41.31 -3.75
C VAL B 428 9.33 40.88 -2.30
N THR C 2 42.07 -31.18 15.41
CA THR C 2 40.85 -31.66 16.14
C THR C 2 39.67 -30.71 15.93
N LYS C 3 38.50 -31.31 15.71
CA LYS C 3 37.26 -30.57 15.68
C LYS C 3 36.51 -30.86 16.98
N PRO C 4 35.65 -29.93 17.41
CA PRO C 4 34.99 -30.00 18.72
C PRO C 4 34.27 -31.32 19.01
N LEU C 5 33.63 -31.91 18.00
CA LEU C 5 32.81 -33.11 18.20
C LEU C 5 33.42 -34.37 17.59
N ASP C 6 34.70 -34.30 17.22
CA ASP C 6 35.48 -35.51 16.88
C ASP C 6 35.28 -36.53 17.97
N GLY C 7 34.88 -37.75 17.58
CA GLY C 7 34.66 -38.84 18.52
C GLY C 7 33.26 -38.92 19.10
N ILE C 8 32.40 -37.94 18.78
CA ILE C 8 31.02 -37.98 19.24
C ILE C 8 30.22 -38.79 18.23
N ASN C 9 29.65 -39.88 18.71
CA ASN C 9 28.84 -40.77 17.89
CA ASN C 9 28.83 -40.80 17.91
C ASN C 9 27.36 -40.41 18.04
N VAL C 10 26.74 -40.03 16.92
CA VAL C 10 25.33 -39.61 16.92
C VAL C 10 24.45 -40.62 16.19
N LEU C 11 23.55 -41.23 16.93
CA LEU C 11 22.48 -42.05 16.38
C LEU C 11 21.33 -41.13 15.98
N ASP C 12 21.20 -40.92 14.67
CA ASP C 12 20.35 -39.90 14.11
C ASP C 12 19.11 -40.49 13.44
N PHE C 13 17.96 -40.33 14.07
CA PHE C 13 16.69 -40.77 13.52
C PHE C 13 15.97 -39.69 12.73
N THR C 14 16.59 -38.52 12.58
CA THR C 14 15.87 -37.35 12.12
C THR C 14 15.56 -37.35 10.63
N HIS C 15 14.52 -36.62 10.27
CA HIS C 15 14.14 -36.41 8.90
C HIS C 15 13.45 -35.05 8.76
N VAL C 16 13.22 -34.65 7.51
CA VAL C 16 12.71 -33.33 7.14
C VAL C 16 13.80 -32.27 7.41
N GLN C 17 13.54 -31.23 8.21
CA GLN C 17 14.48 -30.10 8.33
C GLN C 17 15.05 -29.83 9.72
N ALA C 18 14.18 -29.75 10.73
CA ALA C 18 14.60 -29.37 12.08
C ALA C 18 15.69 -30.27 12.65
N GLY C 19 15.39 -31.56 12.76
CA GLY C 19 16.34 -32.54 13.30
C GLY C 19 17.57 -32.71 12.41
N PRO C 20 17.37 -32.90 11.10
CA PRO C 20 18.53 -33.00 10.21
C PRO C 20 19.45 -31.78 10.20
N ALA C 21 18.92 -30.57 10.36
CA ALA C 21 19.77 -29.38 10.50
C ALA C 21 20.70 -29.48 11.71
N CYS C 22 20.15 -29.94 12.82
CA CYS C 22 20.91 -30.10 14.06
C CYS C 22 22.09 -31.05 13.83
N THR C 23 21.77 -32.26 13.36
CA THR C 23 22.78 -33.32 13.23
C THR C 23 23.80 -33.02 12.13
N GLN C 24 23.39 -32.37 11.05
CA GLN C 24 24.33 -31.92 10.01
C GLN C 24 25.38 -30.97 10.60
N MET C 25 24.92 -29.98 11.36
CA MET C 25 25.82 -29.01 11.96
C MET C 25 26.77 -29.65 12.98
N MET C 26 26.26 -30.64 13.70
CA MET C 26 27.12 -31.47 14.55
C MET C 26 28.18 -32.20 13.72
N GLY C 27 27.75 -32.75 12.58
CA GLY C 27 28.67 -33.35 11.61
C GLY C 27 29.72 -32.40 11.07
N PHE C 28 29.31 -31.16 10.79
CA PHE C 28 30.24 -30.10 10.37
C PHE C 28 31.32 -29.82 11.42
N LEU C 29 30.96 -29.94 12.71
CA LEU C 29 31.91 -29.77 13.80
C LEU C 29 32.61 -31.08 14.21
N GLY C 30 32.48 -32.13 13.40
CA GLY C 30 33.29 -33.36 13.54
C GLY C 30 32.57 -34.61 14.01
N ALA C 31 31.28 -34.51 14.31
CA ALA C 31 30.55 -35.65 14.86
C ALA C 31 30.41 -36.78 13.84
N ASN C 32 30.39 -38.01 14.36
CA ASN C 32 30.13 -39.20 13.58
C ASN C 32 28.63 -39.44 13.58
N VAL C 33 27.97 -38.94 12.53
CA VAL C 33 26.53 -38.99 12.44
C VAL C 33 26.07 -40.15 11.57
N ILE C 34 25.33 -41.07 12.19
CA ILE C 34 24.77 -42.23 11.54
C ILE C 34 23.26 -42.02 11.38
N LYS C 35 22.84 -41.72 10.16
CA LYS C 35 21.45 -41.44 9.84
C LYS C 35 20.66 -42.74 9.61
N ILE C 36 19.75 -43.04 10.53
CA ILE C 36 18.86 -44.20 10.39
C ILE C 36 17.67 -43.86 9.52
N GLU C 37 17.56 -44.52 8.38
CA GLU C 37 16.49 -44.24 7.45
C GLU C 37 15.58 -45.44 7.27
N ARG C 38 14.30 -45.18 7.08
CA ARG C 38 13.34 -46.25 6.90
C ARG C 38 13.68 -47.00 5.61
N ARG C 39 13.75 -48.31 5.71
CA ARG C 39 14.13 -49.15 4.58
C ARG C 39 13.21 -48.94 3.39
N GLY C 40 13.80 -48.67 2.23
CA GLY C 40 13.06 -48.56 0.97
C GLY C 40 12.59 -47.18 0.58
N SER C 41 12.65 -46.23 1.50
CA SER C 41 12.12 -44.88 1.26
C SER C 41 13.07 -43.82 1.82
N GLY C 42 13.41 -43.95 3.10
CA GLY C 42 14.26 -42.98 3.77
C GLY C 42 13.58 -41.62 3.97
N ASP C 43 14.43 -40.63 4.23
CA ASP C 43 14.02 -39.26 4.51
C ASP C 43 13.22 -38.71 3.33
N MET C 44 12.00 -38.25 3.60
CA MET C 44 11.12 -37.73 2.56
CA MET C 44 11.09 -37.69 2.60
C MET C 44 11.70 -36.55 1.76
N THR C 45 12.70 -35.86 2.30
CA THR C 45 13.33 -34.73 1.57
C THR C 45 14.05 -35.20 0.32
N ARG C 46 14.51 -36.46 0.32
CA ARG C 46 15.13 -37.04 -0.88
C ARG C 46 14.29 -36.83 -2.14
N GLY C 47 12.99 -37.08 -2.04
CA GLY C 47 12.06 -36.98 -3.18
C GLY C 47 11.33 -35.66 -3.32
N GLN C 48 11.67 -34.70 -2.47
CA GLN C 48 10.94 -33.45 -2.36
C GLN C 48 11.56 -32.38 -3.25
N LEU C 49 10.80 -31.91 -4.24
CA LEU C 49 11.21 -30.84 -5.16
C LEU C 49 12.58 -31.08 -5.79
N GLN C 50 12.76 -32.28 -6.30
CA GLN C 50 13.97 -32.66 -7.01
C GLN C 50 14.13 -31.77 -8.25
N ASP C 51 15.36 -31.41 -8.56
CA ASP C 51 15.65 -30.63 -9.75
C ASP C 51 16.02 -31.53 -10.94
N LYS C 52 16.36 -32.78 -10.64
CA LYS C 52 16.64 -33.82 -11.65
C LYS C 52 15.93 -35.11 -11.24
N PRO C 53 15.23 -35.76 -12.18
CA PRO C 53 14.44 -36.93 -11.83
C PRO C 53 15.29 -38.07 -11.27
N ASN C 54 14.85 -38.65 -10.16
CA ASN C 54 15.54 -39.78 -9.50
C ASN C 54 16.93 -39.44 -8.94
N VAL C 55 17.20 -38.15 -8.70
CA VAL C 55 18.40 -37.71 -8.00
C VAL C 55 17.92 -37.05 -6.69
N ASP C 56 18.56 -37.39 -5.57
CA ASP C 56 18.20 -36.80 -4.29
C ASP C 56 18.13 -35.28 -4.43
N SER C 57 17.09 -34.68 -3.89
CA SER C 57 16.88 -33.24 -4.03
C SER C 57 17.93 -32.41 -3.30
N LEU C 58 18.00 -31.13 -3.67
CA LEU C 58 18.83 -30.17 -2.97
C LEU C 58 18.33 -29.97 -1.52
N TYR C 59 17.04 -30.19 -1.28
CA TYR C 59 16.49 -30.15 0.08
C TYR C 59 17.23 -31.19 0.91
N PHE C 60 17.36 -32.40 0.37
CA PHE C 60 18.05 -33.46 1.09
C PHE C 60 19.53 -33.15 1.21
N THR C 61 20.20 -32.86 0.09
CA THR C 61 21.65 -32.72 0.11
C THR C 61 22.15 -31.59 0.99
N MET C 62 21.44 -30.45 1.00
CA MET C 62 21.83 -29.30 1.84
C MET C 62 21.54 -29.44 3.34
N PHE C 63 20.81 -30.49 3.72
CA PHE C 63 20.59 -30.80 5.13
C PHE C 63 21.22 -32.11 5.60
N ASN C 64 21.86 -32.85 4.70
CA ASN C 64 22.41 -34.15 5.08
C ASN C 64 23.84 -34.45 4.66
N CYS C 65 24.64 -33.41 4.41
CA CYS C 65 26.09 -33.56 4.31
C CYS C 65 26.70 -34.00 5.65
N ASN C 66 27.87 -34.63 5.57
CA ASN C 66 28.59 -35.14 6.75
C ASN C 66 27.78 -36.14 7.57
N LYS C 67 27.04 -36.98 6.86
CA LYS C 67 26.28 -38.08 7.46
C LYS C 67 26.48 -39.35 6.64
N ARG C 68 26.31 -40.49 7.32
CA ARG C 68 26.26 -41.81 6.68
C ARG C 68 24.86 -42.38 6.83
N SER C 69 24.39 -43.06 5.79
CA SER C 69 23.03 -43.58 5.74
C SER C 69 23.01 -45.10 5.90
N ILE C 70 22.21 -45.56 6.85
CA ILE C 70 21.90 -46.98 6.97
CA ILE C 70 21.90 -46.99 6.98
C ILE C 70 20.38 -47.16 6.93
N GLU C 71 19.93 -48.15 6.16
CA GLU C 71 18.50 -48.47 6.12
C GLU C 71 18.22 -49.49 7.20
N LEU C 72 17.07 -49.34 7.85
CA LEU C 72 16.66 -50.24 8.92
C LEU C 72 15.14 -50.34 8.94
N ASP C 73 14.63 -51.56 9.14
CA ASP C 73 13.23 -51.75 9.47
C ASP C 73 13.17 -51.91 10.98
N MET C 74 12.70 -50.87 11.65
CA MET C 74 12.71 -50.81 13.11
C MET C 74 11.51 -51.55 13.73
N LYS C 75 10.60 -52.02 12.89
CA LYS C 75 9.44 -52.80 13.35
C LYS C 75 9.79 -54.28 13.60
N THR C 76 10.96 -54.71 13.13
CA THR C 76 11.39 -56.10 13.27
C THR C 76 12.22 -56.29 14.53
N PRO C 77 12.16 -57.50 15.13
CA PRO C 77 13.02 -57.82 16.28
C PRO C 77 14.51 -57.65 15.99
N GLU C 78 14.93 -57.98 14.77
CA GLU C 78 16.33 -57.86 14.38
C GLU C 78 16.75 -56.39 14.30
N GLY C 79 15.86 -55.55 13.80
CA GLY C 79 16.10 -54.10 13.75
C GLY C 79 16.21 -53.47 15.13
N LYS C 80 15.27 -53.78 16.01
CA LYS C 80 15.29 -53.31 17.40
C LYS C 80 16.54 -53.80 18.13
N GLU C 81 17.00 -55.01 17.80
CA GLU C 81 18.25 -55.54 18.34
C GLU C 81 19.47 -54.75 17.85
N LEU C 82 19.45 -54.35 16.57
CA LEU C 82 20.53 -53.53 16.02
C LEU C 82 20.58 -52.14 16.68
N LEU C 83 19.41 -51.55 16.92
CA LEU C 83 19.33 -50.26 17.60
C LEU C 83 19.97 -50.33 18.99
N GLU C 84 19.66 -51.40 19.73
CA GLU C 84 20.25 -51.58 21.07
C GLU C 84 21.77 -51.56 21.03
N GLN C 85 22.35 -52.26 20.05
CA GLN C 85 23.80 -52.29 19.88
C GLN C 85 24.33 -50.90 19.49
N MET C 86 23.57 -50.21 18.65
CA MET C 86 23.94 -48.85 18.22
C MET C 86 23.84 -47.85 19.39
N ILE C 87 22.77 -47.96 20.16
CA ILE C 87 22.58 -47.11 21.35
C ILE C 87 23.73 -47.24 22.36
N LYS C 88 24.24 -48.45 22.55
CA LYS C 88 25.36 -48.67 23.46
C LYS C 88 26.68 -48.00 23.02
N LYS C 89 26.84 -47.77 21.72
CA LYS C 89 28.02 -47.05 21.22
C LYS C 89 27.76 -45.55 20.93
N ALA C 90 26.52 -45.10 21.14
CA ALA C 90 26.14 -43.71 20.86
C ALA C 90 26.39 -42.77 22.04
N ASP C 91 26.81 -41.54 21.71
CA ASP C 91 26.91 -40.46 22.68
C ASP C 91 25.61 -39.68 22.71
N VAL C 92 25.00 -39.51 21.54
CA VAL C 92 23.75 -38.76 21.40
C VAL C 92 22.78 -39.45 20.46
N MET C 93 21.51 -39.51 20.85
CA MET C 93 20.43 -39.94 19.97
C MET C 93 19.53 -38.75 19.65
N VAL C 94 19.27 -38.52 18.36
CA VAL C 94 18.45 -37.38 17.96
C VAL C 94 17.25 -37.86 17.15
N GLU C 95 16.06 -37.39 17.51
CA GLU C 95 14.81 -37.80 16.85
C GLU C 95 13.80 -36.66 16.75
N ASN C 96 12.94 -36.73 15.74
CA ASN C 96 11.81 -35.81 15.61
C ASN C 96 10.52 -36.53 15.23
N PHE C 97 10.38 -37.75 15.72
CA PHE C 97 9.12 -38.50 15.57
C PHE C 97 8.05 -37.80 16.40
N GLY C 98 6.79 -38.24 16.27
CA GLY C 98 5.72 -37.68 17.08
C GLY C 98 5.91 -38.01 18.56
N PRO C 99 5.07 -37.40 19.43
CA PRO C 99 5.12 -37.70 20.86
C PRO C 99 4.80 -39.18 21.16
N GLY C 100 5.63 -39.81 21.98
CA GLY C 100 5.45 -41.22 22.33
C GLY C 100 5.85 -42.22 21.26
N ALA C 101 6.26 -41.72 20.08
CA ALA C 101 6.60 -42.59 18.95
C ALA C 101 7.78 -43.51 19.27
N LEU C 102 8.84 -42.95 19.84
CA LEU C 102 10.04 -43.71 20.18
C LEU C 102 9.80 -44.69 21.34
N ASP C 103 8.89 -44.33 22.24
CA ASP C 103 8.46 -45.24 23.33
C ASP C 103 7.73 -46.45 22.77
N ARG C 104 6.81 -46.20 21.83
CA ARG C 104 6.08 -47.27 21.15
C ARG C 104 7.00 -48.16 20.30
N MET C 105 8.11 -47.60 19.80
CA MET C 105 9.15 -48.39 19.13
C MET C 105 9.96 -49.26 20.10
N GLY C 106 9.63 -49.20 21.40
CA GLY C 106 10.24 -50.05 22.41
C GLY C 106 11.46 -49.48 23.09
N PHE C 107 11.60 -48.15 23.08
CA PHE C 107 12.76 -47.48 23.65
C PHE C 107 12.36 -46.27 24.49
N THR C 108 11.93 -46.55 25.72
CA THR C 108 11.67 -45.49 26.69
C THR C 108 12.97 -44.89 27.14
N TRP C 109 12.90 -43.68 27.69
CA TRP C 109 14.06 -43.03 28.27
C TRP C 109 14.69 -43.91 29.34
N GLU C 110 13.86 -44.54 30.16
CA GLU C 110 14.32 -45.42 31.23
C GLU C 110 15.13 -46.58 30.64
N TYR C 111 14.60 -47.19 29.58
CA TYR C 111 15.26 -48.30 28.91
C TYR C 111 16.57 -47.87 28.24
N ILE C 112 16.53 -46.70 27.60
CA ILE C 112 17.73 -46.12 26.97
C ILE C 112 18.84 -45.93 28.01
N GLN C 113 18.48 -45.40 29.17
CA GLN C 113 19.44 -45.16 30.25
C GLN C 113 20.14 -46.43 30.73
N GLU C 114 19.40 -47.54 30.83
CA GLU C 114 20.04 -48.80 31.23
C GLU C 114 20.88 -49.41 30.10
N LEU C 115 20.48 -49.16 28.84
CA LEU C 115 21.28 -49.57 27.68
C LEU C 115 22.60 -48.81 27.63
N ASN C 116 22.52 -47.49 27.81
CA ASN C 116 23.69 -46.62 27.84
C ASN C 116 23.45 -45.45 28.81
N PRO C 117 24.07 -45.50 30.01
CA PRO C 117 23.95 -44.41 31.00
C PRO C 117 24.58 -43.09 30.55
N ARG C 118 25.39 -43.12 29.50
CA ARG C 118 26.07 -41.92 29.03
C ARG C 118 25.35 -41.24 27.88
N VAL C 119 24.32 -41.88 27.30
CA VAL C 119 23.70 -41.39 26.07
C VAL C 119 22.70 -40.27 26.35
N ILE C 120 22.79 -39.20 25.54
CA ILE C 120 21.88 -38.07 25.60
C ILE C 120 20.79 -38.31 24.58
N LEU C 121 19.54 -38.19 25.01
CA LEU C 121 18.40 -38.29 24.10
C LEU C 121 17.88 -36.89 23.79
N ALA C 122 17.90 -36.51 22.52
CA ALA C 122 17.53 -35.16 22.09
C ALA C 122 16.38 -35.19 21.10
N SER C 123 15.34 -34.40 21.35
CA SER C 123 14.12 -34.41 20.54
C SER C 123 13.70 -33.02 20.09
N VAL C 124 13.22 -32.92 18.85
CA VAL C 124 12.44 -31.77 18.39
C VAL C 124 10.95 -32.12 18.51
N LYS C 125 10.19 -31.24 19.17
CA LYS C 125 8.74 -31.36 19.33
C LYS C 125 8.11 -30.14 18.68
N GLY C 126 6.80 -30.20 18.41
CA GLY C 126 6.03 -29.03 17.96
C GLY C 126 5.78 -28.09 19.15
N TYR C 127 5.19 -28.66 20.20
CA TYR C 127 4.92 -27.98 21.46
C TYR C 127 5.62 -28.70 22.59
N ALA C 128 5.90 -27.96 23.67
CA ALA C 128 6.61 -28.51 24.81
C ALA C 128 5.78 -29.59 25.50
N GLU C 129 6.47 -30.57 26.07
CA GLU C 129 5.83 -31.59 26.90
C GLU C 129 5.12 -30.91 28.06
N GLY C 130 3.84 -31.24 28.24
CA GLY C 130 3.02 -30.63 29.26
C GLY C 130 2.09 -29.54 28.72
N HIS C 131 2.39 -29.04 27.53
CA HIS C 131 1.57 -28.02 26.86
C HIS C 131 0.22 -28.63 26.48
N ALA C 132 -0.84 -27.82 26.54
CA ALA C 132 -2.18 -28.27 26.11
C ALA C 132 -2.15 -28.88 24.70
N ASN C 133 -1.27 -28.35 23.84
CA ASN C 133 -1.12 -28.82 22.45
C ASN C 133 0.04 -29.78 22.22
N GLU C 134 0.56 -30.41 23.27
CA GLU C 134 1.81 -31.20 23.14
C GLU C 134 1.74 -32.35 22.12
N HIS C 135 0.51 -32.75 21.78
CA HIS C 135 0.34 -33.85 20.85
CA HIS C 135 0.20 -33.84 20.86
C HIS C 135 0.15 -33.41 19.39
N LEU C 136 0.05 -32.10 19.15
CA LEU C 136 -0.18 -31.57 17.80
C LEU C 136 1.03 -31.67 16.86
N LYS C 137 0.73 -31.87 15.57
CA LYS C 137 1.71 -31.88 14.50
C LYS C 137 1.96 -30.46 14.05
N VAL C 138 3.22 -30.06 14.01
CA VAL C 138 3.61 -28.70 13.69
C VAL C 138 4.63 -28.72 12.58
N TYR C 139 4.36 -27.96 11.52
CA TYR C 139 5.31 -27.75 10.44
C TYR C 139 5.80 -26.29 10.44
N GLU C 140 6.81 -26.02 9.62
CA GLU C 140 7.49 -24.71 9.58
C GLU C 140 6.56 -23.52 9.87
N ASN C 141 5.61 -23.26 8.98
CA ASN C 141 4.83 -22.03 9.08
C ASN C 141 3.82 -22.05 10.21
N VAL C 142 3.38 -23.26 10.59
CA VAL C 142 2.48 -23.42 11.74
C VAL C 142 3.20 -23.02 13.03
N ALA C 143 4.48 -23.40 13.13
CA ALA C 143 5.33 -23.04 14.26
C ALA C 143 5.52 -21.54 14.32
N GLN C 144 5.75 -20.93 13.15
CA GLN C 144 5.89 -19.47 13.08
C GLN C 144 4.63 -18.76 13.57
N CYS C 145 3.47 -19.34 13.26
CA CYS C 145 2.18 -18.82 13.71
C CYS C 145 2.00 -19.03 15.20
N SER C 146 2.36 -20.23 15.68
CA SER C 146 2.22 -20.58 17.09
C SER C 146 3.09 -19.74 18.04
N GLY C 147 4.26 -19.28 17.57
CA GLY C 147 5.24 -18.61 18.43
C GLY C 147 5.29 -17.09 18.38
N GLY C 148 4.33 -16.47 17.68
CA GLY C 148 4.20 -15.02 17.66
C GLY C 148 4.82 -14.29 16.47
N ALA C 149 5.60 -15.02 15.66
CA ALA C 149 6.30 -14.40 14.53
C ALA C 149 5.33 -13.93 13.44
N ALA C 150 4.38 -14.78 13.06
CA ALA C 150 3.42 -14.47 12.01
C ALA C 150 2.58 -13.23 12.38
N ALA C 151 2.13 -13.19 13.63
CA ALA C 151 1.34 -12.07 14.14
C ALA C 151 2.06 -10.73 14.09
N THR C 152 3.39 -10.76 14.23
CA THR C 152 4.19 -9.55 14.33
C THR C 152 5.07 -9.29 13.11
N THR C 153 4.79 -10.01 12.02
CA THR C 153 5.57 -9.90 10.76
C THR C 153 4.64 -9.50 9.61
N GLY C 154 5.06 -8.50 8.85
CA GLY C 154 4.27 -8.00 7.73
C GLY C 154 3.78 -6.60 8.03
N PHE C 155 2.70 -6.19 7.37
CA PHE C 155 2.12 -4.87 7.52
C PHE C 155 0.78 -4.87 8.24
N TRP C 156 0.51 -3.74 8.90
CA TRP C 156 -0.72 -3.49 9.66
C TRP C 156 -2.01 -3.61 8.83
N ASP C 157 -1.88 -3.41 7.52
CA ASP C 157 -3.02 -3.49 6.59
C ASP C 157 -3.03 -4.77 5.76
N GLY C 158 -2.22 -5.74 6.17
CA GLY C 158 -2.14 -7.03 5.50
C GLY C 158 -2.27 -8.15 6.50
N PRO C 159 -2.10 -9.39 6.03
CA PRO C 159 -2.23 -10.56 6.89
C PRO C 159 -0.97 -10.81 7.73
N PRO C 160 -1.10 -11.67 8.75
CA PRO C 160 0.08 -12.24 9.37
C PRO C 160 0.94 -12.83 8.25
N THR C 161 2.25 -12.70 8.36
CA THR C 161 3.14 -13.05 7.27
C THR C 161 4.25 -13.98 7.76
N VAL C 162 4.47 -15.06 7.01
CA VAL C 162 5.52 -16.01 7.35
C VAL C 162 6.86 -15.45 6.88
N SER C 163 7.91 -15.81 7.60
CA SER C 163 9.28 -15.42 7.26
CA SER C 163 9.26 -15.40 7.25
C SER C 163 9.85 -16.41 6.27
N GLY C 164 10.62 -15.91 5.33
CA GLY C 164 11.37 -16.78 4.43
C GLY C 164 12.38 -17.59 5.20
N ALA C 165 12.88 -17.06 6.32
CA ALA C 165 13.84 -17.79 7.15
C ALA C 165 13.11 -18.88 7.92
N ALA C 166 13.77 -20.01 8.11
CA ALA C 166 13.17 -21.17 8.80
C ALA C 166 13.19 -21.00 10.31
N LEU C 167 12.35 -20.09 10.79
CA LEU C 167 12.16 -19.80 12.22
C LEU C 167 11.64 -21.01 12.98
N GLY C 168 10.87 -21.86 12.31
CA GLY C 168 10.35 -23.07 12.91
C GLY C 168 11.38 -24.18 12.90
N ASP C 169 11.78 -24.61 11.70
CA ASP C 169 12.57 -25.82 11.55
C ASP C 169 14.06 -25.65 11.85
N SER C 170 14.82 -24.96 10.98
CA SER C 170 16.27 -24.82 11.19
C SER C 170 16.58 -24.15 12.53
N ASN C 171 15.79 -23.14 12.88
CA ASN C 171 15.96 -22.45 14.16
C ASN C 171 15.80 -23.43 15.35
N SER C 172 14.80 -24.30 15.30
CA SER C 172 14.59 -25.30 16.35
C SER C 172 15.76 -26.27 16.44
N GLY C 173 16.30 -26.67 15.29
CA GLY C 173 17.46 -27.55 15.24
C GLY C 173 18.71 -26.94 15.83
N MET C 174 18.94 -25.66 15.56
CA MET C 174 20.07 -24.94 16.15
C MET C 174 19.90 -24.83 17.67
N HIS C 175 18.67 -24.56 18.11
CA HIS C 175 18.39 -24.58 19.54
C HIS C 175 18.64 -25.98 20.15
N LEU C 176 18.32 -27.04 19.42
CA LEU C 176 18.53 -28.39 19.95
C LEU C 176 20.01 -28.66 20.06
N MET C 177 20.77 -28.15 19.10
CA MET C 177 22.22 -28.25 19.16
C MET C 177 22.76 -27.61 20.45
N ILE C 178 22.19 -26.48 20.86
CA ILE C 178 22.57 -25.85 22.12
C ILE C 178 22.30 -26.79 23.29
N GLY C 179 21.10 -27.35 23.32
CA GLY C 179 20.71 -28.31 24.36
C GLY C 179 21.61 -29.55 24.39
N ILE C 180 21.95 -30.08 23.22
CA ILE C 180 22.83 -31.25 23.15
C ILE C 180 24.23 -30.91 23.69
N LEU C 181 24.80 -29.79 23.23
CA LEU C 181 26.13 -29.38 23.70
C LEU C 181 26.12 -29.07 25.19
N ALA C 182 25.02 -28.50 25.70
CA ALA C 182 24.89 -28.28 27.13
C ALA C 182 24.87 -29.60 27.89
N ALA C 183 24.18 -30.60 27.33
CA ALA C 183 24.15 -31.97 27.89
C ALA C 183 25.54 -32.61 27.90
N LEU C 184 26.32 -32.39 26.84
CA LEU C 184 27.70 -32.88 26.79
C LEU C 184 28.56 -32.26 27.89
N GLU C 185 28.40 -30.95 28.12
CA GLU C 185 29.17 -30.26 29.15
C GLU C 185 28.88 -30.80 30.56
N ILE C 186 27.62 -31.04 30.89
CA ILE C 186 27.28 -31.60 32.21
C ILE C 186 27.86 -33.00 32.36
N ARG C 187 27.79 -33.78 31.27
CA ARG C 187 28.24 -35.17 31.26
C ARG C 187 29.71 -35.31 31.68
N HIS C 188 30.54 -34.31 31.35
CA HIS C 188 31.92 -34.29 31.82
C HIS C 188 32.04 -34.21 33.34
N LYS C 189 31.01 -33.69 33.98
CA LYS C 189 30.92 -33.66 35.45
C LYS C 189 30.21 -34.91 36.00
N THR C 190 29.01 -35.17 35.51
CA THR C 190 28.14 -36.22 36.05
C THR C 190 28.47 -37.63 35.56
N GLY C 191 29.05 -37.72 34.36
CA GLY C 191 29.23 -39.02 33.69
C GLY C 191 27.91 -39.63 33.21
N ARG C 192 26.85 -38.83 33.18
CA ARG C 192 25.53 -39.34 32.84
C ARG C 192 24.88 -38.51 31.73
N GLY C 193 24.10 -39.18 30.89
CA GLY C 193 23.33 -38.51 29.85
C GLY C 193 22.03 -37.95 30.37
N GLN C 194 21.43 -37.05 29.60
CA GLN C 194 20.12 -36.50 29.94
C GLN C 194 19.19 -36.55 28.75
N LYS C 195 17.92 -36.30 29.01
CA LYS C 195 16.96 -36.05 27.98
C LYS C 195 16.94 -34.54 27.76
N VAL C 196 16.98 -34.10 26.50
CA VAL C 196 16.76 -32.69 26.18
C VAL C 196 15.79 -32.57 25.01
N ALA C 197 14.87 -31.60 25.12
CA ALA C 197 13.84 -31.38 24.11
C ALA C 197 13.73 -29.91 23.77
N VAL C 198 13.53 -29.62 22.48
CA VAL C 198 13.15 -28.27 22.04
C VAL C 198 11.84 -28.30 21.28
N ALA C 199 10.90 -27.45 21.72
CA ALA C 199 9.64 -27.27 21.02
C ALA C 199 9.79 -26.15 19.98
N MET C 200 9.31 -26.40 18.77
CA MET C 200 9.33 -25.37 17.72
C MET C 200 8.68 -24.06 18.18
N GLN C 201 7.55 -24.14 18.88
CA GLN C 201 6.91 -22.93 19.41
C GLN C 201 7.86 -22.12 20.29
N ASP C 202 8.66 -22.83 21.09
CA ASP C 202 9.52 -22.20 22.07
C ASP C 202 10.77 -21.61 21.43
N ALA C 203 11.27 -22.29 20.39
CA ALA C 203 12.38 -21.75 19.62
C ALA C 203 11.96 -20.47 18.90
N VAL C 204 10.72 -20.45 18.39
CA VAL C 204 10.20 -19.24 17.75
C VAL C 204 10.03 -18.14 18.80
N LEU C 205 9.40 -18.48 19.92
CA LEU C 205 9.17 -17.47 20.97
C LEU C 205 10.47 -16.85 21.46
N ASN C 206 11.54 -17.64 21.60
CA ASN C 206 12.85 -17.11 21.99
C ASN C 206 13.33 -15.98 21.05
N LEU C 207 13.19 -16.19 19.74
CA LEU C 207 13.55 -15.15 18.76
C LEU C 207 12.57 -13.96 18.77
N VAL C 208 11.35 -14.19 19.24
CA VAL C 208 10.30 -13.16 19.33
C VAL C 208 10.27 -12.51 20.74
N ARG C 209 11.30 -12.76 21.56
CA ARG C 209 11.47 -12.12 22.87
C ARG C 209 11.20 -10.61 22.84
N ILE C 210 11.75 -9.94 21.84
CA ILE C 210 11.57 -8.49 21.69
C ILE C 210 10.08 -8.11 21.58
N LYS C 211 9.25 -8.99 21.02
CA LYS C 211 7.82 -8.71 20.86
C LYS C 211 7.07 -8.96 22.18
N LEU C 212 7.60 -9.82 23.04
CA LEU C 212 7.03 -9.97 24.40
C LEU C 212 7.39 -8.74 25.26
N ARG C 213 8.56 -8.15 25.01
CA ARG C 213 8.91 -6.84 25.56
C ARG C 213 7.82 -5.84 25.17
N ASP C 214 7.49 -5.81 23.88
CA ASP C 214 6.53 -4.86 23.34
C ASP C 214 5.14 -5.07 23.88
N GLN C 215 4.74 -6.33 24.03
CA GLN C 215 3.42 -6.61 24.59
C GLN C 215 3.28 -6.01 25.99
N GLN C 216 4.28 -6.22 26.84
CA GLN C 216 4.25 -5.68 28.21
C GLN C 216 4.33 -4.14 28.22
N ARG C 217 5.22 -3.57 27.39
CA ARG C 217 5.26 -2.13 27.21
C ARG C 217 3.88 -1.59 26.83
N LEU C 218 3.24 -2.27 25.88
CA LEU C 218 1.92 -1.86 25.38
C LEU C 218 0.87 -1.91 26.49
N GLU C 219 0.88 -3.00 27.26
CA GLU C 219 -0.04 -3.17 28.40
C GLU C 219 0.19 -2.09 29.46
N ARG C 220 1.45 -1.79 29.71
CA ARG C 220 1.83 -0.85 30.75
C ARG C 220 1.58 0.62 30.40
N THR C 221 1.83 0.98 29.14
CA THR C 221 1.89 2.39 28.73
C THR C 221 0.85 2.80 27.70
N GLY C 222 0.29 1.83 26.98
CA GLY C 222 -0.68 2.10 25.93
C GLY C 222 -0.12 2.54 24.58
N ILE C 223 1.21 2.59 24.44
CA ILE C 223 1.84 3.01 23.18
C ILE C 223 3.24 2.40 22.98
N LEU C 224 3.59 2.16 21.73
CA LEU C 224 4.92 1.78 21.35
C LEU C 224 5.42 2.87 20.41
N ALA C 225 6.18 3.80 20.97
CA ALA C 225 6.52 5.07 20.31
C ALA C 225 7.37 4.91 19.06
N GLU C 226 8.08 3.80 18.95
CA GLU C 226 8.95 3.52 17.80
C GLU C 226 8.23 2.84 16.62
N TYR C 227 6.96 2.50 16.77
CA TYR C 227 6.18 1.83 15.73
C TYR C 227 5.55 2.89 14.80
N PRO C 228 5.31 2.54 13.53
CA PRO C 228 4.65 3.49 12.60
C PRO C 228 3.29 4.02 13.07
N GLN C 229 2.53 3.20 13.78
CA GLN C 229 1.21 3.54 14.29
C GLN C 229 1.27 4.62 15.39
N ALA C 230 2.45 4.84 15.96
CA ALA C 230 2.65 5.94 16.91
C ALA C 230 2.58 7.32 16.22
N GLN C 231 2.84 7.35 14.92
CA GLN C 231 2.75 8.59 14.15
C GLN C 231 1.28 8.91 13.90
N PRO C 232 0.78 10.03 14.47
CA PRO C 232 -0.62 10.35 14.19
C PRO C 232 -0.94 10.44 12.70
N ASN C 233 -2.07 9.82 12.33
CA ASN C 233 -2.64 9.79 10.96
CA ASN C 233 -2.58 9.90 10.95
C ASN C 233 -1.70 9.23 9.89
N PHE C 234 -0.89 8.25 10.27
CA PHE C 234 -0.04 7.54 9.32
C PHE C 234 -0.60 6.20 8.83
N ALA C 235 -1.00 5.34 9.78
CA ALA C 235 -1.35 3.95 9.48
C ALA C 235 -2.86 3.77 9.39
N PHE C 236 -3.30 3.04 8.38
CA PHE C 236 -4.72 2.73 8.13
C PHE C 236 -4.87 1.27 7.67
N ASP C 237 -6.02 0.64 7.96
CA ASP C 237 -6.31 -0.69 7.39
C ASP C 237 -6.78 -0.58 5.93
N ARG C 238 -7.07 -1.73 5.28
CA ARG C 238 -7.48 -1.73 3.86
CA ARG C 238 -7.45 -1.71 3.85
C ARG C 238 -8.79 -0.99 3.62
N ASP C 239 -9.64 -0.98 4.64
CA ASP C 239 -10.92 -0.24 4.63
C ASP C 239 -10.78 1.28 4.94
N GLY C 240 -9.58 1.71 5.32
CA GLY C 240 -9.29 3.13 5.56
C GLY C 240 -9.48 3.61 6.98
N ASN C 241 -9.72 2.70 7.92
CA ASN C 241 -9.83 3.09 9.31
C ASN C 241 -8.45 3.38 9.90
N PRO C 242 -8.35 4.43 10.73
CA PRO C 242 -7.05 4.77 11.29
C PRO C 242 -6.60 3.73 12.30
N LEU C 243 -5.31 3.45 12.31
CA LEU C 243 -4.73 2.50 13.25
C LEU C 243 -3.81 3.30 14.16
N SER C 244 -4.28 3.49 15.40
CA SER C 244 -3.51 4.16 16.43
C SER C 244 -3.51 3.31 17.68
N PHE C 245 -2.55 3.58 18.57
CA PHE C 245 -2.42 2.77 19.77
C PHE C 245 -3.55 2.97 20.78
N ASP C 246 -4.42 3.97 20.55
CA ASP C 246 -5.67 4.13 21.29
C ASP C 246 -6.44 2.82 21.37
N ASN C 247 -6.45 2.08 20.26
CA ASN C 247 -7.29 0.89 20.08
CA ASN C 247 -7.28 0.89 20.13
C ASN C 247 -6.47 -0.40 19.95
N ILE C 248 -5.15 -0.33 20.03
CA ILE C 248 -4.31 -1.53 19.85
C ILE C 248 -3.99 -2.16 21.21
N THR C 249 -4.37 -3.43 21.39
CA THR C 249 -4.09 -4.17 22.63
C THR C 249 -3.11 -5.35 22.51
N SER C 250 -2.76 -5.73 21.29
CA SER C 250 -1.76 -6.77 21.06
C SER C 250 -0.73 -6.23 20.07
N VAL C 251 0.53 -6.61 20.25
CA VAL C 251 1.61 -6.08 19.42
C VAL C 251 1.23 -6.21 17.94
N PRO C 252 1.23 -5.08 17.20
CA PRO C 252 0.80 -5.10 15.81
C PRO C 252 1.95 -5.34 14.86
N ARG C 253 1.62 -5.59 13.60
CA ARG C 253 2.61 -5.61 12.52
C ARG C 253 3.08 -4.18 12.26
N GLY C 254 4.40 -4.00 12.13
CA GLY C 254 5.02 -2.67 11.97
C GLY C 254 5.70 -2.46 10.64
N GLY C 255 5.32 -3.26 9.65
CA GLY C 255 5.97 -3.24 8.34
C GLY C 255 7.47 -3.43 8.48
N ASN C 256 8.24 -2.49 7.95
CA ASN C 256 9.69 -2.55 8.04
C ASN C 256 10.35 -1.71 9.14
N ALA C 257 9.65 -1.52 10.27
CA ALA C 257 10.18 -0.80 11.42
C ALA C 257 11.32 -1.58 12.06
N GLY C 258 12.02 -0.92 12.98
CA GLY C 258 13.35 -1.37 13.42
C GLY C 258 13.44 -2.56 14.36
N GLY C 259 12.33 -2.93 14.99
CA GLY C 259 12.35 -4.06 15.92
C GLY C 259 13.25 -3.77 17.10
N GLY C 260 14.13 -4.72 17.41
CA GLY C 260 15.12 -4.54 18.46
C GLY C 260 16.23 -3.56 18.11
N GLY C 261 16.34 -3.18 16.84
CA GLY C 261 17.25 -2.11 16.45
C GLY C 261 16.65 -0.74 16.70
N GLN C 262 17.43 0.30 16.39
CA GLN C 262 16.95 1.68 16.34
C GLN C 262 15.98 1.83 15.17
N PRO C 263 15.15 2.90 15.17
CA PRO C 263 14.20 3.03 14.09
C PRO C 263 14.84 2.97 12.71
N GLY C 264 14.16 2.31 11.80
CA GLY C 264 14.64 2.15 10.43
C GLY C 264 13.50 1.88 9.48
N TRP C 265 13.83 1.79 8.20
CA TRP C 265 12.87 1.47 7.18
C TRP C 265 13.58 0.92 5.95
N MET C 266 12.79 0.25 5.11
CA MET C 266 13.24 -0.35 3.86
C MET C 266 12.98 0.69 2.78
N LEU C 267 14.06 1.24 2.23
CA LEU C 267 13.99 2.36 1.29
C LEU C 267 14.39 1.93 -0.14
N LYS C 268 13.62 2.42 -1.10
CA LYS C 268 13.81 2.09 -2.52
C LYS C 268 15.08 2.72 -3.03
N CYS C 269 15.77 1.96 -3.89
CA CYS C 269 16.90 2.44 -4.63
C CYS C 269 16.59 2.37 -6.13
N LYS C 270 17.49 2.91 -6.93
CA LYS C 270 17.36 2.89 -8.39
C LYS C 270 17.05 1.49 -8.91
N GLY C 271 15.98 1.37 -9.70
CA GLY C 271 15.65 0.13 -10.37
C GLY C 271 14.61 -0.70 -9.63
N TRP C 272 14.10 -0.19 -8.51
CA TRP C 272 13.12 -0.90 -7.67
C TRP C 272 11.86 -1.36 -8.42
N GLU C 273 11.48 -0.65 -9.47
CA GLU C 273 10.25 -0.98 -10.19
C GLU C 273 10.34 -2.33 -10.90
N THR C 274 11.55 -2.65 -11.38
CA THR C 274 11.81 -3.90 -12.08
C THR C 274 12.86 -4.78 -11.40
N ASP C 275 13.25 -4.44 -10.18
CA ASP C 275 14.19 -5.24 -9.41
C ASP C 275 13.63 -5.32 -7.99
N ALA C 276 13.09 -6.49 -7.66
CA ALA C 276 12.42 -6.72 -6.38
C ALA C 276 13.32 -6.49 -5.17
N ASP C 277 14.63 -6.51 -5.37
CA ASP C 277 15.59 -6.45 -4.26
C ASP C 277 16.44 -5.18 -4.25
N SER C 278 16.05 -4.19 -5.04
CA SER C 278 16.77 -2.93 -5.11
C SER C 278 16.30 -2.01 -4.00
N TYR C 279 16.74 -2.33 -2.78
CA TYR C 279 16.37 -1.60 -1.57
C TYR C 279 17.53 -1.60 -0.60
N VAL C 280 17.54 -0.63 0.29
CA VAL C 280 18.43 -0.66 1.46
C VAL C 280 17.59 -0.63 2.72
N TYR C 281 18.16 -1.13 3.80
CA TYR C 281 17.64 -0.85 5.14
C TYR C 281 18.44 0.32 5.71
N PHE C 282 17.74 1.37 6.14
CA PHE C 282 18.37 2.61 6.59
C PHE C 282 17.88 2.89 8.01
N THR C 283 18.82 3.08 8.92
CA THR C 283 18.51 3.28 10.34
CA THR C 283 18.53 3.29 10.35
C THR C 283 18.72 4.73 10.76
N ILE C 284 17.82 5.23 11.60
CA ILE C 284 17.96 6.53 12.21
C ILE C 284 18.26 6.29 13.70
N ALA C 285 19.53 6.06 13.99
CA ALA C 285 20.02 5.97 15.37
C ALA C 285 19.99 7.37 15.99
N ALA C 286 19.47 7.46 17.21
CA ALA C 286 19.27 8.73 17.90
C ALA C 286 20.55 9.56 18.01
N ASN C 287 21.69 8.90 18.20
CA ASN C 287 22.97 9.60 18.34
C ASN C 287 23.62 9.96 17.01
N MET C 288 22.93 9.69 15.90
CA MET C 288 23.46 9.96 14.57
C MET C 288 22.67 11.02 13.81
N TRP C 289 21.80 11.75 14.51
CA TRP C 289 20.98 12.75 13.85
C TRP C 289 21.76 13.83 13.08
N PRO C 290 22.81 14.42 13.69
CA PRO C 290 23.60 15.42 12.93
C PRO C 290 24.24 14.89 11.66
N GLN C 291 24.76 13.66 11.70
CA GLN C 291 25.31 12.98 10.52
C GLN C 291 24.25 12.83 9.41
N ILE C 292 23.07 12.37 9.81
CA ILE C 292 21.96 12.22 8.85
C ILE C 292 21.60 13.55 8.20
N CYS C 293 21.51 14.61 9.01
CA CYS C 293 21.21 15.96 8.52
C CYS C 293 22.21 16.46 7.49
N ASP C 294 23.49 16.18 7.72
CA ASP C 294 24.53 16.49 6.73
C ASP C 294 24.34 15.69 5.45
N MET C 295 24.10 14.40 5.59
CA MET C 295 23.96 13.50 4.43
C MET C 295 22.85 13.98 3.48
N ILE C 296 21.69 14.32 4.05
CA ILE C 296 20.51 14.67 3.26
C ILE C 296 20.34 16.18 3.07
N ASP C 297 21.38 16.94 3.47
CA ASP C 297 21.42 18.40 3.32
CA ASP C 297 21.43 18.40 3.33
C ASP C 297 20.26 19.09 4.05
N LYS C 298 20.07 18.73 5.31
CA LYS C 298 19.08 19.40 6.16
C LYS C 298 19.77 19.92 7.42
N PRO C 299 20.73 20.86 7.26
CA PRO C 299 21.37 21.43 8.44
C PRO C 299 20.39 22.11 9.40
N GLU C 300 19.29 22.64 8.87
CA GLU C 300 18.27 23.28 9.70
C GLU C 300 17.56 22.33 10.66
N TRP C 301 17.68 21.01 10.45
CA TRP C 301 17.05 20.02 11.33
C TRP C 301 17.92 19.66 12.54
N LYS C 302 19.19 20.09 12.54
CA LYS C 302 20.13 19.73 13.60
C LYS C 302 19.74 20.29 14.96
N ASP C 303 19.36 21.56 15.00
CA ASP C 303 19.09 22.22 16.27
C ASP C 303 17.59 22.40 16.57
N ASP C 304 16.74 21.86 15.69
CA ASP C 304 15.29 21.96 15.84
C ASP C 304 14.80 20.81 16.71
N PRO C 305 14.18 21.12 17.86
CA PRO C 305 13.67 20.06 18.74
C PRO C 305 12.50 19.24 18.15
N ALA C 306 11.85 19.74 17.09
CA ALA C 306 10.88 18.96 16.33
C ALA C 306 11.53 17.78 15.59
N TYR C 307 12.86 17.84 15.41
CA TYR C 307 13.60 16.85 14.63
C TYR C 307 14.74 16.14 15.35
N ASN C 308 15.34 16.77 16.37
CA ASN C 308 16.65 16.32 16.85
C ASN C 308 16.65 15.38 18.05
N THR C 309 15.47 14.91 18.44
CA THR C 309 15.33 13.85 19.42
C THR C 309 14.38 12.77 18.91
N PHE C 310 14.52 11.57 19.44
CA PHE C 310 13.61 10.48 19.13
C PHE C 310 12.18 10.93 19.38
N GLU C 311 11.96 11.59 20.52
CA GLU C 311 10.63 11.95 20.94
C GLU C 311 10.04 12.96 19.96
N GLY C 312 10.87 13.91 19.53
CA GLY C 312 10.45 14.90 18.54
C GLY C 312 10.07 14.30 17.20
N ARG C 313 10.77 13.23 16.81
CA ARG C 313 10.54 12.58 15.52
C ARG C 313 9.31 11.63 15.45
N VAL C 314 8.73 11.28 16.60
CA VAL C 314 7.64 10.28 16.65
C VAL C 314 6.44 10.64 15.76
N ASP C 315 6.12 11.92 15.71
CA ASP C 315 4.99 12.40 14.91
C ASP C 315 5.31 12.59 13.43
N LYS C 316 6.54 12.31 13.00
CA LYS C 316 6.98 12.60 11.63
C LYS C 316 8.02 11.64 11.03
N LEU C 317 8.36 10.55 11.72
CA LEU C 317 9.50 9.72 11.29
C LEU C 317 9.27 9.12 9.92
N MET C 318 8.02 8.74 9.61
CA MET C 318 7.71 8.13 8.31
C MET C 318 7.86 9.17 7.20
N ASP C 319 7.53 10.42 7.50
CA ASP C 319 7.80 11.53 6.57
C ASP C 319 9.31 11.65 6.33
N ILE C 320 10.09 11.58 7.41
CA ILE C 320 11.54 11.68 7.32
C ILE C 320 12.09 10.55 6.44
N PHE C 321 11.66 9.30 6.68
CA PHE C 321 12.07 8.18 5.81
C PHE C 321 11.71 8.38 4.34
N SER C 322 10.52 8.87 4.05
CA SER C 322 10.08 9.15 2.68
CA SER C 322 10.13 9.10 2.66
C SER C 322 11.02 10.16 1.99
N PHE C 323 11.44 11.17 2.74
CA PHE C 323 12.32 12.21 2.22
C PHE C 323 13.74 11.69 1.97
N ILE C 324 14.28 10.94 2.93
CA ILE C 324 15.59 10.30 2.74
C ILE C 324 15.57 9.45 1.47
N GLU C 325 14.50 8.67 1.32
CA GLU C 325 14.32 7.81 0.16
C GLU C 325 14.45 8.53 -1.19
N THR C 326 13.98 9.78 -1.27
CA THR C 326 14.09 10.56 -2.51
C THR C 326 15.56 10.76 -2.93
N LYS C 327 16.46 10.76 -1.94
CA LYS C 327 17.90 10.93 -2.19
C LYS C 327 18.55 9.72 -2.84
N PHE C 328 17.85 8.59 -2.87
CA PHE C 328 18.39 7.32 -3.39
C PHE C 328 17.87 6.94 -4.77
N ALA C 329 17.08 7.82 -5.39
CA ALA C 329 16.34 7.49 -6.61
C ALA C 329 17.24 7.15 -7.78
N ASP C 330 18.43 7.75 -7.85
CA ASP C 330 19.34 7.51 -8.97
C ASP C 330 20.60 6.74 -8.56
N LYS C 331 20.56 6.08 -7.40
CA LYS C 331 21.69 5.29 -6.92
C LYS C 331 21.23 3.85 -6.68
N ASP C 332 22.08 2.87 -7.00
CA ASP C 332 21.76 1.48 -6.67
C ASP C 332 22.05 1.22 -5.21
N LYS C 333 21.62 0.06 -4.71
CA LYS C 333 21.69 -0.23 -3.28
C LYS C 333 23.12 -0.26 -2.74
N PHE C 334 24.09 -0.63 -3.59
CA PHE C 334 25.49 -0.67 -3.17
C PHE C 334 26.08 0.73 -3.09
N GLU C 335 25.70 1.60 -4.02
CA GLU C 335 26.09 3.01 -3.98
C GLU C 335 25.51 3.71 -2.75
N VAL C 336 24.24 3.46 -2.45
CA VAL C 336 23.63 4.02 -1.25
C VAL C 336 24.34 3.50 0.01
N THR C 337 24.65 2.21 0.04
CA THR C 337 25.31 1.60 1.18
C THR C 337 26.67 2.27 1.42
N GLU C 338 27.43 2.44 0.35
CA GLU C 338 28.75 3.10 0.38
CA GLU C 338 28.75 3.06 0.43
C GLU C 338 28.63 4.53 0.89
N TRP C 339 27.65 5.25 0.36
CA TRP C 339 27.36 6.63 0.76
C TRP C 339 27.02 6.75 2.25
N ALA C 340 26.05 5.98 2.72
CA ALA C 340 25.68 5.96 4.14
C ALA C 340 26.90 5.60 5.01
N ALA C 341 27.68 4.63 4.56
CA ALA C 341 28.86 4.16 5.30
C ALA C 341 29.91 5.27 5.51
N GLN C 342 29.94 6.24 4.60
CA GLN C 342 30.83 7.41 4.74
C GLN C 342 30.49 8.21 5.98
N TYR C 343 29.22 8.16 6.40
CA TYR C 343 28.73 8.90 7.57
C TYR C 343 28.69 8.06 8.85
N GLY C 344 29.01 6.77 8.74
CA GLY C 344 28.95 5.84 9.85
C GLY C 344 27.53 5.38 10.14
N ILE C 345 26.59 5.71 9.24
CA ILE C 345 25.17 5.39 9.44
C ILE C 345 24.92 3.91 9.14
N PRO C 346 24.36 3.15 10.10
CA PRO C 346 24.02 1.76 9.78
C PRO C 346 22.96 1.67 8.67
N CYS C 347 23.36 1.00 7.59
CA CYS C 347 22.58 0.94 6.39
C CYS C 347 23.23 -0.14 5.54
N GLY C 348 22.41 -0.99 4.94
CA GLY C 348 22.91 -2.04 4.07
C GLY C 348 21.89 -2.48 3.04
N PRO C 349 22.37 -3.19 2.01
CA PRO C 349 21.51 -3.60 0.93
C PRO C 349 20.69 -4.84 1.27
N VAL C 350 19.53 -4.95 0.63
CA VAL C 350 18.79 -6.19 0.54
C VAL C 350 19.52 -7.06 -0.49
N MET C 351 20.17 -8.11 -0.01
CA MET C 351 20.91 -9.02 -0.88
C MET C 351 19.96 -10.04 -1.45
N SER C 352 19.96 -10.18 -2.77
CA SER C 352 19.20 -11.22 -3.44
C SER C 352 19.87 -12.59 -3.21
N MET C 353 19.08 -13.65 -3.30
CA MET C 353 19.62 -14.99 -3.16
C MET C 353 20.65 -15.28 -4.26
N LYS C 354 20.41 -14.75 -5.45
CA LYS C 354 21.34 -14.89 -6.57
C LYS C 354 22.67 -14.20 -6.24
N GLU C 355 22.60 -13.03 -5.61
CA GLU C 355 23.80 -12.29 -5.23
C GLU C 355 24.55 -13.06 -4.15
N LEU C 356 23.80 -13.62 -3.20
CA LEU C 356 24.39 -14.39 -2.11
C LEU C 356 25.06 -15.69 -2.57
N ALA C 357 24.41 -16.40 -3.49
CA ALA C 357 24.91 -17.69 -4.00
C ALA C 357 26.24 -17.55 -4.71
N HIS C 358 26.45 -16.41 -5.35
CA HIS C 358 27.64 -16.19 -6.16
C HIS C 358 28.60 -15.16 -5.58
N ASP C 359 28.35 -14.77 -4.33
CA ASP C 359 29.20 -13.76 -3.67
C ASP C 359 30.57 -14.32 -3.29
N PRO C 360 31.66 -13.68 -3.79
CA PRO C 360 32.98 -14.19 -3.43
C PRO C 360 33.27 -14.20 -1.93
N SER C 361 32.86 -13.15 -1.21
CA SER C 361 33.20 -13.03 0.20
C SER C 361 32.66 -14.19 1.04
N LEU C 362 31.41 -14.56 0.82
CA LEU C 362 30.78 -15.69 1.55
C LEU C 362 31.49 -17.02 1.28
N GLN C 363 31.94 -17.23 0.05
CA GLN C 363 32.72 -18.42 -0.28
C GLN C 363 34.13 -18.37 0.33
N LYS C 364 34.76 -17.19 0.32
CA LYS C 364 36.07 -17.00 0.96
C LYS C 364 36.07 -17.37 2.45
N VAL C 365 35.02 -16.97 3.16
CA VAL C 365 34.94 -17.20 4.63
C VAL C 365 34.28 -18.54 5.00
N GLY C 366 33.89 -19.33 4.01
CA GLY C 366 33.35 -20.67 4.24
C GLY C 366 31.90 -20.69 4.70
N THR C 367 31.17 -19.61 4.44
CA THR C 367 29.76 -19.56 4.81
C THR C 367 28.88 -20.11 3.69
N VAL C 368 29.22 -19.80 2.43
CA VAL C 368 28.66 -20.53 1.28
C VAL C 368 29.78 -21.46 0.80
N VAL C 369 29.48 -22.75 0.74
CA VAL C 369 30.49 -23.77 0.44
C VAL C 369 30.07 -24.59 -0.77
N GLU C 370 31.00 -24.76 -1.71
CA GLU C 370 30.76 -25.67 -2.83
C GLU C 370 31.08 -27.07 -2.35
N VAL C 371 30.08 -27.92 -2.28
CA VAL C 371 30.28 -29.32 -1.88
C VAL C 371 30.64 -30.14 -3.11
N VAL C 372 31.67 -30.98 -2.99
CA VAL C 372 32.05 -31.88 -4.07
C VAL C 372 31.14 -33.11 -4.05
N ASP C 373 30.35 -33.28 -5.10
CA ASP C 373 29.46 -34.42 -5.23
C ASP C 373 29.60 -35.00 -6.63
N GLU C 374 30.37 -36.08 -6.76
CA GLU C 374 30.64 -36.70 -8.08
C GLU C 374 29.44 -37.50 -8.61
N ILE C 375 28.52 -37.86 -7.73
CA ILE C 375 27.34 -38.63 -8.13
C ILE C 375 26.25 -37.71 -8.69
N ARG C 376 25.94 -36.63 -7.96
CA ARG C 376 24.84 -35.73 -8.30
C ARG C 376 25.27 -34.46 -9.03
N GLY C 377 26.57 -34.17 -8.99
CA GLY C 377 27.12 -32.88 -9.45
C GLY C 377 27.29 -32.00 -8.23
N ASN C 378 28.31 -31.14 -8.24
CA ASN C 378 28.58 -30.24 -7.13
C ASN C 378 27.38 -29.32 -6.87
N HIS C 379 27.21 -28.94 -5.61
CA HIS C 379 26.18 -27.99 -5.21
C HIS C 379 26.69 -27.07 -4.12
N LEU C 380 25.97 -25.98 -3.92
CA LEU C 380 26.24 -25.05 -2.84
C LEU C 380 25.49 -25.45 -1.58
N THR C 381 26.08 -25.13 -0.43
CA THR C 381 25.38 -25.19 0.84
C THR C 381 25.82 -24.04 1.75
N VAL C 382 25.11 -23.89 2.87
CA VAL C 382 25.55 -23.00 3.92
C VAL C 382 26.44 -23.83 4.86
N GLY C 383 27.64 -23.33 5.14
CA GLY C 383 28.56 -23.98 6.05
C GLY C 383 28.29 -23.60 7.50
N ALA C 384 29.33 -23.74 8.33
CA ALA C 384 29.26 -23.35 9.74
C ALA C 384 29.27 -21.83 9.91
N PRO C 385 28.23 -21.27 10.56
CA PRO C 385 28.16 -19.83 10.82
C PRO C 385 29.06 -19.35 11.95
N PHE C 386 29.54 -20.29 12.76
CA PHE C 386 30.51 -20.02 13.81
C PHE C 386 31.89 -20.33 13.23
N LYS C 387 32.78 -19.35 13.33
CA LYS C 387 34.15 -19.45 12.81
C LYS C 387 35.11 -19.61 13.98
N PHE C 388 36.04 -20.56 13.87
CA PHE C 388 36.93 -20.89 14.96
C PHE C 388 38.40 -20.71 14.55
N SER C 389 39.23 -20.29 15.50
CA SER C 389 40.66 -20.10 15.28
C SER C 389 41.41 -21.42 15.05
N GLY C 390 40.92 -22.50 15.66
CA GLY C 390 41.62 -23.78 15.66
C GLY C 390 41.26 -24.77 14.56
N PHE C 391 40.13 -24.57 13.88
CA PHE C 391 39.72 -25.50 12.82
C PHE C 391 38.71 -24.92 11.83
N GLN C 392 38.55 -25.66 10.74
CA GLN C 392 37.54 -25.38 9.71
C GLN C 392 36.78 -26.67 9.43
N PRO C 393 35.46 -26.57 9.21
CA PRO C 393 34.75 -27.76 8.77
C PRO C 393 35.25 -28.29 7.43
N GLU C 394 35.13 -29.61 7.27
CA GLU C 394 35.38 -30.27 5.99
C GLU C 394 34.05 -30.87 5.56
N ILE C 395 33.36 -30.20 4.65
CA ILE C 395 32.01 -30.61 4.27
C ILE C 395 32.06 -31.65 3.14
N THR C 396 31.42 -32.79 3.35
CA THR C 396 31.40 -33.89 2.39
C THR C 396 29.96 -34.29 2.03
N ARG C 397 29.79 -34.84 0.83
CA ARG C 397 28.49 -35.01 0.22
C ARG C 397 27.51 -35.87 1.02
N ALA C 398 26.23 -35.60 0.83
CA ALA C 398 25.16 -36.34 1.49
C ALA C 398 25.15 -37.78 1.00
N PRO C 399 24.80 -38.71 1.88
CA PRO C 399 24.85 -40.13 1.55
C PRO C 399 23.67 -40.57 0.68
N LEU C 400 23.92 -41.51 -0.22
CA LEU C 400 22.83 -42.18 -0.92
C LEU C 400 22.07 -43.06 0.08
N LEU C 401 20.82 -43.38 -0.22
CA LEU C 401 19.99 -44.18 0.70
C LEU C 401 20.59 -45.56 0.92
N GLY C 402 20.90 -45.87 2.18
CA GLY C 402 21.46 -47.14 2.56
C GLY C 402 22.90 -47.32 2.12
N GLU C 403 23.57 -46.23 1.74
CA GLU C 403 24.92 -46.29 1.18
C GLU C 403 25.93 -46.89 2.14
N HIS C 404 25.72 -46.66 3.43
CA HIS C 404 26.69 -47.06 4.46
C HIS C 404 26.21 -48.15 5.40
N THR C 405 25.12 -48.82 5.03
CA THR C 405 24.53 -49.89 5.84
C THR C 405 25.58 -50.94 6.24
N ASP C 406 26.25 -51.52 5.24
CA ASP C 406 27.23 -52.59 5.50
C ASP C 406 28.40 -52.11 6.32
N GLU C 407 28.94 -50.96 5.90
CA GLU C 407 30.03 -50.28 6.58
C GLU C 407 29.73 -50.07 8.08
N VAL C 408 28.51 -49.63 8.37
CA VAL C 408 28.09 -49.41 9.76
C VAL C 408 27.91 -50.74 10.52
N LEU C 409 27.34 -51.74 9.85
CA LEU C 409 27.17 -53.07 10.45
C LEU C 409 28.52 -53.71 10.78
N LYS C 410 29.49 -53.57 9.88
CA LYS C 410 30.87 -54.00 10.14
C LYS C 410 31.46 -53.35 11.40
N GLU C 411 31.12 -52.08 11.62
CA GLU C 411 31.61 -51.36 12.79
C GLU C 411 30.94 -51.83 14.09
N LEU C 412 29.74 -52.40 13.98
CA LEU C 412 29.09 -53.04 15.12
C LEU C 412 29.73 -54.40 15.44
N GLY C 413 30.70 -54.80 14.64
CA GLY C 413 31.42 -56.05 14.85
C GLY C 413 30.75 -57.25 14.21
N LEU C 414 29.71 -57.01 13.41
CA LEU C 414 29.03 -58.09 12.69
C LEU C 414 29.96 -58.65 11.61
N ASP C 415 29.81 -59.95 11.36
CA ASP C 415 30.57 -60.62 10.32
C ASP C 415 29.74 -60.72 9.05
N ASP C 416 30.38 -61.05 7.94
CA ASP C 416 29.72 -61.12 6.64
C ASP C 416 28.51 -62.05 6.61
N ALA C 417 28.48 -63.03 7.51
CA ALA C 417 27.39 -64.00 7.57
C ALA C 417 26.07 -63.36 7.98
N LYS C 418 26.03 -62.72 9.15
CA LYS C 418 24.78 -62.11 9.64
C LYS C 418 24.36 -60.88 8.83
N ILE C 419 25.33 -60.16 8.26
CA ILE C 419 25.01 -59.04 7.38
C ILE C 419 24.23 -59.56 6.18
N LYS C 420 24.72 -60.62 5.54
CA LYS C 420 23.98 -61.34 4.49
C LYS C 420 22.55 -61.67 4.93
N GLU C 421 22.44 -62.21 6.14
CA GLU C 421 21.15 -62.62 6.71
C GLU C 421 20.19 -61.43 6.86
N LEU C 422 20.69 -60.35 7.45
CA LEU C 422 19.87 -59.15 7.67
C LEU C 422 19.34 -58.62 6.33
N HIS C 423 20.21 -58.59 5.32
CA HIS C 423 19.80 -58.20 3.97
C HIS C 423 18.72 -59.14 3.42
N ALA C 424 18.96 -60.45 3.55
CA ALA C 424 17.99 -61.47 3.11
C ALA C 424 16.67 -61.36 3.86
N LYS C 425 16.75 -61.12 5.16
CA LYS C 425 15.56 -60.94 6.00
C LYS C 425 14.83 -59.62 5.77
N GLN C 426 15.46 -58.71 5.01
CA GLN C 426 14.91 -57.40 4.68
C GLN C 426 14.77 -56.49 5.92
N VAL C 427 15.65 -56.71 6.89
CA VAL C 427 15.77 -55.84 8.06
C VAL C 427 16.61 -54.61 7.69
N VAL C 428 17.50 -54.81 6.74
CA VAL C 428 18.49 -53.82 6.31
C VAL C 428 18.46 -53.70 4.78
N THR D 2 22.34 -30.02 39.50
CA THR D 2 23.48 -29.36 38.81
C THR D 2 23.04 -28.88 37.43
N LYS D 3 23.51 -27.70 37.07
CA LYS D 3 23.16 -27.10 35.80
C LYS D 3 24.39 -27.17 34.89
N PRO D 4 24.18 -27.27 33.58
CA PRO D 4 25.24 -27.51 32.61
C PRO D 4 26.45 -26.62 32.76
N LEU D 5 26.23 -25.31 32.96
CA LEU D 5 27.31 -24.33 32.95
C LEU D 5 27.67 -23.81 34.34
N ASP D 6 27.23 -24.53 35.38
CA ASP D 6 27.67 -24.22 36.74
CA ASP D 6 27.67 -24.22 36.74
C ASP D 6 29.20 -24.24 36.80
N GLY D 7 29.78 -23.20 37.39
CA GLY D 7 31.22 -23.06 37.48
C GLY D 7 31.88 -22.31 36.32
N ILE D 8 31.13 -22.13 35.23
CA ILE D 8 31.67 -21.43 34.06
C ILE D 8 31.57 -19.91 34.30
N ASN D 9 32.74 -19.26 34.30
CA ASN D 9 32.80 -17.81 34.52
CA ASN D 9 32.83 -17.81 34.53
C ASN D 9 32.85 -17.07 33.20
N VAL D 10 31.82 -16.25 32.98
CA VAL D 10 31.70 -15.46 31.76
C VAL D 10 32.05 -14.00 32.05
N LEU D 11 33.08 -13.49 31.38
CA LEU D 11 33.41 -12.08 31.41
C LEU D 11 32.65 -11.44 30.24
N ASP D 12 31.60 -10.69 30.58
CA ASP D 12 30.60 -10.29 29.62
C ASP D 12 30.68 -8.80 29.28
N PHE D 13 31.20 -8.49 28.10
CA PHE D 13 31.29 -7.09 27.63
C PHE D 13 30.07 -6.71 26.80
N THR D 14 29.13 -7.63 26.62
CA THR D 14 28.10 -7.43 25.59
C THR D 14 27.09 -6.37 25.95
N HIS D 15 26.48 -5.80 24.91
CA HIS D 15 25.42 -4.84 25.07
C HIS D 15 24.47 -4.91 23.89
N VAL D 16 23.36 -4.19 23.99
CA VAL D 16 22.26 -4.25 23.02
C VAL D 16 21.57 -5.64 23.14
N GLN D 17 21.45 -6.42 22.06
CA GLN D 17 20.61 -7.64 22.05
C GLN D 17 21.36 -8.96 21.76
N ALA D 18 22.15 -9.00 20.69
CA ALA D 18 22.76 -10.25 20.24
C ALA D 18 23.69 -10.87 21.29
N GLY D 19 24.70 -10.10 21.71
CA GLY D 19 25.60 -10.55 22.75
C GLY D 19 24.88 -10.87 24.05
N PRO D 20 24.09 -9.90 24.58
CA PRO D 20 23.40 -10.18 25.85
C PRO D 20 22.40 -11.36 25.83
N ALA D 21 21.79 -11.66 24.69
CA ALA D 21 20.91 -12.84 24.60
C ALA D 21 21.74 -14.13 24.85
N CYS D 22 22.90 -14.20 24.23
CA CYS D 22 23.85 -15.31 24.43
C CYS D 22 24.21 -15.50 25.90
N THR D 23 24.70 -14.43 26.54
CA THR D 23 25.20 -14.52 27.91
C THR D 23 24.05 -14.76 28.92
N GLN D 24 22.88 -14.18 28.65
CA GLN D 24 21.70 -14.46 29.47
C GLN D 24 21.36 -15.94 29.45
N MET D 25 21.32 -16.54 28.28
CA MET D 25 20.93 -17.94 28.16
C MET D 25 21.96 -18.86 28.82
N MET D 26 23.24 -18.47 28.73
CA MET D 26 24.30 -19.19 29.46
C MET D 26 24.08 -19.08 30.96
N GLY D 27 23.63 -17.90 31.40
CA GLY D 27 23.23 -17.66 32.78
C GLY D 27 22.06 -18.54 33.21
N PHE D 28 21.04 -18.65 32.36
CA PHE D 28 19.91 -19.54 32.63
C PHE D 28 20.37 -21.00 32.79
N LEU D 29 21.41 -21.40 32.06
CA LEU D 29 21.96 -22.76 32.17
C LEU D 29 23.04 -22.88 33.25
N GLY D 30 23.18 -21.87 34.11
CA GLY D 30 24.03 -21.92 35.29
C GLY D 30 25.33 -21.12 35.26
N ALA D 31 25.65 -20.47 34.14
CA ALA D 31 26.90 -19.73 34.06
C ALA D 31 26.95 -18.58 35.06
N ASN D 32 28.16 -18.23 35.49
CA ASN D 32 28.41 -17.08 36.35
C ASN D 32 28.78 -15.91 35.47
N VAL D 33 27.77 -15.11 35.11
CA VAL D 33 27.96 -14.03 34.15
C VAL D 33 28.20 -12.71 34.85
N ILE D 34 29.38 -12.14 34.60
CA ILE D 34 29.74 -10.82 35.12
C ILE D 34 29.73 -9.81 33.99
N LYS D 35 28.73 -8.94 34.03
CA LYS D 35 28.51 -7.94 33.02
C LYS D 35 29.33 -6.68 33.31
N ILE D 36 30.32 -6.44 32.45
CA ILE D 36 31.15 -5.26 32.48
C ILE D 36 30.41 -4.13 31.78
N GLU D 37 30.03 -3.11 32.53
CA GLU D 37 29.34 -1.97 31.95
C GLU D 37 30.17 -0.69 32.08
N ARG D 38 30.04 0.18 31.08
CA ARG D 38 30.75 1.45 31.07
C ARG D 38 30.25 2.32 32.23
N ARG D 39 31.18 2.78 33.06
CA ARG D 39 30.87 3.64 34.22
C ARG D 39 29.92 4.77 33.88
N GLY D 40 28.87 4.92 34.67
CA GLY D 40 27.97 6.07 34.56
C GLY D 40 26.77 5.89 33.65
N SER D 41 26.87 4.99 32.67
CA SER D 41 25.83 4.83 31.66
C SER D 41 25.37 3.38 31.52
N GLY D 42 26.33 2.48 31.33
CA GLY D 42 26.05 1.07 31.17
C GLY D 42 25.40 0.74 29.84
N ASP D 43 24.81 -0.44 29.76
CA ASP D 43 24.17 -0.96 28.55
C ASP D 43 23.08 0.00 28.12
N MET D 44 23.12 0.39 26.86
CA MET D 44 22.16 1.34 26.28
CA MET D 44 22.15 1.36 26.32
C MET D 44 20.71 0.87 26.39
N THR D 45 20.52 -0.44 26.51
CA THR D 45 19.16 -0.98 26.66
C THR D 45 18.48 -0.50 27.93
N ARG D 46 19.27 -0.22 28.97
CA ARG D 46 18.74 0.29 30.24
C ARG D 46 17.82 1.50 30.06
N GLY D 47 18.24 2.43 29.19
CA GLY D 47 17.48 3.66 28.96
C GLY D 47 16.64 3.66 27.70
N GLN D 48 16.57 2.51 27.05
CA GLN D 48 15.88 2.41 25.77
C GLN D 48 14.40 2.04 25.93
N LEU D 49 13.53 2.95 25.50
CA LEU D 49 12.07 2.72 25.54
C LEU D 49 11.59 2.28 26.94
N GLN D 50 12.01 3.03 27.96
CA GLN D 50 11.59 2.77 29.34
C GLN D 50 10.08 2.90 29.47
N ASP D 51 9.49 2.09 30.34
CA ASP D 51 8.05 2.21 30.61
C ASP D 51 7.78 3.05 31.88
N LYS D 52 8.79 3.18 32.74
CA LYS D 52 8.74 4.06 33.92
C LYS D 52 10.00 4.91 33.94
N PRO D 53 9.87 6.24 34.19
CA PRO D 53 11.06 7.09 34.21
C PRO D 53 12.08 6.60 35.24
N ASN D 54 13.35 6.63 34.86
CA ASN D 54 14.47 6.28 35.75
C ASN D 54 14.44 4.84 36.27
N VAL D 55 13.80 3.95 35.52
CA VAL D 55 13.79 2.53 35.85
C VAL D 55 14.28 1.78 34.60
N ASP D 56 15.16 0.82 34.80
CA ASP D 56 15.71 0.03 33.68
C ASP D 56 14.55 -0.54 32.85
N SER D 57 14.67 -0.40 31.54
CA SER D 57 13.62 -0.81 30.63
C SER D 57 13.41 -2.34 30.58
N LEU D 58 12.28 -2.73 30.00
CA LEU D 58 12.00 -4.12 29.68
C LEU D 58 12.99 -4.72 28.67
N TYR D 59 13.50 -3.88 27.75
CA TYR D 59 14.57 -4.30 26.85
C TYR D 59 15.75 -4.80 27.69
N PHE D 60 16.13 -4.02 28.70
CA PHE D 60 17.22 -4.41 29.56
C PHE D 60 16.87 -5.67 30.39
N THR D 61 15.76 -5.64 31.11
CA THR D 61 15.48 -6.71 32.09
C THR D 61 15.28 -8.07 31.39
N MET D 62 14.66 -8.06 30.21
CA MET D 62 14.39 -9.32 29.50
C MET D 62 15.60 -9.94 28.81
N PHE D 63 16.71 -9.20 28.76
CA PHE D 63 17.95 -9.70 28.19
C PHE D 63 19.09 -9.79 29.20
N ASN D 64 18.87 -9.40 30.46
CA ASN D 64 19.96 -9.33 31.42
C ASN D 64 19.68 -9.95 32.79
N CYS D 65 18.69 -10.84 32.85
CA CYS D 65 18.50 -11.68 34.02
C CYS D 65 19.68 -12.63 34.15
N ASN D 66 19.88 -13.13 35.36
CA ASN D 66 20.96 -14.08 35.69
C ASN D 66 22.34 -13.52 35.34
N LYS D 67 22.53 -12.25 35.66
CA LYS D 67 23.80 -11.56 35.49
C LYS D 67 24.06 -10.67 36.69
N ARG D 68 25.33 -10.37 36.92
CA ARG D 68 25.73 -9.36 37.89
C ARG D 68 26.38 -8.20 37.14
N SER D 69 26.20 -6.98 37.65
CA SER D 69 26.73 -5.80 37.00
C SER D 69 27.92 -5.24 37.78
N ILE D 70 29.02 -5.01 37.07
CA ILE D 70 30.13 -4.20 37.56
C ILE D 70 30.37 -3.04 36.59
N GLU D 71 30.59 -1.85 37.16
CA GLU D 71 30.94 -0.67 36.36
C GLU D 71 32.45 -0.58 36.25
N LEU D 72 32.94 -0.13 35.11
CA LEU D 72 34.37 -0.07 34.83
C LEU D 72 34.65 0.99 33.77
N ASP D 73 35.60 1.88 34.05
CA ASP D 73 36.16 2.75 33.03
C ASP D 73 37.37 2.03 32.46
N MET D 74 37.21 1.42 31.29
CA MET D 74 38.22 0.56 30.68
C MET D 74 39.32 1.34 29.96
N LYS D 75 39.14 2.65 29.78
CA LYS D 75 40.21 3.50 29.21
C LYS D 75 41.16 4.05 30.28
N THR D 76 40.97 3.67 31.53
CA THR D 76 41.91 3.97 32.60
C THR D 76 42.88 2.79 32.75
N PRO D 77 44.13 3.07 33.19
CA PRO D 77 45.10 1.99 33.40
C PRO D 77 44.68 1.02 34.51
N GLU D 78 44.01 1.54 35.53
CA GLU D 78 43.49 0.71 36.62
C GLU D 78 42.33 -0.19 36.14
N GLY D 79 41.53 0.34 35.21
CA GLY D 79 40.48 -0.46 34.58
C GLY D 79 41.05 -1.62 33.81
N LYS D 80 42.11 -1.35 33.02
CA LYS D 80 42.77 -2.38 32.22
C LYS D 80 43.39 -3.48 33.07
N GLU D 81 44.00 -3.12 34.20
CA GLU D 81 44.59 -4.10 35.13
C GLU D 81 43.51 -4.97 35.79
N LEU D 82 42.37 -4.37 36.10
CA LEU D 82 41.24 -5.13 36.63
C LEU D 82 40.78 -6.19 35.62
N LEU D 83 40.68 -5.78 34.35
CA LEU D 83 40.29 -6.71 33.28
C LEU D 83 41.27 -7.87 33.15
N GLU D 84 42.57 -7.58 33.27
CA GLU D 84 43.58 -8.63 33.20
C GLU D 84 43.36 -9.70 34.29
N GLN D 85 43.02 -9.27 35.50
CA GLN D 85 42.77 -10.19 36.61
C GLN D 85 41.50 -11.01 36.38
N MET D 86 40.48 -10.36 35.84
CA MET D 86 39.22 -11.03 35.52
C MET D 86 39.40 -12.01 34.36
N ILE D 87 40.20 -11.63 33.37
CA ILE D 87 40.48 -12.51 32.22
C ILE D 87 41.16 -13.81 32.67
N LYS D 88 42.03 -13.69 33.68
CA LYS D 88 42.75 -14.84 34.23
C LYS D 88 41.84 -15.81 34.98
N LYS D 89 40.67 -15.35 35.38
CA LYS D 89 39.68 -16.22 36.05
C LYS D 89 38.47 -16.56 35.18
N ALA D 90 38.42 -16.04 33.96
CA ALA D 90 37.30 -16.29 33.05
C ALA D 90 37.49 -17.59 32.27
N ASP D 91 36.38 -18.26 31.96
CA ASP D 91 36.36 -19.35 30.98
C ASP D 91 36.02 -18.84 29.58
N VAL D 92 35.14 -17.84 29.53
CA VAL D 92 34.63 -17.27 28.28
C VAL D 92 34.57 -15.74 28.37
N MET D 93 35.06 -15.06 27.34
CA MET D 93 34.86 -13.62 27.20
C MET D 93 33.97 -13.42 25.99
N VAL D 94 32.91 -12.62 26.17
CA VAL D 94 31.95 -12.37 25.09
C VAL D 94 31.85 -10.87 24.85
N GLU D 95 31.91 -10.48 23.58
CA GLU D 95 31.82 -9.07 23.20
C GLU D 95 31.10 -8.91 21.87
N ASN D 96 30.53 -7.73 21.66
CA ASN D 96 29.96 -7.39 20.37
C ASN D 96 30.28 -5.95 19.99
N PHE D 97 31.47 -5.50 20.36
CA PHE D 97 31.95 -4.17 19.99
C PHE D 97 32.18 -4.12 18.48
N GLY D 98 32.37 -2.91 17.95
CA GLY D 98 32.69 -2.76 16.54
C GLY D 98 33.96 -3.51 16.17
N PRO D 99 34.20 -3.72 14.86
CA PRO D 99 35.43 -4.39 14.44
C PRO D 99 36.70 -3.66 14.92
N GLY D 100 37.62 -4.42 15.52
CA GLY D 100 38.88 -3.87 16.04
C GLY D 100 38.80 -3.19 17.39
N ALA D 101 37.58 -2.97 17.90
CA ALA D 101 37.37 -2.17 19.10
C ALA D 101 38.04 -2.79 20.34
N LEU D 102 37.91 -4.10 20.51
CA LEU D 102 38.56 -4.77 21.65
C LEU D 102 40.09 -4.81 21.49
N ASP D 103 40.59 -4.87 20.25
CA ASP D 103 42.03 -4.72 19.98
C ASP D 103 42.53 -3.34 20.43
N ARG D 104 41.81 -2.30 20.02
CA ARG D 104 42.12 -0.91 20.40
C ARG D 104 42.04 -0.67 21.91
N MET D 105 41.23 -1.49 22.60
CA MET D 105 41.10 -1.42 24.06
CA MET D 105 41.09 -1.44 24.06
C MET D 105 42.32 -2.00 24.76
N GLY D 106 43.21 -2.65 24.01
CA GLY D 106 44.45 -3.21 24.56
C GLY D 106 44.39 -4.71 24.83
N PHE D 107 43.45 -5.40 24.16
CA PHE D 107 43.26 -6.83 24.39
C PHE D 107 43.03 -7.58 23.07
N THR D 108 44.11 -7.70 22.30
CA THR D 108 44.14 -8.57 21.13
C THR D 108 44.01 -10.03 21.60
N TRP D 109 43.58 -10.90 20.70
CA TRP D 109 43.48 -12.34 20.97
C TRP D 109 44.82 -12.89 21.42
N GLU D 110 45.88 -12.44 20.75
CA GLU D 110 47.25 -12.83 21.09
C GLU D 110 47.57 -12.50 22.55
N TYR D 111 47.23 -11.28 22.97
CA TYR D 111 47.47 -10.86 24.34
C TYR D 111 46.60 -11.65 25.32
N ILE D 112 45.32 -11.81 24.97
CA ILE D 112 44.38 -12.60 25.78
C ILE D 112 44.90 -14.02 26.05
N GLN D 113 45.43 -14.68 25.02
CA GLN D 113 45.97 -16.04 25.15
C GLN D 113 47.12 -16.12 26.13
N GLU D 114 47.97 -15.08 26.12
CA GLU D 114 49.08 -14.97 27.07
C GLU D 114 48.55 -14.83 28.50
N LEU D 115 47.55 -13.97 28.67
CA LEU D 115 46.92 -13.78 29.98
C LEU D 115 46.27 -15.08 30.48
N ASN D 116 45.57 -15.79 29.60
CA ASN D 116 44.88 -17.03 29.98
C ASN D 116 44.75 -17.99 28.80
N PRO D 117 45.61 -19.03 28.75
CA PRO D 117 45.57 -20.01 27.65
C PRO D 117 44.29 -20.85 27.57
N ARG D 118 43.45 -20.79 28.61
CA ARG D 118 42.21 -21.56 28.62
C ARG D 118 40.98 -20.75 28.27
N VAL D 119 41.12 -19.44 28.15
CA VAL D 119 39.96 -18.57 27.95
C VAL D 119 39.51 -18.58 26.49
N ILE D 120 38.18 -18.55 26.32
CA ILE D 120 37.54 -18.56 25.02
C ILE D 120 37.07 -17.14 24.72
N LEU D 121 37.44 -16.62 23.57
CA LEU D 121 37.00 -15.28 23.15
C LEU D 121 35.90 -15.46 22.12
N ALA D 122 34.71 -14.97 22.43
CA ALA D 122 33.55 -15.14 21.58
C ALA D 122 33.02 -13.78 21.18
N SER D 123 32.79 -13.59 19.89
CA SER D 123 32.35 -12.29 19.37
C SER D 123 31.17 -12.40 18.42
N VAL D 124 30.27 -11.42 18.51
CA VAL D 124 29.27 -11.17 17.48
C VAL D 124 29.79 -10.09 16.53
N LYS D 125 29.75 -10.37 15.23
CA LYS D 125 30.17 -9.44 14.20
C LYS D 125 29.01 -9.22 13.24
N GLY D 126 29.07 -8.17 12.43
CA GLY D 126 28.06 -7.93 11.42
C GLY D 126 28.29 -8.85 10.22
N TYR D 127 29.48 -8.70 9.64
CA TYR D 127 29.97 -9.57 8.56
C TYR D 127 31.19 -10.34 9.07
N ALA D 128 31.45 -11.50 8.47
CA ALA D 128 32.56 -12.35 8.91
C ALA D 128 33.90 -11.66 8.60
N GLU D 129 34.90 -11.95 9.41
CA GLU D 129 36.25 -11.45 9.18
C GLU D 129 36.77 -12.01 7.86
N GLY D 130 37.31 -11.12 7.00
CA GLY D 130 37.73 -11.48 5.64
C GLY D 130 36.71 -11.09 4.58
N HIS D 131 35.47 -10.81 5.00
CA HIS D 131 34.42 -10.35 4.09
C HIS D 131 34.77 -8.97 3.52
N ALA D 132 34.43 -8.70 2.25
CA ALA D 132 34.60 -7.36 1.68
C ALA D 132 33.88 -6.27 2.51
N ASN D 133 32.78 -6.65 3.15
CA ASN D 133 31.98 -5.72 3.98
C ASN D 133 32.24 -5.86 5.48
N GLU D 134 33.37 -6.46 5.85
CA GLU D 134 33.72 -6.70 7.25
C GLU D 134 33.57 -5.46 8.15
N HIS D 135 33.72 -4.28 7.57
CA HIS D 135 33.75 -3.07 8.39
CA HIS D 135 33.79 -2.98 8.25
C HIS D 135 32.44 -2.28 8.43
N LEU D 136 31.39 -2.84 7.84
CA LEU D 136 30.08 -2.20 7.86
C LEU D 136 29.39 -2.47 9.19
N LYS D 137 28.66 -1.47 9.67
CA LYS D 137 27.88 -1.59 10.91
C LYS D 137 26.57 -2.30 10.61
N VAL D 138 26.26 -3.30 11.42
CA VAL D 138 25.08 -4.13 11.21
C VAL D 138 24.31 -4.27 12.50
N TYR D 139 23.02 -3.96 12.44
CA TYR D 139 22.09 -4.26 13.52
C TYR D 139 20.88 -4.99 12.94
N GLU D 140 20.14 -5.66 13.83
CA GLU D 140 18.98 -6.48 13.50
C GLU D 140 18.56 -6.52 12.03
N ASN D 141 17.79 -5.54 11.57
CA ASN D 141 17.17 -5.62 10.24
C ASN D 141 18.16 -5.48 9.10
N VAL D 142 19.27 -4.77 9.34
CA VAL D 142 20.36 -4.72 8.36
C VAL D 142 20.90 -6.13 8.06
N ALA D 143 21.05 -6.95 9.10
CA ALA D 143 21.44 -8.35 8.98
C ALA D 143 20.40 -9.20 8.26
N GLN D 144 19.12 -8.94 8.53
CA GLN D 144 18.04 -9.64 7.82
C GLN D 144 18.11 -9.35 6.33
N CYS D 145 18.49 -8.13 5.98
CA CYS D 145 18.66 -7.73 4.59
C CYS D 145 19.91 -8.36 3.97
N SER D 146 21.01 -8.35 4.71
CA SER D 146 22.30 -8.90 4.23
C SER D 146 22.30 -10.42 4.02
N GLY D 147 21.50 -11.14 4.82
CA GLY D 147 21.49 -12.61 4.80
C GLY D 147 20.44 -13.32 3.97
N GLY D 148 19.66 -12.57 3.20
CA GLY D 148 18.70 -13.12 2.27
C GLY D 148 17.27 -13.22 2.74
N ALA D 149 17.04 -12.95 4.03
CA ALA D 149 15.72 -13.09 4.59
C ALA D 149 14.75 -12.02 4.05
N ALA D 150 15.20 -10.78 4.00
CA ALA D 150 14.31 -9.68 3.58
C ALA D 150 13.86 -9.88 2.13
N ALA D 151 14.82 -10.25 1.28
CA ALA D 151 14.57 -10.51 -0.12
C ALA D 151 13.49 -11.56 -0.38
N THR D 152 13.38 -12.54 0.53
CA THR D 152 12.53 -13.70 0.36
C THR D 152 11.33 -13.74 1.29
N THR D 153 11.07 -12.62 1.99
CA THR D 153 9.99 -12.50 2.96
C THR D 153 9.06 -11.38 2.54
N GLY D 154 7.76 -11.65 2.54
CA GLY D 154 6.77 -10.67 2.11
C GLY D 154 6.11 -11.13 0.83
N PHE D 155 5.55 -10.18 0.08
CA PHE D 155 4.82 -10.50 -1.14
C PHE D 155 5.55 -10.01 -2.39
N TRP D 156 5.22 -10.67 -3.49
CA TRP D 156 5.78 -10.38 -4.83
C TRP D 156 5.46 -8.97 -5.33
N ASP D 157 4.35 -8.39 -4.88
CA ASP D 157 3.95 -7.03 -5.26
C ASP D 157 4.18 -6.02 -4.12
N GLY D 158 5.04 -6.39 -3.17
CA GLY D 158 5.42 -5.51 -2.08
C GLY D 158 6.91 -5.45 -1.90
N PRO D 159 7.38 -4.71 -0.88
CA PRO D 159 8.82 -4.58 -0.66
C PRO D 159 9.42 -5.80 0.04
N PRO D 160 10.76 -5.90 0.04
CA PRO D 160 11.44 -6.83 0.94
C PRO D 160 10.93 -6.55 2.36
N THR D 161 10.74 -7.59 3.17
CA THR D 161 10.07 -7.44 4.47
C THR D 161 10.86 -8.09 5.60
N VAL D 162 11.00 -7.38 6.72
CA VAL D 162 11.70 -7.87 7.88
C VAL D 162 10.79 -8.79 8.70
N SER D 163 11.40 -9.77 9.37
CA SER D 163 10.69 -10.62 10.31
C SER D 163 10.61 -9.91 11.66
N GLY D 164 9.49 -10.10 12.36
CA GLY D 164 9.33 -9.65 13.73
C GLY D 164 10.23 -10.43 14.66
N ALA D 165 10.59 -11.64 14.25
CA ALA D 165 11.59 -12.43 14.97
C ALA D 165 12.95 -11.78 14.78
N ALA D 166 13.76 -11.84 15.84
CA ALA D 166 15.11 -11.28 15.86
C ALA D 166 16.10 -12.21 15.16
N LEU D 167 15.91 -12.35 13.85
CA LEU D 167 16.78 -13.15 12.99
C LEU D 167 18.20 -12.66 13.00
N GLY D 168 18.37 -11.36 13.21
CA GLY D 168 19.68 -10.75 13.25
C GLY D 168 20.31 -10.88 14.61
N ASP D 169 19.64 -10.36 15.64
CA ASP D 169 20.28 -10.23 16.95
C ASP D 169 20.23 -11.49 17.80
N SER D 170 19.04 -11.86 18.30
CA SER D 170 18.94 -13.03 19.19
C SER D 170 19.37 -14.33 18.49
N ASN D 171 19.01 -14.47 17.23
CA ASN D 171 19.46 -15.62 16.44
C ASN D 171 21.00 -15.71 16.42
N SER D 172 21.67 -14.58 16.14
CA SER D 172 23.14 -14.54 16.18
C SER D 172 23.71 -14.89 17.55
N GLY D 173 23.07 -14.43 18.62
CA GLY D 173 23.49 -14.80 19.97
C GLY D 173 23.37 -16.27 20.30
N MET D 174 22.28 -16.88 19.86
CA MET D 174 22.05 -18.32 20.03
C MET D 174 23.08 -19.12 19.22
N HIS D 175 23.38 -18.65 18.01
CA HIS D 175 24.47 -19.22 17.20
C HIS D 175 25.81 -19.10 17.92
N LEU D 176 26.09 -17.94 18.54
CA LEU D 176 27.32 -17.76 19.32
C LEU D 176 27.36 -18.71 20.50
N MET D 177 26.20 -18.96 21.12
CA MET D 177 26.14 -19.94 22.22
C MET D 177 26.56 -21.35 21.78
N ILE D 178 26.16 -21.76 20.58
CA ILE D 178 26.65 -23.02 20.00
C ILE D 178 28.18 -22.97 19.87
N GLY D 179 28.69 -21.88 19.29
CA GLY D 179 30.12 -21.69 19.09
C GLY D 179 30.89 -21.76 20.40
N ILE D 180 30.37 -21.11 21.43
CA ILE D 180 31.02 -21.12 22.74
C ILE D 180 31.05 -22.52 23.34
N LEU D 181 29.90 -23.22 23.29
CA LEU D 181 29.79 -24.56 23.86
C LEU D 181 30.65 -25.58 23.08
N ALA D 182 30.71 -25.42 21.75
CA ALA D 182 31.65 -26.19 20.95
C ALA D 182 33.09 -25.93 21.41
N ALA D 183 33.42 -24.68 21.72
CA ALA D 183 34.77 -24.32 22.19
C ALA D 183 35.07 -24.97 23.53
N LEU D 184 34.08 -25.02 24.41
CA LEU D 184 34.20 -25.72 25.69
C LEU D 184 34.48 -27.22 25.50
N GLU D 185 33.77 -27.84 24.57
CA GLU D 185 34.00 -29.26 24.23
C GLU D 185 35.42 -29.53 23.72
N ILE D 186 35.90 -28.68 22.83
CA ILE D 186 37.25 -28.88 22.27
C ILE D 186 38.35 -28.59 23.32
N ARG D 187 38.00 -27.79 24.33
CA ARG D 187 38.92 -27.46 25.42
C ARG D 187 39.12 -28.63 26.39
N HIS D 188 38.10 -29.45 26.58
CA HIS D 188 38.22 -30.65 27.41
C HIS D 188 39.30 -31.59 26.84
N LYS D 189 39.50 -31.51 25.52
CA LYS D 189 40.52 -32.30 24.83
C LYS D 189 41.88 -31.61 24.81
N THR D 190 41.91 -30.35 24.39
CA THR D 190 43.17 -29.64 24.13
C THR D 190 43.73 -28.87 25.33
N GLY D 191 42.88 -28.56 26.31
CA GLY D 191 43.28 -27.72 27.44
C GLY D 191 43.51 -26.27 27.08
N ARG D 192 42.98 -25.86 25.92
CA ARG D 192 43.23 -24.54 25.39
C ARG D 192 41.92 -23.91 24.88
N GLY D 193 41.78 -22.61 25.09
CA GLY D 193 40.63 -21.87 24.59
C GLY D 193 40.79 -21.50 23.13
N GLN D 194 39.69 -21.15 22.48
CA GLN D 194 39.75 -20.72 21.08
C GLN D 194 39.05 -19.39 20.93
N LYS D 195 39.31 -18.72 19.81
CA LYS D 195 38.54 -17.57 19.39
C LYS D 195 37.39 -18.10 18.55
N VAL D 196 36.18 -17.65 18.85
CA VAL D 196 35.00 -18.03 18.06
C VAL D 196 34.19 -16.80 17.72
N ALA D 197 33.67 -16.74 16.51
CA ALA D 197 32.93 -15.58 16.05
C ALA D 197 31.74 -15.99 15.22
N VAL D 198 30.62 -15.30 15.42
CA VAL D 198 29.45 -15.47 14.58
C VAL D 198 29.11 -14.13 13.97
N ALA D 199 29.07 -14.08 12.64
CA ALA D 199 28.60 -12.91 11.92
C ALA D 199 27.09 -12.98 11.76
N MET D 200 26.41 -11.87 12.03
CA MET D 200 24.96 -11.77 11.85
C MET D 200 24.49 -12.18 10.45
N GLN D 201 25.22 -11.79 9.41
CA GLN D 201 24.87 -12.22 8.06
C GLN D 201 24.78 -13.74 7.97
N ASP D 202 25.76 -14.43 8.58
CA ASP D 202 25.88 -15.87 8.48
C ASP D 202 24.84 -16.61 9.31
N ALA D 203 24.49 -16.06 10.48
CA ALA D 203 23.41 -16.60 11.30
C ALA D 203 22.08 -16.52 10.56
N VAL D 204 21.85 -15.40 9.88
CA VAL D 204 20.65 -15.25 9.07
C VAL D 204 20.68 -16.24 7.90
N LEU D 205 21.79 -16.29 7.19
CA LEU D 205 21.91 -17.19 6.01
C LEU D 205 21.70 -18.65 6.38
N ASN D 206 22.18 -19.06 7.54
CA ASN D 206 21.93 -20.40 8.05
C ASN D 206 20.42 -20.68 8.11
N LEU D 207 19.63 -19.76 8.66
CA LEU D 207 18.17 -19.93 8.68
C LEU D 207 17.50 -19.85 7.30
N VAL D 208 18.16 -19.19 6.35
CA VAL D 208 17.64 -19.01 4.99
C VAL D 208 18.19 -20.09 4.02
N ARG D 209 18.75 -21.16 4.58
CA ARG D 209 19.31 -22.27 3.80
C ARG D 209 18.35 -22.78 2.73
N ILE D 210 17.06 -22.90 3.08
CA ILE D 210 16.06 -23.34 2.12
C ILE D 210 15.92 -22.41 0.90
N LYS D 211 16.19 -21.13 1.09
CA LYS D 211 16.10 -20.18 -0.02
C LYS D 211 17.33 -20.29 -0.92
N LEU D 212 18.45 -20.75 -0.36
CA LEU D 212 19.64 -21.05 -1.15
C LEU D 212 19.43 -22.36 -1.93
N ARG D 213 18.75 -23.34 -1.33
CA ARG D 213 18.21 -24.50 -2.07
C ARG D 213 17.41 -24.05 -3.29
N ASP D 214 16.45 -23.15 -3.05
CA ASP D 214 15.58 -22.61 -4.09
C ASP D 214 16.31 -21.85 -5.19
N GLN D 215 17.32 -21.07 -4.82
CA GLN D 215 18.11 -20.35 -5.81
C GLN D 215 18.77 -21.30 -6.81
N GLN D 216 19.35 -22.36 -6.29
CA GLN D 216 19.99 -23.38 -7.14
C GLN D 216 18.97 -24.13 -8.00
N ARG D 217 17.83 -24.50 -7.41
CA ARG D 217 16.74 -25.07 -8.18
C ARG D 217 16.31 -24.14 -9.31
N LEU D 218 16.13 -22.86 -9.01
CA LEU D 218 15.75 -21.87 -10.00
C LEU D 218 16.77 -21.75 -11.14
N GLU D 219 18.05 -21.70 -10.78
CA GLU D 219 19.11 -21.61 -11.79
C GLU D 219 19.18 -22.86 -12.66
N ARG D 220 18.95 -24.02 -12.06
CA ARG D 220 19.00 -25.29 -12.78
C ARG D 220 17.77 -25.59 -13.66
N THR D 221 16.58 -25.18 -13.22
CA THR D 221 15.35 -25.60 -13.88
C THR D 221 14.52 -24.45 -14.46
N GLY D 222 14.82 -23.22 -14.04
CA GLY D 222 14.05 -22.05 -14.46
C GLY D 222 12.68 -21.92 -13.82
N ILE D 223 12.36 -22.78 -12.86
CA ILE D 223 11.05 -22.74 -12.23
C ILE D 223 11.08 -23.25 -10.78
N LEU D 224 10.21 -22.67 -9.95
CA LEU D 224 9.90 -23.19 -8.63
C LEU D 224 8.41 -23.48 -8.61
N ALA D 225 8.06 -24.74 -8.88
CA ALA D 225 6.68 -25.14 -9.14
C ALA D 225 5.73 -24.89 -7.99
N GLU D 226 6.25 -24.91 -6.77
CA GLU D 226 5.43 -24.70 -5.57
C GLU D 226 5.19 -23.23 -5.19
N TYR D 227 5.89 -22.31 -5.87
CA TYR D 227 5.71 -20.87 -5.62
C TYR D 227 4.44 -20.34 -6.30
N PRO D 228 3.81 -19.31 -5.71
CA PRO D 228 2.61 -18.71 -6.31
C PRO D 228 2.80 -18.19 -7.74
N GLN D 229 4.02 -17.77 -8.08
CA GLN D 229 4.32 -17.27 -9.42
C GLN D 229 4.29 -18.38 -10.48
N ALA D 230 4.32 -19.64 -10.04
CA ALA D 230 4.22 -20.79 -10.94
C ALA D 230 2.77 -21.17 -11.29
N GLN D 231 1.78 -20.53 -10.66
CA GLN D 231 0.38 -20.64 -11.09
C GLN D 231 0.13 -19.61 -12.18
N PRO D 232 -0.12 -20.06 -13.43
CA PRO D 232 -0.31 -19.06 -14.49
C PRO D 232 -1.45 -18.09 -14.20
N ASN D 233 -1.18 -16.79 -14.36
CA ASN D 233 -2.16 -15.72 -14.19
C ASN D 233 -2.75 -15.59 -12.77
N PHE D 234 -1.88 -15.69 -11.75
CA PHE D 234 -2.30 -15.45 -10.37
C PHE D 234 -1.58 -14.26 -9.76
N ALA D 235 -0.26 -14.35 -9.70
CA ALA D 235 0.56 -13.27 -9.14
C ALA D 235 0.67 -12.19 -10.21
N PHE D 236 0.39 -10.95 -9.83
CA PHE D 236 0.44 -9.83 -10.75
C PHE D 236 1.44 -8.78 -10.28
N ASP D 237 1.91 -7.95 -11.21
CA ASP D 237 2.99 -7.02 -10.94
C ASP D 237 2.47 -5.62 -10.69
N ARG D 238 3.26 -4.61 -11.09
CA ARG D 238 2.97 -3.23 -10.75
C ARG D 238 1.91 -2.64 -11.67
N ASP D 239 1.95 -3.04 -12.94
CA ASP D 239 0.97 -2.58 -13.94
C ASP D 239 -0.27 -3.49 -14.06
N GLY D 240 -0.27 -4.60 -13.31
CA GLY D 240 -1.42 -5.50 -13.24
C GLY D 240 -1.39 -6.68 -14.20
N ASN D 241 -0.19 -7.07 -14.64
CA ASN D 241 -0.02 -8.21 -15.54
C ASN D 241 0.59 -9.44 -14.86
N PRO D 242 0.28 -10.65 -15.37
CA PRO D 242 0.54 -11.90 -14.64
C PRO D 242 2.02 -12.26 -14.54
N LEU D 243 2.42 -12.73 -13.35
CA LEU D 243 3.81 -13.08 -13.08
C LEU D 243 4.09 -14.53 -13.45
N SER D 244 5.35 -14.80 -13.80
CA SER D 244 5.80 -16.15 -14.10
C SER D 244 7.31 -16.20 -13.93
N PHE D 245 7.85 -17.42 -13.87
CA PHE D 245 9.28 -17.61 -13.73
C PHE D 245 10.07 -17.37 -15.02
N ASP D 246 9.36 -17.09 -16.12
CA ASP D 246 10.00 -16.72 -17.38
C ASP D 246 11.13 -15.72 -17.17
N ASN D 247 10.87 -14.70 -16.34
CA ASN D 247 11.80 -13.59 -16.14
C ASN D 247 12.36 -13.48 -14.71
N ILE D 248 12.17 -14.51 -13.90
CA ILE D 248 12.65 -14.49 -12.51
C ILE D 248 13.94 -15.29 -12.39
N THR D 249 15.03 -14.62 -12.01
CA THR D 249 16.33 -15.26 -11.89
C THR D 249 16.86 -15.36 -10.46
N SER D 250 16.17 -14.72 -9.51
CA SER D 250 16.53 -14.79 -8.08
C SER D 250 15.27 -15.09 -7.28
N VAL D 251 15.41 -15.94 -6.26
CA VAL D 251 14.25 -16.40 -5.49
C VAL D 251 13.37 -15.22 -5.10
N PRO D 252 12.09 -15.25 -5.51
CA PRO D 252 11.21 -14.13 -5.21
C PRO D 252 10.44 -14.34 -3.92
N ARG D 253 9.68 -13.32 -3.52
CA ARG D 253 8.83 -13.39 -2.35
C ARG D 253 7.59 -14.21 -2.71
N GLY D 254 7.21 -15.11 -1.81
CA GLY D 254 6.09 -16.02 -2.07
C GLY D 254 4.88 -15.80 -1.21
N GLY D 255 4.77 -14.61 -0.61
CA GLY D 255 3.63 -14.32 0.24
C GLY D 255 3.63 -15.30 1.39
N ASN D 256 2.49 -15.95 1.61
CA ASN D 256 2.34 -16.91 2.68
C ASN D 256 2.44 -18.38 2.24
N ALA D 257 3.21 -18.63 1.19
CA ALA D 257 3.49 -19.98 0.71
C ALA D 257 4.30 -20.81 1.71
N GLY D 258 4.31 -22.13 1.50
CA GLY D 258 4.80 -23.09 2.50
C GLY D 258 6.27 -23.10 2.86
N GLY D 259 7.12 -22.59 1.98
CA GLY D 259 8.56 -22.61 2.23
C GLY D 259 9.06 -24.03 2.32
N GLY D 260 9.76 -24.35 3.42
CA GLY D 260 10.30 -25.70 3.66
C GLY D 260 9.26 -26.74 4.10
N GLY D 261 8.05 -26.28 4.43
CA GLY D 261 6.90 -27.18 4.62
C GLY D 261 6.17 -27.40 3.31
N GLN D 262 5.13 -28.23 3.35
CA GLN D 262 4.34 -28.53 2.15
C GLN D 262 3.43 -27.33 1.81
N PRO D 263 2.83 -27.32 0.62
CA PRO D 263 2.09 -26.11 0.20
C PRO D 263 1.04 -25.66 1.21
N GLY D 264 1.02 -24.37 1.49
CA GLY D 264 0.08 -23.83 2.49
C GLY D 264 -0.23 -22.38 2.23
N TRP D 265 -1.10 -21.82 3.07
CA TRP D 265 -1.46 -20.42 2.98
C TRP D 265 -2.08 -19.95 4.28
N MET D 266 -2.10 -18.63 4.47
CA MET D 266 -2.66 -18.00 5.66
C MET D 266 -4.11 -17.64 5.41
N LEU D 267 -5.02 -18.33 6.10
CA LEU D 267 -6.46 -18.19 5.83
C LEU D 267 -7.19 -17.40 6.92
N LYS D 268 -7.98 -16.42 6.48
CA LYS D 268 -8.84 -15.62 7.34
C LYS D 268 -9.85 -16.47 8.09
N CYS D 269 -10.05 -16.12 9.36
CA CYS D 269 -11.09 -16.70 10.18
C CYS D 269 -12.03 -15.57 10.62
N LYS D 270 -13.11 -15.93 11.31
CA LYS D 270 -14.10 -14.95 11.78
C LYS D 270 -13.45 -13.81 12.58
N GLY D 271 -13.74 -12.58 12.21
CA GLY D 271 -13.29 -11.39 12.96
C GLY D 271 -12.05 -10.72 12.39
N TRP D 272 -11.53 -11.24 11.29
CA TRP D 272 -10.27 -10.75 10.71
C TRP D 272 -10.27 -9.26 10.39
N GLU D 273 -11.45 -8.71 10.10
CA GLU D 273 -11.57 -7.28 9.78
C GLU D 273 -11.12 -6.40 10.95
N THR D 274 -11.43 -6.84 12.17
CA THR D 274 -11.12 -6.07 13.38
C THR D 274 -10.05 -6.72 14.28
N ASP D 275 -9.71 -7.99 14.00
CA ASP D 275 -8.72 -8.72 14.76
C ASP D 275 -7.64 -9.17 13.77
N ALA D 276 -6.51 -8.45 13.78
CA ALA D 276 -5.42 -8.69 12.84
C ALA D 276 -4.81 -10.08 12.89
N ASP D 277 -5.07 -10.83 13.96
CA ASP D 277 -4.48 -12.16 14.15
C ASP D 277 -5.52 -13.30 14.09
N SER D 278 -6.71 -13.00 13.57
CA SER D 278 -7.74 -14.02 13.41
C SER D 278 -7.50 -14.76 12.09
N TYR D 279 -6.54 -15.68 12.12
CA TYR D 279 -6.09 -16.41 10.94
C TYR D 279 -5.58 -17.77 11.37
N VAL D 280 -5.60 -18.72 10.44
CA VAL D 280 -4.93 -20.00 10.61
C VAL D 280 -4.00 -20.19 9.44
N TYR D 281 -2.95 -20.99 9.63
CA TYR D 281 -2.14 -21.48 8.53
C TYR D 281 -2.63 -22.89 8.19
N PHE D 282 -3.02 -23.08 6.92
CA PHE D 282 -3.64 -24.32 6.47
C PHE D 282 -2.78 -24.91 5.35
N THR D 283 -2.25 -26.10 5.60
CA THR D 283 -1.35 -26.79 4.67
C THR D 283 -2.07 -27.88 3.88
N ILE D 284 -1.98 -27.81 2.56
CA ILE D 284 -2.48 -28.88 1.70
C ILE D 284 -1.33 -29.85 1.46
N ALA D 285 -1.12 -30.75 2.42
CA ALA D 285 -0.18 -31.85 2.25
C ALA D 285 -0.75 -32.81 1.20
N ALA D 286 0.10 -33.32 0.32
CA ALA D 286 -0.35 -34.19 -0.76
C ALA D 286 -1.14 -35.37 -0.23
N ASN D 287 -0.58 -36.04 0.78
CA ASN D 287 -1.04 -37.36 1.19
C ASN D 287 -2.41 -37.31 1.87
N MET D 288 -2.72 -36.17 2.47
CA MET D 288 -3.91 -36.04 3.30
C MET D 288 -5.05 -35.39 2.51
N TRP D 289 -5.03 -35.56 1.19
CA TRP D 289 -5.83 -34.73 0.30
C TRP D 289 -7.30 -35.16 0.33
N PRO D 290 -7.52 -36.45 0.51
CA PRO D 290 -8.88 -36.97 0.74
C PRO D 290 -9.56 -36.38 1.99
N GLN D 291 -8.81 -36.31 3.09
CA GLN D 291 -9.34 -35.74 4.35
C GLN D 291 -9.74 -34.27 4.16
N ILE D 292 -8.98 -33.54 3.34
CA ILE D 292 -9.29 -32.16 3.02
C ILE D 292 -10.56 -32.08 2.16
N CYS D 293 -10.70 -33.05 1.26
CA CYS D 293 -11.92 -33.18 0.44
C CYS D 293 -13.14 -33.53 1.30
N ASP D 294 -12.91 -34.29 2.38
CA ASP D 294 -13.97 -34.61 3.33
C ASP D 294 -14.40 -33.38 4.14
N MET D 295 -13.42 -32.75 4.81
CA MET D 295 -13.68 -31.55 5.62
C MET D 295 -14.39 -30.45 4.83
N ILE D 296 -13.87 -30.19 3.63
CA ILE D 296 -14.37 -29.11 2.78
C ILE D 296 -15.64 -29.53 2.02
N ASP D 297 -15.96 -30.83 2.06
CA ASP D 297 -17.12 -31.39 1.37
C ASP D 297 -17.01 -31.19 -0.14
N LYS D 298 -15.97 -31.80 -0.71
CA LYS D 298 -15.83 -31.91 -2.16
C LYS D 298 -15.15 -33.23 -2.51
N PRO D 299 -15.90 -34.36 -2.38
CA PRO D 299 -15.38 -35.67 -2.81
C PRO D 299 -15.17 -35.79 -4.31
N GLU D 300 -15.72 -34.85 -5.08
CA GLU D 300 -15.48 -34.75 -6.52
C GLU D 300 -13.98 -34.73 -6.81
N TRP D 301 -13.25 -33.92 -6.06
CA TRP D 301 -11.82 -33.72 -6.27
C TRP D 301 -10.94 -34.89 -5.81
N LYS D 302 -11.48 -35.77 -4.97
CA LYS D 302 -10.72 -36.93 -4.46
C LYS D 302 -10.13 -37.78 -5.57
N ASP D 303 -10.89 -37.94 -6.67
CA ASP D 303 -10.49 -38.77 -7.80
C ASP D 303 -10.10 -37.99 -9.06
N ASP D 304 -10.38 -36.69 -9.09
CA ASP D 304 -10.07 -35.85 -10.24
C ASP D 304 -8.56 -35.67 -10.37
N PRO D 305 -7.97 -36.06 -11.52
CA PRO D 305 -6.51 -35.98 -11.69
C PRO D 305 -5.94 -34.56 -11.65
N ALA D 306 -6.75 -33.57 -12.03
CA ALA D 306 -6.33 -32.16 -12.00
C ALA D 306 -6.31 -31.58 -10.57
N TYR D 307 -6.90 -32.31 -9.62
CA TYR D 307 -6.99 -31.85 -8.23
C TYR D 307 -6.23 -32.72 -7.23
N ASN D 308 -6.18 -34.03 -7.45
CA ASN D 308 -5.65 -34.97 -6.44
C ASN D 308 -4.13 -35.18 -6.47
N THR D 309 -3.41 -34.31 -7.18
CA THR D 309 -1.96 -34.38 -7.28
C THR D 309 -1.34 -32.99 -7.19
N PHE D 310 -0.15 -32.91 -6.58
CA PHE D 310 0.59 -31.63 -6.47
C PHE D 310 0.77 -30.98 -7.84
N GLU D 311 1.10 -31.80 -8.83
CA GLU D 311 1.31 -31.34 -10.20
C GLU D 311 0.03 -30.78 -10.83
N GLY D 312 -1.10 -31.38 -10.49
CA GLY D 312 -2.40 -30.94 -11.01
C GLY D 312 -2.86 -29.63 -10.42
N ARG D 313 -2.59 -29.43 -9.13
CA ARG D 313 -3.01 -28.22 -8.41
C ARG D 313 -2.17 -26.99 -8.73
N VAL D 314 -0.94 -27.19 -9.23
CA VAL D 314 0.01 -26.08 -9.50
C VAL D 314 -0.63 -24.86 -10.20
N ASP D 315 -1.59 -25.11 -11.09
CA ASP D 315 -2.26 -24.06 -11.87
C ASP D 315 -3.54 -23.50 -11.23
N LYS D 316 -3.96 -24.06 -10.10
CA LYS D 316 -5.15 -23.57 -9.38
C LYS D 316 -5.09 -23.79 -7.87
N LEU D 317 -3.88 -23.83 -7.31
CA LEU D 317 -3.69 -24.05 -5.87
C LEU D 317 -4.21 -22.87 -5.05
N MET D 318 -4.16 -21.68 -5.63
CA MET D 318 -4.62 -20.47 -4.94
C MET D 318 -6.14 -20.34 -5.00
N ASP D 319 -6.71 -20.84 -6.09
CA ASP D 319 -8.17 -20.87 -6.25
C ASP D 319 -8.79 -21.80 -5.20
N ILE D 320 -8.09 -22.87 -4.87
CA ILE D 320 -8.55 -23.82 -3.85
C ILE D 320 -8.48 -23.21 -2.45
N PHE D 321 -7.37 -22.54 -2.13
CA PHE D 321 -7.21 -21.89 -0.82
C PHE D 321 -8.31 -20.87 -0.57
N SER D 322 -8.66 -20.10 -1.60
CA SER D 322 -9.77 -19.14 -1.54
C SER D 322 -11.08 -19.81 -1.13
N PHE D 323 -11.32 -21.01 -1.64
CA PHE D 323 -12.54 -21.75 -1.34
C PHE D 323 -12.54 -22.34 0.07
N ILE D 324 -11.40 -22.89 0.48
CA ILE D 324 -11.26 -23.41 1.86
C ILE D 324 -11.44 -22.28 2.87
N GLU D 325 -10.94 -21.10 2.53
CA GLU D 325 -11.08 -19.91 3.39
C GLU D 325 -12.55 -19.56 3.66
N THR D 326 -13.41 -19.72 2.65
CA THR D 326 -14.84 -19.41 2.79
C THR D 326 -15.54 -20.29 3.82
N LYS D 327 -15.02 -21.49 4.04
CA LYS D 327 -15.53 -22.41 5.06
C LYS D 327 -15.22 -21.96 6.50
N PHE D 328 -14.28 -21.03 6.66
CA PHE D 328 -13.84 -20.57 7.99
C PHE D 328 -14.50 -19.27 8.44
N ALA D 329 -15.28 -18.64 7.57
CA ALA D 329 -15.80 -17.29 7.82
C ALA D 329 -16.64 -17.17 9.11
N ASP D 330 -17.21 -18.29 9.56
CA ASP D 330 -18.13 -18.32 10.70
C ASP D 330 -17.50 -18.97 11.95
N LYS D 331 -16.20 -19.30 11.86
CA LYS D 331 -15.50 -19.97 12.94
C LYS D 331 -14.26 -19.17 13.34
N ASP D 332 -13.95 -19.15 14.65
CA ASP D 332 -12.73 -18.50 15.11
C ASP D 332 -11.53 -19.42 14.85
N LYS D 333 -10.32 -18.88 14.94
CA LYS D 333 -9.13 -19.63 14.57
C LYS D 333 -8.97 -20.94 15.36
N PHE D 334 -9.44 -20.96 16.60
CA PHE D 334 -9.35 -22.17 17.43
C PHE D 334 -10.41 -23.21 17.04
N GLU D 335 -11.59 -22.75 16.67
CA GLU D 335 -12.66 -23.62 16.16
C GLU D 335 -12.27 -24.23 14.82
N VAL D 336 -11.61 -23.46 13.96
CA VAL D 336 -11.13 -23.97 12.67
C VAL D 336 -10.01 -24.99 12.88
N THR D 337 -9.09 -24.70 13.80
CA THR D 337 -7.99 -25.60 14.13
C THR D 337 -8.52 -26.94 14.67
N GLU D 338 -9.57 -26.87 15.47
CA GLU D 338 -10.21 -28.06 16.02
C GLU D 338 -10.95 -28.83 14.92
N TRP D 339 -11.69 -28.10 14.09
CA TRP D 339 -12.43 -28.69 12.97
C TRP D 339 -11.52 -29.46 12.00
N ALA D 340 -10.31 -28.96 11.77
CA ALA D 340 -9.35 -29.65 10.90
C ALA D 340 -8.67 -30.82 11.60
N ALA D 341 -8.45 -30.68 12.91
CA ALA D 341 -7.66 -31.67 13.68
C ALA D 341 -8.41 -32.99 13.94
N GLN D 342 -9.72 -32.99 13.74
CA GLN D 342 -10.50 -34.23 13.82
C GLN D 342 -10.38 -35.03 12.52
N TYR D 343 -10.11 -34.34 11.42
CA TYR D 343 -9.77 -34.98 10.14
C TYR D 343 -8.27 -35.30 10.04
N GLY D 344 -7.51 -34.95 11.07
CA GLY D 344 -6.05 -35.20 11.09
C GLY D 344 -5.22 -34.17 10.32
N ILE D 345 -5.88 -33.18 9.74
CA ILE D 345 -5.25 -32.22 8.84
C ILE D 345 -4.32 -31.24 9.58
N PRO D 346 -3.14 -30.93 9.00
CA PRO D 346 -2.21 -29.97 9.60
C PRO D 346 -2.70 -28.52 9.48
N CYS D 347 -2.91 -27.87 10.63
CA CYS D 347 -3.48 -26.53 10.67
C CYS D 347 -3.23 -25.93 12.04
N GLY D 348 -2.95 -24.63 12.07
CA GLY D 348 -2.63 -23.96 13.33
C GLY D 348 -3.02 -22.49 13.36
N PRO D 349 -3.35 -21.98 14.56
CA PRO D 349 -3.79 -20.59 14.68
C PRO D 349 -2.60 -19.62 14.69
N VAL D 350 -2.81 -18.42 14.18
CA VAL D 350 -1.88 -17.32 14.40
C VAL D 350 -2.09 -16.84 15.85
N MET D 351 -1.11 -17.08 16.72
CA MET D 351 -1.17 -16.63 18.11
C MET D 351 -0.71 -15.17 18.23
N SER D 352 -1.57 -14.36 18.85
CA SER D 352 -1.26 -12.96 19.12
C SER D 352 -0.29 -12.89 20.30
N MET D 353 0.51 -11.82 20.33
CA MET D 353 1.40 -11.61 21.47
C MET D 353 0.64 -11.51 22.79
N LYS D 354 -0.55 -10.91 22.72
CA LYS D 354 -1.45 -10.84 23.87
C LYS D 354 -1.81 -12.24 24.38
N GLU D 355 -2.17 -13.12 23.45
CA GLU D 355 -2.51 -14.50 23.82
C GLU D 355 -1.30 -15.24 24.40
N LEU D 356 -0.15 -15.12 23.74
CA LEU D 356 1.08 -15.81 24.17
C LEU D 356 1.61 -15.33 25.54
N ALA D 357 1.56 -14.03 25.78
CA ALA D 357 2.00 -13.43 27.04
C ALA D 357 1.27 -14.03 28.25
N HIS D 358 0.00 -14.40 28.06
CA HIS D 358 -0.87 -14.86 29.15
C HIS D 358 -1.36 -16.29 29.01
N ASP D 359 -0.77 -17.04 28.08
CA ASP D 359 -1.11 -18.43 27.89
C ASP D 359 -0.67 -19.29 29.09
N PRO D 360 -1.63 -20.01 29.71
CA PRO D 360 -1.30 -20.90 30.83
C PRO D 360 -0.26 -21.97 30.52
N SER D 361 -0.32 -22.57 29.32
CA SER D 361 0.57 -23.67 28.94
C SER D 361 2.04 -23.22 28.88
N LEU D 362 2.29 -22.08 28.26
CA LEU D 362 3.65 -21.55 28.16
C LEU D 362 4.24 -21.22 29.53
N GLN D 363 3.39 -20.82 30.48
CA GLN D 363 3.85 -20.56 31.83
C GLN D 363 4.06 -21.88 32.61
N LYS D 364 3.22 -22.88 32.37
CA LYS D 364 3.39 -24.20 32.98
C LYS D 364 4.74 -24.85 32.61
N VAL D 365 5.11 -24.76 31.33
CA VAL D 365 6.30 -25.43 30.81
C VAL D 365 7.57 -24.59 30.97
N GLY D 366 7.45 -23.39 31.54
CA GLY D 366 8.59 -22.54 31.86
C GLY D 366 9.17 -21.78 30.68
N THR D 367 8.39 -21.63 29.62
CA THR D 367 8.84 -20.92 28.43
C THR D 367 8.51 -19.44 28.53
N VAL D 368 7.35 -19.10 29.09
CA VAL D 368 7.10 -17.73 29.52
C VAL D 368 7.19 -17.76 31.04
N VAL D 369 8.07 -16.94 31.60
CA VAL D 369 8.34 -16.97 33.04
C VAL D 369 8.10 -15.61 33.69
N GLU D 370 7.42 -15.61 34.84
CA GLU D 370 7.30 -14.39 35.65
C GLU D 370 8.51 -14.24 36.55
N VAL D 371 9.31 -13.21 36.29
CA VAL D 371 10.50 -12.89 37.07
C VAL D 371 10.05 -12.11 38.31
N VAL D 372 10.49 -12.55 39.49
CA VAL D 372 10.23 -11.80 40.72
C VAL D 372 11.29 -10.69 40.84
N ASP D 373 10.88 -9.47 40.52
CA ASP D 373 11.79 -8.33 40.56
C ASP D 373 11.24 -7.39 41.63
N GLU D 374 11.84 -7.46 42.82
CA GLU D 374 11.40 -6.69 43.99
C GLU D 374 11.81 -5.23 43.93
N ILE D 375 12.71 -4.88 43.01
CA ILE D 375 13.13 -3.51 42.82
C ILE D 375 12.19 -2.78 41.86
N ARG D 376 11.97 -3.40 40.69
CA ARG D 376 11.26 -2.75 39.59
C ARG D 376 9.81 -3.18 39.45
N GLY D 377 9.44 -4.27 40.08
CA GLY D 377 8.15 -4.86 39.86
C GLY D 377 8.33 -6.02 38.91
N ASN D 378 7.50 -7.05 39.09
CA ASN D 378 7.63 -8.28 38.31
C ASN D 378 7.42 -8.02 36.82
N HIS D 379 8.03 -8.89 36.02
CA HIS D 379 7.82 -8.87 34.59
C HIS D 379 7.91 -10.27 34.02
N LEU D 380 7.39 -10.40 32.81
CA LEU D 380 7.50 -11.63 32.05
C LEU D 380 8.76 -11.64 31.23
N THR D 381 9.25 -12.85 30.98
CA THR D 381 10.36 -13.06 30.06
C THR D 381 10.19 -14.41 29.37
N VAL D 382 11.00 -14.63 28.35
CA VAL D 382 11.11 -15.96 27.77
C VAL D 382 12.22 -16.69 28.52
N GLY D 383 11.91 -17.91 28.98
CA GLY D 383 12.90 -18.76 29.64
C GLY D 383 13.72 -19.58 28.65
N ALA D 384 14.24 -20.71 29.12
CA ALA D 384 15.03 -21.61 28.27
C ALA D 384 14.09 -22.40 27.37
N PRO D 385 14.31 -22.34 26.04
CA PRO D 385 13.53 -23.13 25.09
C PRO D 385 13.96 -24.60 24.96
N PHE D 386 15.05 -24.97 25.62
CA PHE D 386 15.49 -26.36 25.73
C PHE D 386 15.10 -26.84 27.12
N LYS D 387 14.39 -27.96 27.17
CA LYS D 387 13.94 -28.54 28.42
C LYS D 387 14.74 -29.82 28.69
N PHE D 388 15.26 -29.93 29.91
CA PHE D 388 16.17 -30.99 30.29
C PHE D 388 15.56 -31.84 31.40
N SER D 389 15.91 -33.12 31.40
CA SER D 389 15.42 -34.03 32.45
C SER D 389 16.12 -33.78 33.80
N GLY D 390 17.35 -33.26 33.76
CA GLY D 390 18.16 -33.16 34.97
C GLY D 390 18.07 -31.86 35.75
N PHE D 391 17.50 -30.81 35.15
CA PHE D 391 17.40 -29.52 35.84
C PHE D 391 16.38 -28.57 35.20
N GLN D 392 16.02 -27.55 35.98
CA GLN D 392 15.21 -26.42 35.52
C GLN D 392 16.00 -25.13 35.76
N PRO D 393 15.91 -24.15 34.83
CA PRO D 393 16.50 -22.87 35.14
C PRO D 393 15.82 -22.16 36.32
N GLU D 394 16.61 -21.40 37.06
CA GLU D 394 16.11 -20.52 38.12
C GLU D 394 16.42 -19.09 37.70
N ILE D 395 15.41 -18.43 37.14
CA ILE D 395 15.61 -17.11 36.53
C ILE D 395 15.52 -16.05 37.62
N THR D 396 16.55 -15.20 37.70
CA THR D 396 16.62 -14.15 38.71
C THR D 396 16.74 -12.78 38.06
N ARG D 397 16.23 -11.76 38.74
CA ARG D 397 16.07 -10.43 38.16
C ARG D 397 17.38 -9.80 37.67
N ALA D 398 17.24 -8.84 36.76
CA ALA D 398 18.36 -8.19 36.12
C ALA D 398 19.06 -7.23 37.09
N PRO D 399 20.38 -7.08 36.99
CA PRO D 399 21.11 -6.24 37.96
C PRO D 399 20.94 -4.74 37.74
N LEU D 400 20.94 -3.98 38.84
CA LEU D 400 21.05 -2.53 38.74
C LEU D 400 22.46 -2.18 38.27
N LEU D 401 22.64 -1.03 37.64
CA LEU D 401 23.95 -0.63 37.12
C LEU D 401 24.99 -0.60 38.24
N GLY D 402 26.01 -1.45 38.13
CA GLY D 402 27.09 -1.52 39.10
C GLY D 402 26.65 -2.04 40.46
N GLU D 403 25.55 -2.80 40.49
CA GLU D 403 25.01 -3.32 41.73
C GLU D 403 25.98 -4.28 42.42
N HIS D 404 26.79 -4.98 41.64
CA HIS D 404 27.70 -6.00 42.15
C HIS D 404 29.18 -5.62 42.03
N THR D 405 29.46 -4.34 41.80
CA THR D 405 30.83 -3.88 41.60
C THR D 405 31.74 -4.30 42.77
N ASP D 406 31.32 -3.98 43.99
CA ASP D 406 32.14 -4.26 45.19
C ASP D 406 32.19 -5.75 45.48
N GLU D 407 31.07 -6.44 45.28
CA GLU D 407 30.99 -7.88 45.44
C GLU D 407 31.94 -8.61 44.49
N VAL D 408 32.02 -8.14 43.25
CA VAL D 408 32.91 -8.74 42.25
C VAL D 408 34.37 -8.42 42.54
N LEU D 409 34.65 -7.21 43.02
CA LEU D 409 36.03 -6.79 43.32
C LEU D 409 36.61 -7.54 44.53
N LYS D 410 35.76 -7.81 45.53
CA LYS D 410 36.15 -8.66 46.65
C LYS D 410 36.47 -10.09 46.20
N GLU D 411 35.77 -10.57 45.18
CA GLU D 411 36.05 -11.88 44.59
C GLU D 411 37.41 -11.92 43.88
N LEU D 412 37.92 -10.75 43.49
CA LEU D 412 39.28 -10.62 42.97
C LEU D 412 40.32 -10.42 44.09
N GLY D 413 39.92 -10.65 45.34
CA GLY D 413 40.83 -10.53 46.48
C GLY D 413 41.10 -9.12 46.95
N LEU D 414 40.48 -8.11 46.33
CA LEU D 414 40.74 -6.71 46.69
C LEU D 414 40.12 -6.37 48.04
N ASP D 415 40.85 -5.60 48.84
CA ASP D 415 40.41 -5.21 50.18
C ASP D 415 39.55 -3.95 50.14
N ASP D 416 38.88 -3.67 51.25
CA ASP D 416 37.93 -2.54 51.35
C ASP D 416 38.59 -1.18 51.05
N ALA D 417 39.88 -1.06 51.40
CA ALA D 417 40.64 0.16 51.13
C ALA D 417 40.97 0.31 49.64
N LYS D 418 41.32 -0.80 49.00
CA LYS D 418 41.62 -0.81 47.57
C LYS D 418 40.35 -0.52 46.77
N ILE D 419 39.22 -1.09 47.21
CA ILE D 419 37.92 -0.85 46.60
C ILE D 419 37.52 0.63 46.72
N LYS D 420 37.71 1.19 47.92
CA LYS D 420 37.43 2.62 48.15
C LYS D 420 38.27 3.53 47.26
N GLU D 421 39.53 3.14 47.07
CA GLU D 421 40.45 3.87 46.21
C GLU D 421 39.98 3.89 44.76
N LEU D 422 39.57 2.71 44.27
CA LEU D 422 39.04 2.57 42.91
C LEU D 422 37.80 3.44 42.67
N HIS D 423 36.92 3.52 43.67
CA HIS D 423 35.74 4.40 43.59
C HIS D 423 36.11 5.88 43.55
N ALA D 424 37.00 6.29 44.46
CA ALA D 424 37.49 7.67 44.51
C ALA D 424 38.16 8.07 43.19
N LYS D 425 38.95 7.15 42.64
CA LYS D 425 39.66 7.38 41.38
C LYS D 425 38.73 7.31 40.16
N GLN D 426 37.50 6.84 40.38
CA GLN D 426 36.45 6.76 39.35
C GLN D 426 36.78 5.74 38.25
N VAL D 427 37.38 4.63 38.67
CA VAL D 427 37.62 3.51 37.78
C VAL D 427 36.43 2.53 37.84
N VAL D 428 35.72 2.52 38.97
CA VAL D 428 34.47 1.76 39.12
C VAL D 428 33.38 2.67 39.70
N1 EPE E . -40.69 22.04 -3.43
C2 EPE E . -41.71 22.36 -2.39
C3 EPE E . -41.11 22.52 -1.01
N4 EPE E . -40.33 21.34 -0.70
C5 EPE E . -39.18 21.33 -1.60
C6 EPE E . -39.66 21.07 -3.02
C7 EPE E . -39.98 21.21 0.70
C8 EPE E . -38.74 21.95 1.19
O8 EPE E . -37.60 21.14 0.99
C9 EPE E . -41.29 21.54 -4.68
C10 EPE E . -42.01 22.66 -5.42
S EPE E . -43.03 22.01 -6.78
O1S EPE E . -42.21 21.16 -7.66
O2S EPE E . -43.55 23.14 -7.54
O3S EPE E . -44.11 21.20 -6.24
N1 EPE F . 8.09 -4.79 -7.06
C2 EPE F . 7.26 -3.91 -7.89
C3 EPE F . 7.05 -2.61 -7.16
N4 EPE F . 6.28 -2.82 -5.96
C5 EPE F . 7.00 -3.73 -5.08
C6 EPE F . 7.41 -5.04 -5.77
C7 EPE F . 6.02 -1.55 -5.30
C8 EPE F . 4.96 -1.62 -4.20
O8 EPE F . 5.60 -1.74 -2.96
C9 EPE F . 8.37 -6.06 -7.74
C10 EPE F . 9.53 -5.87 -8.73
S EPE F . 9.61 -7.21 -9.95
O1S EPE F . 9.65 -8.49 -9.24
O2S EPE F . 10.83 -7.05 -10.75
O3S EPE F . 8.45 -7.16 -10.82
#